data_1J0E
#
_entry.id   1J0E
#
_cell.length_a   65.400
_cell.length_b   269.586
_cell.length_c   186.913
_cell.angle_alpha   90.00
_cell.angle_beta   90.00
_cell.angle_gamma   90.00
#
_symmetry.space_group_name_H-M   'C 2 2 21'
#
loop_
_entity.id
_entity.type
_entity.pdbx_description
1 polymer '1-aminocyclopropane-1-carboxylate deaminase'
2 non-polymer '1-AMINOCYCLOPROPANECARBOXYLIC ACID'
3 water water
#
_entity_poly.entity_id   1
_entity_poly.type   'polypeptide(L)'
_entity_poly.pdbx_seq_one_letter_code
;AGVAKFAKYPLTFGPSPISNLNRLSQHLGSKVNVYAKREDCNSGLAFGGN(LLP)LRKLEYIVPDIVEGDYTHLVSIGGR
QSNQTRMVAALAAKLGKKCVLIQEDWVPIPEAEKDVYNRVGNIELSRIMGADVRVIEDGFDIGMRKSFANALQELEDAGH
KPYPIPAGCSEHKYGGLGFVGFADEVINQEVELGIKFDKIVVCCVTGSTTAGILAGMAQYGRQDDVIAIDASFTSEKTKE
QTLRIANNTAKLIGVEHEFKDFTLDTRFAYPCYGVPNEGTIEAIRTCAEQEGVLTDPVFEGKSMQGLIALIKEDYFKPGA
NVLYVHLGGAPALSAYSSFFPTKTA
;
_entity_poly.pdbx_strand_id   A,B,C,D
#
# COMPACT_ATOMS: atom_id res chain seq x y z
N ALA A 1 -28.53 -11.21 19.40
CA ALA A 1 -27.15 -11.61 19.75
C ALA A 1 -27.11 -13.01 20.38
N GLY A 2 -27.95 -13.90 19.85
CA GLY A 2 -28.00 -15.24 20.37
C GLY A 2 -27.10 -16.22 19.64
N VAL A 3 -26.31 -15.71 18.69
CA VAL A 3 -25.40 -16.56 17.93
C VAL A 3 -24.07 -16.79 18.64
N ALA A 4 -23.65 -15.81 19.46
CA ALA A 4 -22.39 -15.91 20.20
C ALA A 4 -22.48 -16.98 21.29
N LYS A 5 -23.69 -17.42 21.59
CA LYS A 5 -23.91 -18.42 22.61
C LYS A 5 -23.42 -19.79 22.17
N PHE A 6 -23.40 -20.03 20.87
CA PHE A 6 -22.96 -21.32 20.36
C PHE A 6 -21.47 -21.40 20.07
N ALA A 7 -20.89 -22.57 20.30
CA ALA A 7 -19.47 -22.80 20.06
C ALA A 7 -19.15 -22.68 18.59
N LYS A 8 -17.95 -22.19 18.28
CA LYS A 8 -17.53 -22.01 16.89
C LYS A 8 -16.08 -22.46 16.67
N TYR A 9 -15.87 -23.30 15.66
CA TYR A 9 -14.54 -23.80 15.33
C TYR A 9 -14.00 -23.14 14.04
N PRO A 10 -12.84 -22.47 14.14
CA PRO A 10 -12.19 -21.79 13.01
C PRO A 10 -11.87 -22.65 11.79
N LEU A 11 -12.51 -22.36 10.67
CA LEU A 11 -12.29 -23.10 9.43
C LEU A 11 -11.93 -22.12 8.31
N THR A 12 -12.30 -20.86 8.51
CA THR A 12 -12.05 -19.80 7.55
C THR A 12 -10.99 -18.85 8.03
N PHE A 13 -10.64 -17.87 7.20
CA PHE A 13 -9.63 -16.87 7.54
C PHE A 13 -10.18 -15.72 8.37
N GLY A 14 -11.49 -15.69 8.57
CA GLY A 14 -12.10 -14.63 9.34
C GLY A 14 -13.25 -14.02 8.56
N PRO A 15 -13.61 -12.75 8.85
CA PRO A 15 -14.72 -12.12 8.13
C PRO A 15 -14.44 -12.05 6.63
N SER A 16 -15.29 -12.69 5.84
CA SER A 16 -15.14 -12.71 4.40
C SER A 16 -15.11 -11.29 3.85
N PRO A 17 -14.22 -11.03 2.88
CA PRO A 17 -14.08 -9.71 2.26
C PRO A 17 -15.21 -9.33 1.28
N ILE A 18 -15.39 -8.03 1.07
CA ILE A 18 -16.42 -7.54 0.17
C ILE A 18 -15.76 -6.83 -1.01
N SER A 19 -16.03 -7.33 -2.22
CA SER A 19 -15.46 -6.74 -3.44
C SER A 19 -16.41 -5.69 -4.04
N ASN A 20 -15.85 -4.60 -4.54
CA ASN A 20 -16.67 -3.56 -5.16
C ASN A 20 -16.67 -3.75 -6.66
N LEU A 21 -17.66 -4.48 -7.17
CA LEU A 21 -17.80 -4.75 -8.59
C LEU A 21 -18.32 -3.50 -9.29
N ASN A 22 -17.54 -2.43 -9.19
CA ASN A 22 -17.87 -1.14 -9.77
C ASN A 22 -17.88 -1.15 -11.29
N ARG A 23 -17.04 -1.97 -11.90
CA ARG A 23 -16.98 -2.05 -13.35
C ARG A 23 -18.24 -2.73 -13.91
N LEU A 24 -18.64 -3.83 -13.29
CA LEU A 24 -19.83 -4.54 -13.73
C LEU A 24 -21.03 -3.62 -13.55
N SER A 25 -20.95 -2.75 -12.55
CA SER A 25 -22.03 -1.82 -12.27
C SER A 25 -22.15 -0.80 -13.40
N GLN A 26 -21.02 -0.35 -13.91
CA GLN A 26 -21.02 0.62 -15.01
C GLN A 26 -21.60 -0.06 -16.25
N HIS A 27 -21.12 -1.28 -16.51
CA HIS A 27 -21.55 -2.06 -17.66
C HIS A 27 -23.07 -2.20 -17.71
N LEU A 28 -23.66 -2.49 -16.56
CA LEU A 28 -25.10 -2.67 -16.47
C LEU A 28 -25.90 -1.38 -16.39
N GLY A 29 -25.35 -0.30 -16.95
CA GLY A 29 -26.05 0.98 -16.96
C GLY A 29 -25.92 1.90 -15.78
N SER A 30 -25.20 1.49 -14.74
CA SER A 30 -25.02 2.32 -13.56
C SER A 30 -26.32 2.50 -12.79
N LYS A 31 -27.18 1.49 -12.82
CA LYS A 31 -28.45 1.55 -12.11
C LYS A 31 -28.23 1.43 -10.61
N VAL A 32 -27.37 0.50 -10.22
CA VAL A 32 -27.06 0.27 -8.81
C VAL A 32 -25.58 -0.01 -8.62
N ASN A 33 -25.12 0.08 -7.38
CA ASN A 33 -23.73 -0.18 -7.03
C ASN A 33 -23.65 -1.59 -6.49
N VAL A 34 -23.10 -2.50 -7.28
CA VAL A 34 -22.99 -3.89 -6.88
C VAL A 34 -21.72 -4.24 -6.11
N TYR A 35 -21.90 -4.98 -5.02
CA TYR A 35 -20.79 -5.43 -4.20
C TYR A 35 -20.92 -6.93 -4.08
N ALA A 36 -19.93 -7.60 -3.51
CA ALA A 36 -20.01 -9.05 -3.36
C ALA A 36 -19.20 -9.63 -2.20
N LYS A 37 -19.90 -10.11 -1.17
CA LYS A 37 -19.23 -10.71 -0.03
C LYS A 37 -18.68 -12.04 -0.55
N ARG A 38 -17.35 -12.16 -0.52
CA ARG A 38 -16.66 -13.33 -1.06
C ARG A 38 -16.53 -14.56 -0.17
N GLU A 39 -17.59 -15.36 -0.10
CA GLU A 39 -17.55 -16.58 0.69
C GLU A 39 -16.71 -17.60 -0.08
N ASP A 40 -16.41 -17.28 -1.32
CA ASP A 40 -15.63 -18.15 -2.19
C ASP A 40 -14.12 -18.03 -1.93
N CYS A 41 -13.75 -17.06 -1.09
CA CYS A 41 -12.36 -16.81 -0.73
C CYS A 41 -12.26 -16.76 0.79
N ASN A 42 -13.00 -17.65 1.45
CA ASN A 42 -13.06 -17.68 2.90
C ASN A 42 -12.11 -18.64 3.62
N SER A 43 -11.59 -19.64 2.91
CA SER A 43 -10.72 -20.60 3.55
C SER A 43 -9.60 -21.13 2.67
N GLY A 44 -8.68 -21.85 3.32
CA GLY A 44 -7.57 -22.45 2.62
C GLY A 44 -7.84 -23.93 2.48
N LEU A 45 -9.05 -24.34 2.87
CA LEU A 45 -9.48 -25.73 2.77
C LEU A 45 -10.14 -26.04 1.43
N ALA A 46 -9.33 -26.50 0.47
CA ALA A 46 -9.79 -26.87 -0.86
C ALA A 46 -10.71 -25.86 -1.55
N PHE A 47 -10.26 -24.61 -1.67
CA PHE A 47 -11.03 -23.54 -2.32
C PHE A 47 -12.12 -22.88 -1.47
N GLY A 48 -12.43 -23.45 -0.31
CA GLY A 48 -13.44 -22.86 0.57
C GLY A 48 -14.85 -22.78 0.02
N GLY A 49 -15.67 -21.92 0.64
CA GLY A 49 -17.05 -21.78 0.21
C GLY A 49 -18.00 -21.65 1.39
N ASN A 50 -19.28 -21.44 1.10
CA ASN A 50 -20.31 -21.28 2.13
C ASN A 50 -20.45 -22.43 3.12
N LEU A 52 -18.44 -24.26 4.44
CA LEU A 52 -17.45 -24.15 5.50
C LEU A 52 -17.91 -23.23 6.63
N ARG A 53 -18.56 -22.11 6.28
CA ARG A 53 -19.04 -21.19 7.29
C ARG A 53 -20.07 -21.93 8.15
N LYS A 54 -20.90 -22.73 7.50
CA LYS A 54 -21.91 -23.51 8.22
C LYS A 54 -21.23 -24.52 9.11
N LEU A 55 -20.28 -25.25 8.51
CA LEU A 55 -19.55 -26.29 9.23
C LEU A 55 -18.85 -25.82 10.49
N GLU A 56 -18.50 -24.55 10.55
CA GLU A 56 -17.82 -24.04 11.74
C GLU A 56 -18.61 -24.28 13.03
N TYR A 57 -19.93 -24.15 12.98
CA TYR A 57 -20.75 -24.38 14.16
C TYR A 57 -21.18 -25.83 14.37
N ILE A 58 -20.66 -26.72 13.53
CA ILE A 58 -20.99 -28.13 13.63
C ILE A 58 -19.78 -28.95 14.07
N VAL A 59 -18.59 -28.45 13.77
CA VAL A 59 -17.37 -29.14 14.14
C VAL A 59 -17.22 -29.34 15.65
N PRO A 60 -17.61 -28.34 16.45
CA PRO A 60 -17.49 -28.49 17.91
C PRO A 60 -18.09 -29.80 18.42
N ASP A 61 -19.28 -30.12 17.93
CA ASP A 61 -19.97 -31.35 18.33
C ASP A 61 -19.20 -32.60 17.91
N ILE A 62 -18.52 -32.53 16.78
CA ILE A 62 -17.74 -33.66 16.27
C ILE A 62 -16.57 -33.99 17.18
N VAL A 63 -15.88 -32.96 17.64
CA VAL A 63 -14.71 -33.15 18.50
C VAL A 63 -15.11 -33.43 19.95
N GLU A 64 -16.24 -32.87 20.38
CA GLU A 64 -16.72 -33.08 21.74
C GLU A 64 -16.93 -34.57 22.00
N GLY A 65 -17.82 -35.18 21.21
CA GLY A 65 -18.11 -36.59 21.36
C GLY A 65 -17.01 -37.45 20.78
N ASP A 66 -17.36 -38.66 20.36
CA ASP A 66 -16.37 -39.57 19.81
C ASP A 66 -16.82 -40.17 18.48
N TYR A 67 -16.56 -39.46 17.39
CA TYR A 67 -16.95 -39.93 16.08
C TYR A 67 -15.72 -40.28 15.27
N THR A 68 -15.84 -41.32 14.44
CA THR A 68 -14.74 -41.78 13.63
C THR A 68 -14.90 -41.40 12.17
N HIS A 69 -16.15 -41.36 11.70
CA HIS A 69 -16.43 -41.05 10.31
C HIS A 69 -17.32 -39.83 10.11
N LEU A 70 -17.04 -39.09 9.04
CA LEU A 70 -17.83 -37.94 8.68
C LEU A 70 -18.46 -38.31 7.34
N VAL A 71 -19.78 -38.42 7.32
CA VAL A 71 -20.46 -38.78 6.10
C VAL A 71 -21.47 -37.73 5.71
N SER A 72 -21.39 -37.29 4.46
CA SER A 72 -22.30 -36.29 3.92
C SER A 72 -22.85 -36.80 2.59
N ILE A 73 -23.65 -35.96 1.93
CA ILE A 73 -24.26 -36.37 0.69
C ILE A 73 -24.53 -35.19 -0.24
N GLY A 74 -24.53 -35.46 -1.54
CA GLY A 74 -24.77 -34.41 -2.51
C GLY A 74 -24.66 -34.94 -3.94
N GLY A 75 -24.88 -34.05 -4.91
CA GLY A 75 -24.78 -34.45 -6.29
C GLY A 75 -23.37 -34.87 -6.65
N ARG A 76 -23.16 -35.27 -7.89
CA ARG A 76 -21.84 -35.70 -8.36
C ARG A 76 -20.81 -34.58 -8.19
N GLN A 77 -21.18 -33.37 -8.63
CA GLN A 77 -20.30 -32.22 -8.53
C GLN A 77 -20.64 -31.36 -7.32
N SER A 78 -20.96 -32.01 -6.21
CA SER A 78 -21.32 -31.32 -4.99
C SER A 78 -20.14 -30.60 -4.34
N ASN A 79 -20.39 -29.41 -3.82
CA ASN A 79 -19.36 -28.63 -3.14
C ASN A 79 -19.34 -29.12 -1.70
N GLN A 80 -20.54 -29.32 -1.15
CA GLN A 80 -20.73 -29.80 0.21
C GLN A 80 -19.83 -30.99 0.48
N THR A 81 -19.91 -31.99 -0.38
CA THR A 81 -19.10 -33.20 -0.22
C THR A 81 -17.60 -32.90 -0.28
N ARG A 82 -17.22 -31.98 -1.17
CA ARG A 82 -15.82 -31.60 -1.34
C ARG A 82 -15.26 -30.95 -0.07
N MET A 83 -16.05 -30.09 0.54
CA MET A 83 -15.62 -29.43 1.77
C MET A 83 -15.66 -30.36 2.97
N VAL A 84 -16.69 -31.19 3.06
CA VAL A 84 -16.78 -32.15 4.17
C VAL A 84 -15.55 -33.04 4.16
N ALA A 85 -15.08 -33.37 2.96
CA ALA A 85 -13.90 -34.21 2.79
C ALA A 85 -12.67 -33.47 3.30
N ALA A 86 -12.61 -32.17 3.04
CA ALA A 86 -11.48 -31.37 3.49
C ALA A 86 -11.53 -31.26 5.01
N LEU A 87 -12.74 -31.14 5.55
CA LEU A 87 -12.90 -31.03 6.98
C LEU A 87 -12.42 -32.34 7.59
N ALA A 88 -12.88 -33.46 7.03
CA ALA A 88 -12.49 -34.77 7.50
C ALA A 88 -10.97 -34.85 7.53
N ALA A 89 -10.34 -34.35 6.48
CA ALA A 89 -8.89 -34.35 6.38
C ALA A 89 -8.32 -33.61 7.58
N LYS A 90 -8.83 -32.41 7.83
CA LYS A 90 -8.36 -31.58 8.94
C LYS A 90 -8.62 -32.15 10.33
N LEU A 91 -9.86 -32.52 10.61
CA LEU A 91 -10.21 -33.07 11.92
C LEU A 91 -9.57 -34.42 12.18
N GLY A 92 -8.92 -34.99 11.17
CA GLY A 92 -8.29 -36.29 11.35
C GLY A 92 -9.30 -37.43 11.40
N LYS A 93 -10.51 -37.17 10.91
CA LYS A 93 -11.55 -38.18 10.90
C LYS A 93 -11.62 -38.76 9.49
N LYS A 94 -12.29 -39.91 9.36
CA LYS A 94 -12.43 -40.57 8.06
C LYS A 94 -13.71 -40.10 7.35
N CYS A 95 -13.68 -40.11 6.03
CA CYS A 95 -14.82 -39.64 5.25
C CYS A 95 -15.42 -40.64 4.26
N VAL A 96 -16.73 -40.50 4.06
CA VAL A 96 -17.49 -41.32 3.13
C VAL A 96 -18.51 -40.37 2.51
N LEU A 97 -18.39 -40.16 1.20
CA LEU A 97 -19.29 -39.27 0.50
C LEU A 97 -20.21 -39.97 -0.49
N ILE A 98 -21.48 -39.60 -0.46
CA ILE A 98 -22.48 -40.16 -1.35
C ILE A 98 -22.74 -39.16 -2.46
N GLN A 99 -22.34 -39.51 -3.67
CA GLN A 99 -22.52 -38.63 -4.82
C GLN A 99 -23.71 -39.11 -5.68
N GLU A 100 -24.91 -38.71 -5.29
CA GLU A 100 -26.11 -39.10 -6.03
C GLU A 100 -26.15 -38.40 -7.37
N ASP A 101 -27.02 -38.87 -8.25
CA ASP A 101 -27.15 -38.27 -9.57
C ASP A 101 -28.35 -37.33 -9.57
N TRP A 102 -28.09 -36.05 -9.27
CA TRP A 102 -29.14 -35.04 -9.23
C TRP A 102 -29.17 -34.24 -10.51
N VAL A 103 -28.17 -34.41 -11.34
CA VAL A 103 -28.10 -33.66 -12.59
C VAL A 103 -28.03 -34.53 -13.84
N PRO A 104 -28.84 -34.18 -14.85
CA PRO A 104 -28.87 -34.92 -16.12
C PRO A 104 -27.58 -34.57 -16.87
N ILE A 105 -26.49 -35.26 -16.56
CA ILE A 105 -25.19 -35.01 -17.18
C ILE A 105 -25.29 -34.68 -18.67
N PRO A 106 -24.95 -33.43 -19.04
CA PRO A 106 -25.00 -33.01 -20.45
C PRO A 106 -24.25 -34.00 -21.33
N GLU A 107 -24.86 -34.36 -22.46
CA GLU A 107 -24.26 -35.30 -23.40
C GLU A 107 -22.84 -34.94 -23.79
N ALA A 108 -22.50 -33.67 -23.70
CA ALA A 108 -21.16 -33.22 -24.05
C ALA A 108 -20.15 -33.38 -22.92
N GLU A 109 -20.63 -33.39 -21.67
CA GLU A 109 -19.76 -33.51 -20.50
C GLU A 109 -19.79 -34.88 -19.82
N LYS A 110 -20.39 -35.87 -20.49
CA LYS A 110 -20.51 -37.20 -19.91
C LYS A 110 -19.22 -37.90 -19.49
N ASP A 111 -18.13 -37.64 -20.21
CA ASP A 111 -16.85 -38.26 -19.89
C ASP A 111 -16.01 -37.41 -18.95
N VAL A 112 -16.66 -36.53 -18.21
CA VAL A 112 -15.96 -35.64 -17.30
C VAL A 112 -16.68 -35.50 -15.96
N TYR A 113 -17.98 -35.28 -16.03
CA TYR A 113 -18.82 -35.09 -14.85
C TYR A 113 -18.52 -35.93 -13.61
N ASN A 114 -17.94 -37.12 -13.78
CA ASN A 114 -17.66 -37.97 -12.63
C ASN A 114 -16.18 -38.24 -12.37
N ARG A 115 -15.32 -37.46 -13.01
CA ARG A 115 -13.88 -37.63 -12.83
C ARG A 115 -13.15 -36.32 -12.57
N VAL A 116 -13.75 -35.21 -13.03
CA VAL A 116 -13.19 -33.88 -12.88
C VAL A 116 -13.88 -33.08 -11.77
N GLY A 117 -13.41 -31.85 -11.56
CA GLY A 117 -14.00 -30.98 -10.56
C GLY A 117 -14.02 -31.44 -9.11
N ASN A 118 -15.06 -31.03 -8.41
CA ASN A 118 -15.26 -31.35 -7.01
C ASN A 118 -15.06 -32.81 -6.64
N ILE A 119 -15.61 -33.72 -7.44
CA ILE A 119 -15.47 -35.13 -7.14
C ILE A 119 -14.01 -35.58 -7.17
N GLU A 120 -13.23 -34.99 -8.06
CA GLU A 120 -11.81 -35.35 -8.16
C GLU A 120 -11.11 -34.94 -6.88
N LEU A 121 -11.36 -33.71 -6.45
CA LEU A 121 -10.76 -33.17 -5.25
C LEU A 121 -11.06 -34.00 -4.01
N SER A 122 -12.31 -34.43 -3.86
CA SER A 122 -12.70 -35.25 -2.72
C SER A 122 -11.86 -36.51 -2.66
N ARG A 123 -11.72 -37.16 -3.81
CA ARG A 123 -10.93 -38.39 -3.90
C ARG A 123 -9.47 -38.17 -3.51
N ILE A 124 -8.91 -37.05 -3.93
CA ILE A 124 -7.53 -36.72 -3.62
C ILE A 124 -7.34 -36.56 -2.11
N MET A 125 -8.36 -36.04 -1.45
CA MET A 125 -8.31 -35.85 -0.01
C MET A 125 -8.62 -37.15 0.71
N GLY A 126 -8.58 -38.25 -0.05
CA GLY A 126 -8.83 -39.56 0.52
C GLY A 126 -10.26 -39.83 0.96
N ALA A 127 -11.20 -39.10 0.39
CA ALA A 127 -12.61 -39.29 0.74
C ALA A 127 -13.13 -40.56 0.11
N ASP A 128 -13.90 -41.34 0.87
CA ASP A 128 -14.48 -42.57 0.36
C ASP A 128 -15.70 -42.17 -0.45
N VAL A 129 -15.51 -42.06 -1.76
CA VAL A 129 -16.59 -41.65 -2.66
C VAL A 129 -17.48 -42.81 -3.06
N ARG A 130 -18.75 -42.51 -3.29
CA ARG A 130 -19.72 -43.52 -3.68
C ARG A 130 -20.72 -42.89 -4.65
N VAL A 131 -20.63 -43.29 -5.90
CA VAL A 131 -21.50 -42.79 -6.94
C VAL A 131 -22.78 -43.62 -7.00
N ILE A 132 -23.86 -43.09 -6.43
CA ILE A 132 -25.13 -43.77 -6.42
C ILE A 132 -26.07 -43.12 -7.43
N GLU A 133 -27.06 -43.87 -7.92
CA GLU A 133 -27.98 -43.36 -8.94
C GLU A 133 -29.24 -42.63 -8.47
N ASP A 134 -29.41 -42.49 -7.16
CA ASP A 134 -30.60 -41.81 -6.64
C ASP A 134 -30.76 -40.41 -7.27
N GLY A 135 -32.01 -40.00 -7.48
CA GLY A 135 -32.29 -38.72 -8.08
C GLY A 135 -32.17 -37.51 -7.17
N PHE A 136 -32.49 -36.34 -7.71
CA PHE A 136 -32.42 -35.08 -6.97
C PHE A 136 -33.49 -34.91 -5.89
N ASP A 137 -33.06 -34.46 -4.71
CA ASP A 137 -33.95 -34.22 -3.59
C ASP A 137 -33.20 -33.60 -2.41
N ILE A 138 -33.52 -32.34 -2.11
CA ILE A 138 -32.87 -31.63 -1.01
C ILE A 138 -33.18 -32.26 0.35
N GLY A 139 -34.33 -32.92 0.45
CA GLY A 139 -34.71 -33.54 1.70
C GLY A 139 -33.81 -34.71 2.07
N MET A 140 -34.05 -35.32 3.23
CA MET A 140 -33.25 -36.45 3.67
C MET A 140 -33.30 -37.55 2.63
N ARG A 141 -32.27 -38.39 2.60
CA ARG A 141 -32.21 -39.48 1.61
C ARG A 141 -31.96 -40.86 2.22
N LYS A 142 -32.42 -41.89 1.50
CA LYS A 142 -32.27 -43.29 1.92
C LYS A 142 -30.81 -43.74 1.91
N SER A 143 -30.13 -43.49 0.80
CA SER A 143 -28.73 -43.88 0.67
C SER A 143 -27.95 -43.38 1.88
N PHE A 144 -28.29 -42.18 2.31
CA PHE A 144 -27.66 -41.56 3.47
C PHE A 144 -27.77 -42.51 4.67
N ALA A 145 -28.98 -42.70 5.16
CA ALA A 145 -29.24 -43.58 6.30
C ALA A 145 -28.57 -44.95 6.17
N ASN A 146 -28.63 -45.54 4.97
CA ASN A 146 -28.02 -46.85 4.74
C ASN A 146 -26.53 -46.82 5.07
N ALA A 147 -25.87 -45.72 4.71
CA ALA A 147 -24.44 -45.57 4.97
C ALA A 147 -24.16 -45.46 6.45
N LEU A 148 -24.99 -44.70 7.17
CA LEU A 148 -24.81 -44.53 8.60
C LEU A 148 -24.92 -45.88 9.30
N GLN A 149 -25.97 -46.62 8.98
CA GLN A 149 -26.20 -47.93 9.57
C GLN A 149 -25.07 -48.87 9.19
N GLU A 150 -24.70 -48.89 7.91
CA GLU A 150 -23.62 -49.75 7.44
C GLU A 150 -22.39 -49.55 8.31
N LEU A 151 -21.84 -48.34 8.26
CA LEU A 151 -20.66 -47.98 9.04
C LEU A 151 -20.87 -48.34 10.50
N GLU A 152 -22.00 -47.91 11.05
CA GLU A 152 -22.33 -48.17 12.45
C GLU A 152 -22.33 -49.68 12.73
N ASP A 153 -22.71 -50.46 11.73
CA ASP A 153 -22.73 -51.91 11.88
C ASP A 153 -21.33 -52.48 11.75
N ALA A 154 -20.49 -51.80 10.99
CA ALA A 154 -19.11 -52.23 10.81
C ALA A 154 -18.37 -52.02 12.13
N GLY A 155 -19.03 -51.34 13.06
CA GLY A 155 -18.45 -51.07 14.37
C GLY A 155 -17.83 -49.69 14.47
N HIS A 156 -18.33 -48.76 13.65
CA HIS A 156 -17.81 -47.40 13.65
C HIS A 156 -18.78 -46.42 14.30
N LYS A 157 -18.38 -45.16 14.36
CA LYS A 157 -19.19 -44.10 14.96
C LYS A 157 -19.33 -42.92 13.99
N PRO A 158 -20.21 -43.05 12.99
CA PRO A 158 -20.46 -42.02 11.98
C PRO A 158 -21.05 -40.73 12.53
N TYR A 159 -20.96 -39.66 11.74
CA TYR A 159 -21.51 -38.36 12.10
C TYR A 159 -22.30 -37.85 10.90
N PRO A 160 -23.63 -37.79 11.03
CA PRO A 160 -24.55 -37.33 9.99
C PRO A 160 -24.47 -35.86 9.58
N ILE A 161 -24.14 -35.63 8.31
CA ILE A 161 -24.05 -34.27 7.78
C ILE A 161 -24.89 -34.21 6.50
N PRO A 162 -26.16 -33.81 6.63
CA PRO A 162 -27.12 -33.69 5.52
C PRO A 162 -26.65 -32.79 4.39
N ALA A 163 -27.36 -32.86 3.26
CA ALA A 163 -27.04 -32.07 2.08
C ALA A 163 -26.96 -30.58 2.39
N GLY A 164 -25.74 -30.06 2.36
CA GLY A 164 -25.55 -28.64 2.62
C GLY A 164 -25.66 -28.25 4.09
N CYS A 165 -25.68 -29.23 4.98
CA CYS A 165 -25.79 -28.96 6.41
C CYS A 165 -27.11 -28.29 6.74
N SER A 166 -27.91 -28.01 5.72
CA SER A 166 -29.19 -27.32 5.90
C SER A 166 -30.13 -27.91 6.95
N GLU A 167 -30.42 -29.21 6.86
CA GLU A 167 -31.31 -29.84 7.82
C GLU A 167 -30.63 -30.27 9.11
N HIS A 168 -29.41 -29.78 9.33
CA HIS A 168 -28.68 -30.11 10.55
C HIS A 168 -29.18 -29.15 11.63
N LYS A 169 -29.19 -29.60 12.87
CA LYS A 169 -29.66 -28.80 13.99
C LYS A 169 -29.09 -27.39 14.04
N TYR A 170 -27.78 -27.27 13.85
CA TYR A 170 -27.12 -25.97 13.89
C TYR A 170 -26.80 -25.45 12.49
N GLY A 171 -27.23 -26.18 11.47
CA GLY A 171 -26.97 -25.79 10.08
C GLY A 171 -27.32 -24.37 9.69
N GLY A 172 -28.09 -23.68 10.52
CA GLY A 172 -28.48 -22.32 10.19
C GLY A 172 -27.71 -21.24 10.93
N LEU A 173 -27.04 -21.63 12.01
CA LEU A 173 -26.26 -20.69 12.81
C LEU A 173 -25.18 -20.05 11.95
N GLY A 174 -24.58 -20.86 11.09
CA GLY A 174 -23.52 -20.39 10.21
C GLY A 174 -23.74 -19.01 9.63
N PHE A 175 -24.81 -18.86 8.84
CA PHE A 175 -25.06 -17.57 8.23
C PHE A 175 -25.75 -16.53 9.10
N VAL A 176 -26.06 -16.90 10.32
CA VAL A 176 -26.66 -15.94 11.24
C VAL A 176 -25.47 -14.99 11.50
N GLY A 177 -24.30 -15.59 11.68
CA GLY A 177 -23.10 -14.82 11.91
C GLY A 177 -22.79 -13.96 10.71
N PHE A 178 -23.09 -14.49 9.52
CA PHE A 178 -22.87 -13.77 8.27
C PHE A 178 -23.58 -12.42 8.36
N ALA A 179 -24.82 -12.45 8.83
CA ALA A 179 -25.60 -11.23 8.98
C ALA A 179 -24.81 -10.26 9.83
N ASP A 180 -24.34 -10.73 10.99
CA ASP A 180 -23.56 -9.89 11.89
C ASP A 180 -22.41 -9.22 11.15
N GLU A 181 -21.63 -10.01 10.42
CA GLU A 181 -20.50 -9.48 9.65
C GLU A 181 -20.96 -8.34 8.75
N VAL A 182 -22.06 -8.58 8.03
CA VAL A 182 -22.62 -7.60 7.11
C VAL A 182 -22.90 -6.25 7.78
N ILE A 183 -23.60 -6.28 8.91
CA ILE A 183 -23.90 -5.06 9.63
C ILE A 183 -22.60 -4.36 10.00
N ASN A 184 -21.65 -5.11 10.54
CA ASN A 184 -20.37 -4.55 10.92
C ASN A 184 -19.66 -3.96 9.71
N GLN A 185 -19.58 -4.74 8.64
CA GLN A 185 -18.91 -4.29 7.43
C GLN A 185 -19.55 -3.05 6.81
N GLU A 186 -20.86 -2.90 6.98
CA GLU A 186 -21.53 -1.72 6.44
C GLU A 186 -20.90 -0.54 7.15
N VAL A 187 -20.75 -0.70 8.46
CA VAL A 187 -20.13 0.34 9.27
C VAL A 187 -18.76 0.65 8.73
N GLU A 188 -17.87 -0.34 8.67
CA GLU A 188 -16.52 -0.09 8.19
C GLU A 188 -16.47 0.41 6.73
N LEU A 189 -17.58 0.35 6.02
CA LEU A 189 -17.62 0.83 4.64
C LEU A 189 -18.21 2.23 4.54
N GLY A 190 -18.97 2.63 5.55
CA GLY A 190 -19.59 3.95 5.55
C GLY A 190 -20.78 4.02 4.62
N ILE A 191 -21.34 2.84 4.31
CA ILE A 191 -22.50 2.74 3.44
C ILE A 191 -23.41 1.64 3.95
N LYS A 192 -24.67 1.66 3.51
CA LYS A 192 -25.61 0.65 3.93
C LYS A 192 -26.12 -0.07 2.70
N PHE A 193 -26.20 -1.40 2.79
CA PHE A 193 -26.69 -2.21 1.69
C PHE A 193 -28.20 -2.23 1.69
N ASP A 194 -28.79 -1.96 0.54
CA ASP A 194 -30.24 -1.94 0.40
C ASP A 194 -30.85 -3.32 0.16
N LYS A 195 -30.07 -4.23 -0.40
CA LYS A 195 -30.55 -5.58 -0.65
C LYS A 195 -29.41 -6.59 -0.64
N ILE A 196 -29.76 -7.85 -0.42
CA ILE A 196 -28.78 -8.94 -0.40
C ILE A 196 -29.30 -10.05 -1.30
N VAL A 197 -28.57 -10.33 -2.38
CA VAL A 197 -28.97 -11.38 -3.30
C VAL A 197 -28.14 -12.64 -3.07
N VAL A 198 -28.81 -13.77 -2.90
CA VAL A 198 -28.09 -15.00 -2.65
C VAL A 198 -28.76 -16.24 -3.26
N CYS A 199 -27.95 -17.08 -3.90
CA CYS A 199 -28.47 -18.31 -4.49
C CYS A 199 -29.15 -19.11 -3.40
N CYS A 200 -30.04 -20.01 -3.78
CA CYS A 200 -30.75 -20.83 -2.79
C CYS A 200 -31.13 -22.20 -3.34
N VAL A 201 -30.77 -23.24 -2.61
CA VAL A 201 -31.09 -24.60 -3.02
C VAL A 201 -31.56 -25.48 -1.86
N THR A 202 -30.64 -25.89 -0.98
CA THR A 202 -31.05 -26.74 0.14
C THR A 202 -31.59 -25.96 1.35
N GLY A 203 -31.38 -24.64 1.39
CA GLY A 203 -31.93 -23.86 2.50
C GLY A 203 -31.17 -23.04 3.52
N SER A 204 -30.46 -23.69 4.44
CA SER A 204 -29.75 -23.01 5.53
C SER A 204 -28.94 -21.75 5.25
N THR A 205 -28.44 -21.58 4.02
CA THR A 205 -27.68 -20.37 3.71
C THR A 205 -28.59 -19.14 3.78
N THR A 206 -29.68 -19.15 3.02
CA THR A 206 -30.61 -18.03 3.02
C THR A 206 -31.34 -18.01 4.36
N ALA A 207 -31.65 -19.20 4.87
CA ALA A 207 -32.33 -19.32 6.15
C ALA A 207 -31.51 -18.59 7.22
N GLY A 208 -30.21 -18.88 7.24
CA GLY A 208 -29.33 -18.25 8.21
C GLY A 208 -29.26 -16.75 8.04
N ILE A 209 -29.28 -16.29 6.80
CA ILE A 209 -29.22 -14.85 6.55
C ILE A 209 -30.51 -14.20 7.01
N LEU A 210 -31.64 -14.89 6.79
CA LEU A 210 -32.95 -14.38 7.19
C LEU A 210 -33.04 -14.23 8.70
N ALA A 211 -32.81 -15.33 9.41
CA ALA A 211 -32.85 -15.33 10.87
C ALA A 211 -31.93 -14.24 11.38
N GLY A 212 -30.73 -14.16 10.79
CA GLY A 212 -29.75 -13.17 11.19
C GLY A 212 -30.12 -11.74 10.89
N MET A 213 -30.43 -11.44 9.64
CA MET A 213 -30.80 -10.09 9.26
C MET A 213 -32.03 -9.63 10.05
N ALA A 214 -32.83 -10.60 10.49
CA ALA A 214 -34.02 -10.32 11.27
C ALA A 214 -33.66 -9.64 12.59
N GLN A 215 -32.55 -10.06 13.20
CA GLN A 215 -32.12 -9.49 14.47
C GLN A 215 -32.10 -7.97 14.35
N TYR A 216 -32.00 -7.51 13.10
CA TYR A 216 -31.95 -6.08 12.81
C TYR A 216 -33.23 -5.62 12.12
N GLY A 217 -34.21 -6.52 12.06
CA GLY A 217 -35.47 -6.20 11.42
C GLY A 217 -35.31 -5.92 9.94
N ARG A 218 -34.35 -6.58 9.31
CA ARG A 218 -34.12 -6.39 7.88
C ARG A 218 -34.24 -7.67 7.07
N GLN A 219 -35.01 -8.62 7.57
CA GLN A 219 -35.20 -9.89 6.86
C GLN A 219 -35.68 -9.65 5.44
N ASP A 220 -36.39 -8.55 5.23
CA ASP A 220 -36.93 -8.22 3.92
C ASP A 220 -35.86 -7.83 2.89
N ASP A 221 -34.67 -7.48 3.37
CA ASP A 221 -33.59 -7.10 2.46
C ASP A 221 -33.13 -8.32 1.67
N VAL A 222 -33.33 -9.51 2.23
CA VAL A 222 -32.92 -10.76 1.58
C VAL A 222 -33.70 -11.01 0.28
N ILE A 223 -32.98 -11.46 -0.74
CA ILE A 223 -33.57 -11.76 -2.03
C ILE A 223 -32.94 -13.04 -2.57
N ALA A 224 -33.46 -14.18 -2.14
CA ALA A 224 -32.93 -15.46 -2.58
C ALA A 224 -33.26 -15.73 -4.04
N ILE A 225 -32.39 -16.50 -4.68
CA ILE A 225 -32.56 -16.87 -6.08
C ILE A 225 -32.55 -18.39 -6.12
N ASP A 226 -33.67 -18.99 -6.49
CA ASP A 226 -33.75 -20.44 -6.56
C ASP A 226 -32.86 -20.95 -7.66
N ALA A 227 -32.34 -22.16 -7.47
CA ALA A 227 -31.49 -22.78 -8.47
C ALA A 227 -31.84 -24.26 -8.52
N SER A 228 -32.82 -24.66 -7.72
CA SER A 228 -33.27 -26.05 -7.65
C SER A 228 -34.39 -26.38 -8.64
N PHE A 229 -35.16 -25.38 -9.02
CA PHE A 229 -36.27 -25.55 -9.94
C PHE A 229 -37.39 -26.35 -9.28
N THR A 230 -37.34 -26.43 -7.96
CA THR A 230 -38.33 -27.14 -7.16
C THR A 230 -38.61 -26.24 -5.98
N SER A 231 -38.91 -24.98 -6.29
CA SER A 231 -39.19 -23.93 -5.32
C SER A 231 -40.02 -24.33 -4.10
N GLU A 232 -41.08 -25.12 -4.31
CA GLU A 232 -41.94 -25.55 -3.22
C GLU A 232 -41.19 -26.22 -2.06
N LYS A 233 -40.58 -27.37 -2.31
CA LYS A 233 -39.86 -28.07 -1.25
C LYS A 233 -38.70 -27.23 -0.72
N THR A 234 -38.15 -26.38 -1.59
CA THR A 234 -37.04 -25.51 -1.22
C THR A 234 -37.53 -24.38 -0.32
N LYS A 235 -38.52 -23.63 -0.78
CA LYS A 235 -39.05 -22.52 0.01
C LYS A 235 -39.52 -23.00 1.36
N GLU A 236 -40.10 -24.20 1.39
CA GLU A 236 -40.63 -24.78 2.62
C GLU A 236 -39.56 -25.27 3.58
N GLN A 237 -38.46 -25.79 3.05
CA GLN A 237 -37.38 -26.27 3.90
C GLN A 237 -36.61 -25.06 4.40
N THR A 238 -36.48 -24.05 3.55
CA THR A 238 -35.80 -22.82 3.92
C THR A 238 -36.58 -22.21 5.08
N LEU A 239 -37.82 -21.84 4.79
CA LEU A 239 -38.72 -21.24 5.76
C LEU A 239 -38.71 -22.02 7.07
N ARG A 240 -38.64 -23.34 6.95
CA ARG A 240 -38.60 -24.21 8.12
C ARG A 240 -37.31 -24.02 8.90
N ILE A 241 -36.18 -24.16 8.20
CA ILE A 241 -34.86 -23.99 8.82
C ILE A 241 -34.79 -22.60 9.42
N ALA A 242 -35.30 -21.62 8.69
CA ALA A 242 -35.30 -20.23 9.11
C ALA A 242 -35.95 -20.06 10.48
N ASN A 243 -37.12 -20.65 10.67
CA ASN A 243 -37.83 -20.54 11.94
C ASN A 243 -37.16 -21.36 13.03
N ASN A 244 -36.57 -22.49 12.66
CA ASN A 244 -35.87 -23.34 13.61
C ASN A 244 -34.65 -22.60 14.16
N THR A 245 -33.93 -21.92 13.27
CA THR A 245 -32.74 -21.18 13.63
C THR A 245 -33.09 -19.94 14.44
N ALA A 246 -34.11 -19.21 14.00
CA ALA A 246 -34.54 -18.00 14.67
C ALA A 246 -34.81 -18.25 16.14
N LYS A 247 -35.32 -19.43 16.46
CA LYS A 247 -35.64 -19.77 17.84
C LYS A 247 -34.37 -19.93 18.68
N LEU A 248 -33.35 -20.56 18.09
CA LEU A 248 -32.08 -20.78 18.79
C LEU A 248 -31.34 -19.50 19.13
N ILE A 249 -31.36 -18.55 18.19
CA ILE A 249 -30.67 -17.27 18.39
C ILE A 249 -31.51 -16.26 19.17
N GLY A 250 -32.75 -16.63 19.48
CA GLY A 250 -33.61 -15.75 20.24
C GLY A 250 -34.65 -14.98 19.43
N VAL A 251 -34.29 -14.55 18.22
CA VAL A 251 -35.21 -13.81 17.36
C VAL A 251 -36.61 -14.42 17.39
N GLU A 252 -37.57 -13.64 17.89
CA GLU A 252 -38.95 -14.10 17.99
C GLU A 252 -39.65 -14.13 16.63
N HIS A 253 -39.55 -13.02 15.89
CA HIS A 253 -40.17 -12.90 14.57
C HIS A 253 -40.22 -14.25 13.84
N GLU A 254 -41.43 -14.71 13.55
CA GLU A 254 -41.60 -15.97 12.84
C GLU A 254 -41.67 -15.70 11.35
N PHE A 255 -41.05 -16.58 10.57
CA PHE A 255 -41.05 -16.42 9.12
C PHE A 255 -42.14 -17.26 8.47
N LYS A 256 -43.02 -16.59 7.74
CA LYS A 256 -44.12 -17.26 7.06
C LYS A 256 -43.87 -17.30 5.56
N ASP A 257 -42.95 -16.45 5.11
CA ASP A 257 -42.59 -16.39 3.68
C ASP A 257 -41.37 -15.49 3.48
N PHE A 258 -40.84 -15.49 2.27
CA PHE A 258 -39.68 -14.66 1.92
C PHE A 258 -39.56 -14.51 0.41
N THR A 259 -38.71 -13.59 -0.02
CA THR A 259 -38.51 -13.35 -1.44
C THR A 259 -37.64 -14.40 -2.13
N LEU A 260 -38.26 -15.28 -2.91
CA LEU A 260 -37.52 -16.33 -3.62
C LEU A 260 -37.79 -16.30 -5.12
N ASP A 261 -37.01 -15.49 -5.84
CA ASP A 261 -37.16 -15.39 -7.30
C ASP A 261 -36.85 -16.75 -7.94
N THR A 262 -37.84 -17.32 -8.62
CA THR A 262 -37.67 -18.63 -9.25
C THR A 262 -37.61 -18.60 -10.77
N ARG A 263 -37.33 -17.42 -11.33
CA ARG A 263 -37.26 -17.25 -12.77
C ARG A 263 -36.03 -17.80 -13.50
N PHE A 264 -35.06 -18.35 -12.78
CA PHE A 264 -33.85 -18.80 -13.47
C PHE A 264 -33.34 -20.21 -13.19
N ALA A 265 -34.08 -20.98 -12.41
CA ALA A 265 -33.66 -22.34 -12.12
C ALA A 265 -33.76 -23.20 -13.38
N TYR A 266 -34.44 -22.65 -14.39
CA TYR A 266 -34.64 -23.31 -15.68
C TYR A 266 -33.33 -23.72 -16.37
N PRO A 267 -33.29 -24.92 -16.98
CA PRO A 267 -34.38 -25.88 -17.06
C PRO A 267 -34.54 -26.73 -15.81
N CYS A 268 -33.50 -26.79 -14.99
CA CYS A 268 -33.53 -27.57 -13.77
C CYS A 268 -32.24 -27.45 -12.98
N TYR A 269 -32.22 -28.11 -11.83
CA TYR A 269 -31.07 -28.11 -10.95
C TYR A 269 -29.88 -28.75 -11.66
N GLY A 270 -28.74 -28.04 -11.66
CA GLY A 270 -27.54 -28.56 -12.29
C GLY A 270 -27.28 -28.08 -13.70
N VAL A 271 -28.33 -27.86 -14.47
CA VAL A 271 -28.17 -27.41 -15.85
C VAL A 271 -28.47 -25.92 -15.99
N PRO A 272 -27.60 -25.20 -16.70
CA PRO A 272 -27.76 -23.75 -16.92
C PRO A 272 -28.53 -23.44 -18.20
N ASN A 273 -28.93 -22.18 -18.34
CA ASN A 273 -29.65 -21.73 -19.52
C ASN A 273 -28.81 -20.65 -20.18
N GLU A 274 -29.10 -20.35 -21.44
CA GLU A 274 -28.37 -19.33 -22.17
C GLU A 274 -28.13 -18.09 -21.31
N GLY A 275 -29.11 -17.78 -20.46
CA GLY A 275 -29.00 -16.62 -19.58
C GLY A 275 -27.93 -16.78 -18.53
N THR A 276 -27.76 -18.01 -18.05
CA THR A 276 -26.77 -18.33 -17.04
C THR A 276 -25.38 -18.14 -17.65
N ILE A 277 -25.18 -18.73 -18.81
CA ILE A 277 -23.92 -18.63 -19.52
C ILE A 277 -23.63 -17.16 -19.80
N GLU A 278 -24.65 -16.42 -20.21
CA GLU A 278 -24.49 -14.99 -20.48
C GLU A 278 -24.01 -14.30 -19.22
N ALA A 279 -24.66 -14.62 -18.10
CA ALA A 279 -24.31 -14.03 -16.81
C ALA A 279 -22.88 -14.38 -16.43
N ILE A 280 -22.63 -15.67 -16.26
CA ILE A 280 -21.31 -16.17 -15.91
C ILE A 280 -20.25 -15.43 -16.70
N ARG A 281 -20.46 -15.31 -18.01
CA ARG A 281 -19.51 -14.63 -18.87
C ARG A 281 -19.47 -13.12 -18.67
N THR A 282 -20.63 -12.52 -18.43
CA THR A 282 -20.68 -11.07 -18.23
C THR A 282 -19.85 -10.72 -17.00
N CYS A 283 -20.13 -11.41 -15.90
CA CYS A 283 -19.41 -11.21 -14.64
C CYS A 283 -17.91 -11.50 -14.83
N ALA A 284 -17.61 -12.62 -15.46
CA ALA A 284 -16.23 -13.01 -15.72
C ALA A 284 -15.50 -11.97 -16.57
N GLU A 285 -16.16 -11.46 -17.61
CA GLU A 285 -15.57 -10.47 -18.50
C GLU A 285 -15.49 -9.07 -17.91
N GLN A 286 -16.33 -8.80 -16.92
CA GLN A 286 -16.37 -7.49 -16.29
C GLN A 286 -15.52 -7.32 -15.02
N GLU A 287 -15.49 -8.34 -14.17
CA GLU A 287 -14.75 -8.24 -12.92
C GLU A 287 -13.61 -9.25 -12.77
N GLY A 288 -13.67 -10.34 -13.51
CA GLY A 288 -12.63 -11.35 -13.39
C GLY A 288 -13.06 -12.35 -12.33
N VAL A 289 -14.32 -12.23 -11.93
CA VAL A 289 -14.92 -13.11 -10.93
C VAL A 289 -15.62 -14.29 -11.61
N LEU A 290 -15.29 -15.49 -11.17
CA LEU A 290 -15.86 -16.69 -11.76
C LEU A 290 -17.05 -17.24 -10.99
N THR A 291 -18.15 -17.46 -11.70
CA THR A 291 -19.36 -18.01 -11.11
C THR A 291 -19.64 -19.33 -11.83
N ASP A 292 -20.21 -20.30 -11.12
CA ASP A 292 -20.47 -21.61 -11.69
C ASP A 292 -21.80 -21.73 -12.43
N PRO A 293 -21.95 -22.78 -13.26
CA PRO A 293 -23.15 -23.04 -14.04
C PRO A 293 -24.34 -23.45 -13.18
N VAL A 294 -24.06 -24.20 -12.12
CA VAL A 294 -25.11 -24.68 -11.24
C VAL A 294 -25.74 -23.69 -10.28
N PHE A 295 -24.93 -22.97 -9.51
CA PHE A 295 -25.48 -22.04 -8.52
C PHE A 295 -25.32 -20.55 -8.73
N GLU A 296 -24.10 -20.08 -8.60
CA GLU A 296 -23.78 -18.66 -8.70
C GLU A 296 -24.07 -17.99 -10.04
N GLY A 297 -24.01 -18.76 -11.12
CA GLY A 297 -24.30 -18.18 -12.42
C GLY A 297 -25.74 -17.73 -12.49
N LYS A 298 -26.62 -18.55 -11.91
CA LYS A 298 -28.05 -18.25 -11.90
C LYS A 298 -28.38 -17.09 -10.97
N SER A 299 -27.90 -17.14 -9.73
CA SER A 299 -28.14 -16.05 -8.80
C SER A 299 -27.51 -14.80 -9.40
N MET A 300 -26.53 -14.99 -10.26
CA MET A 300 -25.86 -13.87 -10.92
C MET A 300 -26.71 -13.37 -12.08
N GLN A 301 -27.32 -14.28 -12.84
CA GLN A 301 -28.16 -13.85 -13.95
C GLN A 301 -29.41 -13.21 -13.35
N GLY A 302 -29.87 -13.77 -12.23
CA GLY A 302 -31.02 -13.21 -11.56
C GLY A 302 -30.69 -11.77 -11.20
N LEU A 303 -29.55 -11.59 -10.53
CA LEU A 303 -29.09 -10.27 -10.12
C LEU A 303 -29.05 -9.31 -11.30
N ILE A 304 -28.59 -9.81 -12.44
CA ILE A 304 -28.50 -9.02 -13.65
C ILE A 304 -29.89 -8.69 -14.20
N ALA A 305 -30.77 -9.70 -14.19
CA ALA A 305 -32.13 -9.52 -14.68
C ALA A 305 -32.83 -8.46 -13.84
N LEU A 306 -32.72 -8.59 -12.52
CA LEU A 306 -33.33 -7.65 -11.59
C LEU A 306 -32.87 -6.21 -11.80
N ILE A 307 -31.60 -6.03 -12.19
CA ILE A 307 -31.07 -4.68 -12.40
C ILE A 307 -31.63 -4.06 -13.68
N LYS A 308 -31.99 -4.91 -14.64
CA LYS A 308 -32.55 -4.42 -15.90
C LYS A 308 -33.96 -3.89 -15.66
N GLU A 309 -34.81 -4.73 -15.08
CA GLU A 309 -36.19 -4.36 -14.80
C GLU A 309 -36.25 -3.30 -13.70
N ASP A 310 -35.14 -2.59 -13.50
CA ASP A 310 -35.04 -1.54 -12.48
C ASP A 310 -35.74 -1.90 -11.19
N TYR A 311 -35.43 -3.08 -10.67
CA TYR A 311 -36.01 -3.56 -9.43
C TYR A 311 -35.50 -2.81 -8.20
N PHE A 312 -34.29 -2.27 -8.27
CA PHE A 312 -33.71 -1.57 -7.13
C PHE A 312 -33.77 -0.04 -7.24
N LYS A 313 -33.79 0.63 -6.10
CA LYS A 313 -33.82 2.09 -6.07
C LYS A 313 -32.58 2.57 -6.81
N PRO A 314 -32.70 3.68 -7.55
CA PRO A 314 -31.54 4.21 -8.28
C PRO A 314 -30.35 4.41 -7.34
N GLY A 315 -29.18 3.93 -7.76
CA GLY A 315 -27.98 4.06 -6.96
C GLY A 315 -27.98 3.17 -5.73
N ALA A 316 -28.91 2.23 -5.67
CA ALA A 316 -28.99 1.31 -4.54
C ALA A 316 -27.71 0.50 -4.42
N ASN A 317 -27.36 0.15 -3.19
CA ASN A 317 -26.17 -0.65 -2.94
C ASN A 317 -26.64 -2.07 -2.69
N VAL A 318 -26.52 -2.90 -3.72
CA VAL A 318 -26.92 -4.28 -3.65
C VAL A 318 -25.71 -5.15 -3.38
N LEU A 319 -25.83 -6.02 -2.38
CA LEU A 319 -24.74 -6.90 -2.02
C LEU A 319 -24.97 -8.32 -2.50
N TYR A 320 -24.29 -8.66 -3.58
CA TYR A 320 -24.37 -10.01 -4.14
C TYR A 320 -23.56 -10.91 -3.20
N VAL A 321 -24.04 -12.12 -2.98
CA VAL A 321 -23.32 -13.03 -2.11
C VAL A 321 -22.72 -14.18 -2.90
N HIS A 322 -21.40 -14.16 -3.06
CA HIS A 322 -20.70 -15.21 -3.79
C HIS A 322 -20.37 -16.37 -2.87
N LEU A 323 -21.11 -17.46 -3.02
CA LEU A 323 -20.93 -18.65 -2.19
C LEU A 323 -19.92 -19.65 -2.77
N GLY A 324 -19.17 -19.22 -3.80
CA GLY A 324 -18.17 -20.08 -4.39
C GLY A 324 -18.67 -21.10 -5.40
N GLY A 325 -18.11 -22.31 -5.33
CA GLY A 325 -18.53 -23.38 -6.23
C GLY A 325 -17.97 -23.33 -7.64
N ALA A 326 -16.88 -22.61 -7.83
CA ALA A 326 -16.27 -22.50 -9.16
C ALA A 326 -15.44 -23.72 -9.56
N PRO A 327 -15.04 -24.58 -8.61
CA PRO A 327 -14.24 -25.77 -8.95
C PRO A 327 -14.93 -26.80 -9.86
N ALA A 328 -16.25 -26.73 -9.93
CA ALA A 328 -17.01 -27.68 -10.76
C ALA A 328 -17.15 -27.16 -12.19
N LEU A 329 -16.64 -25.96 -12.42
CA LEU A 329 -16.70 -25.34 -13.73
C LEU A 329 -16.00 -26.18 -14.79
N SER A 330 -15.03 -26.99 -14.38
CA SER A 330 -14.31 -27.83 -15.33
C SER A 330 -15.21 -28.93 -15.87
N ALA A 331 -16.32 -29.18 -15.19
CA ALA A 331 -17.27 -30.19 -15.62
C ALA A 331 -18.34 -29.60 -16.53
N TYR A 332 -18.17 -28.33 -16.90
CA TYR A 332 -19.13 -27.66 -17.77
C TYR A 332 -18.44 -26.86 -18.87
N SER A 333 -17.20 -27.24 -19.19
CA SER A 333 -16.43 -26.54 -20.22
C SER A 333 -17.17 -26.47 -21.56
N SER A 334 -17.92 -27.52 -21.87
CA SER A 334 -18.67 -27.59 -23.11
C SER A 334 -19.56 -26.38 -23.35
N PHE A 335 -20.06 -25.78 -22.27
CA PHE A 335 -20.94 -24.62 -22.40
C PHE A 335 -20.21 -23.31 -22.64
N PHE A 336 -18.88 -23.33 -22.65
CA PHE A 336 -18.12 -22.09 -22.86
C PHE A 336 -17.13 -22.16 -24.01
N PRO A 337 -17.59 -21.86 -25.23
CA PRO A 337 -16.71 -21.88 -26.40
C PRO A 337 -15.89 -20.59 -26.48
N THR A 338 -14.67 -20.66 -26.99
CA THR A 338 -13.83 -19.48 -27.08
C THR A 338 -14.53 -18.32 -27.78
N LYS A 339 -14.54 -17.17 -27.12
CA LYS A 339 -15.18 -15.96 -27.64
C LYS A 339 -14.50 -15.46 -28.91
N THR A 340 -15.19 -14.57 -29.64
CA THR A 340 -14.67 -13.99 -30.89
C THR A 340 -14.42 -12.50 -30.73
N ALA A 341 -13.32 -12.02 -31.30
CA ALA A 341 -12.95 -10.60 -31.23
C ALA A 341 -12.77 -10.02 -32.64
N ALA B 1 17.23 -0.33 0.31
CA ALA B 1 15.87 -0.96 0.23
C ALA B 1 14.76 0.06 -0.05
N GLY B 2 13.63 -0.44 -0.54
CA GLY B 2 12.52 0.43 -0.84
C GLY B 2 11.67 0.00 -2.01
N VAL B 3 10.75 -0.94 -1.77
CA VAL B 3 9.84 -1.38 -2.81
C VAL B 3 8.76 -0.30 -2.80
N ALA B 4 8.73 0.43 -1.69
CA ALA B 4 7.77 1.50 -1.47
C ALA B 4 7.83 2.62 -2.51
N LYS B 5 9.01 2.84 -3.09
CA LYS B 5 9.16 3.88 -4.10
C LYS B 5 8.58 3.49 -5.46
N PHE B 6 7.94 2.33 -5.52
CA PHE B 6 7.36 1.86 -6.77
C PHE B 6 5.85 1.82 -6.74
N ALA B 7 5.25 2.29 -7.82
CA ALA B 7 3.81 2.33 -7.96
C ALA B 7 3.24 0.92 -7.88
N LYS B 8 2.17 0.76 -7.09
CA LYS B 8 1.51 -0.53 -6.89
C LYS B 8 0.01 -0.39 -7.10
N TYR B 9 -0.60 -1.38 -7.76
CA TYR B 9 -2.04 -1.38 -8.02
C TYR B 9 -2.63 -2.61 -7.36
N PRO B 10 -3.54 -2.42 -6.39
CA PRO B 10 -4.19 -3.51 -5.66
C PRO B 10 -4.97 -4.51 -6.51
N LEU B 11 -4.62 -5.78 -6.35
CA LEU B 11 -5.27 -6.86 -7.07
C LEU B 11 -5.57 -7.98 -6.09
N THR B 12 -5.30 -7.72 -4.81
CA THR B 12 -5.53 -8.72 -3.78
C THR B 12 -6.18 -8.12 -2.52
N PHE B 13 -6.69 -8.98 -1.65
CA PHE B 13 -7.34 -8.56 -0.42
C PHE B 13 -6.39 -7.94 0.60
N GLY B 14 -5.09 -8.15 0.40
CA GLY B 14 -4.11 -7.64 1.35
C GLY B 14 -3.21 -8.79 1.74
N PRO B 15 -2.38 -8.64 2.79
CA PRO B 15 -1.49 -9.73 3.20
C PRO B 15 -2.14 -11.11 3.17
N SER B 16 -1.58 -12.00 2.36
CA SER B 16 -2.08 -13.36 2.24
C SER B 16 -1.92 -14.04 3.60
N PRO B 17 -2.90 -14.86 4.00
CA PRO B 17 -2.82 -15.54 5.28
C PRO B 17 -1.75 -16.61 5.38
N ILE B 18 -1.44 -17.03 6.59
CA ILE B 18 -0.45 -18.06 6.82
C ILE B 18 -1.16 -19.17 7.57
N SER B 19 -1.19 -20.35 6.96
CA SER B 19 -1.84 -21.50 7.56
C SER B 19 -0.85 -22.30 8.40
N ASN B 20 -1.35 -22.85 9.50
CA ASN B 20 -0.56 -23.65 10.40
C ASN B 20 -0.89 -25.12 10.12
N LEU B 21 -0.04 -25.76 9.31
CA LEU B 21 -0.23 -27.16 8.96
C LEU B 21 0.34 -28.06 10.06
N ASN B 22 -0.19 -27.92 11.27
CA ASN B 22 0.30 -28.69 12.40
C ASN B 22 0.02 -30.18 12.31
N ARG B 23 -0.96 -30.55 11.50
CA ARG B 23 -1.33 -31.96 11.35
C ARG B 23 -0.39 -32.66 10.37
N LEU B 24 0.01 -31.96 9.31
CA LEU B 24 0.92 -32.52 8.33
C LEU B 24 2.29 -32.63 8.99
N SER B 25 2.54 -31.75 9.97
CA SER B 25 3.81 -31.74 10.69
C SER B 25 4.02 -33.01 11.52
N GLN B 26 3.00 -33.39 12.29
CA GLN B 26 3.09 -34.59 13.12
C GLN B 26 3.22 -35.82 12.24
N HIS B 27 2.39 -35.90 11.20
CA HIS B 27 2.40 -37.02 10.27
C HIS B 27 3.80 -37.26 9.72
N LEU B 28 4.56 -36.19 9.56
CA LEU B 28 5.92 -36.31 9.02
C LEU B 28 6.98 -36.56 10.09
N GLY B 29 6.54 -36.88 11.30
CA GLY B 29 7.47 -37.17 12.36
C GLY B 29 7.68 -36.09 13.39
N SER B 30 6.97 -34.97 13.26
CA SER B 30 7.11 -33.86 14.20
C SER B 30 8.53 -33.32 14.26
N LYS B 31 9.29 -33.54 13.19
CA LYS B 31 10.66 -33.07 13.11
C LYS B 31 10.71 -31.56 13.01
N VAL B 32 9.75 -31.00 12.27
CA VAL B 32 9.65 -29.57 12.07
C VAL B 32 8.21 -29.12 12.26
N ASN B 33 7.97 -27.82 12.19
CA ASN B 33 6.63 -27.25 12.29
C ASN B 33 6.38 -26.54 10.97
N VAL B 34 5.60 -27.17 10.10
CA VAL B 34 5.32 -26.59 8.79
C VAL B 34 4.18 -25.58 8.78
N TYR B 35 4.44 -24.45 8.12
CA TYR B 35 3.44 -23.39 7.95
C TYR B 35 3.35 -23.12 6.46
N ALA B 36 2.27 -22.51 6.02
CA ALA B 36 2.12 -22.22 4.61
C ALA B 36 1.49 -20.86 4.36
N LYS B 37 2.23 -19.99 3.66
CA LYS B 37 1.72 -18.67 3.35
C LYS B 37 0.85 -18.87 2.10
N ARG B 38 -0.46 -18.68 2.28
CA ARG B 38 -1.42 -18.90 1.22
C ARG B 38 -1.54 -17.82 0.13
N GLU B 39 -0.71 -17.93 -0.91
CA GLU B 39 -0.75 -17.00 -2.02
C GLU B 39 -1.79 -17.53 -2.99
N ASP B 40 -2.25 -18.75 -2.72
CA ASP B 40 -3.26 -19.40 -3.53
C ASP B 40 -4.64 -18.86 -3.13
N CYS B 41 -4.66 -18.12 -2.02
CA CYS B 41 -5.88 -17.50 -1.50
C CYS B 41 -5.69 -15.99 -1.59
N ASN B 42 -5.02 -15.61 -2.67
CA ASN B 42 -4.67 -14.24 -3.05
C ASN B 42 -5.82 -13.21 -3.11
N SER B 43 -6.67 -13.36 -4.13
CA SER B 43 -7.79 -12.44 -4.34
C SER B 43 -9.04 -13.09 -4.93
N GLY B 44 -10.00 -12.25 -5.31
CA GLY B 44 -11.23 -12.75 -5.90
C GLY B 44 -11.07 -13.01 -7.38
N LEU B 45 -10.02 -12.46 -7.97
CA LEU B 45 -9.75 -12.62 -9.39
C LEU B 45 -9.37 -14.05 -9.78
N ALA B 46 -10.31 -14.73 -10.43
CA ALA B 46 -10.09 -16.09 -10.90
C ALA B 46 -9.17 -16.97 -10.07
N PHE B 47 -9.53 -17.21 -8.82
CA PHE B 47 -8.76 -18.08 -7.94
C PHE B 47 -7.41 -17.54 -7.44
N GLY B 48 -7.08 -16.32 -7.81
CA GLY B 48 -5.82 -15.73 -7.36
C GLY B 48 -4.56 -16.57 -7.58
N GLY B 49 -3.45 -16.10 -7.04
CA GLY B 49 -2.18 -16.81 -7.19
C GLY B 49 -0.99 -15.87 -7.19
N ASN B 50 0.20 -16.44 -7.03
CA ASN B 50 1.43 -15.67 -6.99
C ASN B 50 1.54 -14.62 -8.09
N LEU B 52 -0.69 -12.68 -9.38
CA LEU B 52 -1.38 -11.44 -9.03
C LEU B 52 -0.47 -10.51 -8.22
N ARG B 53 0.35 -11.09 -7.33
CA ARG B 53 1.26 -10.30 -6.52
C ARG B 53 2.24 -9.61 -7.46
N LYS B 54 2.77 -10.36 -8.41
CA LYS B 54 3.70 -9.77 -9.37
C LYS B 54 3.04 -8.66 -10.20
N LEU B 55 1.87 -8.96 -10.74
CA LEU B 55 1.12 -8.04 -11.58
C LEU B 55 0.77 -6.72 -10.92
N GLU B 56 0.71 -6.71 -9.60
CA GLU B 56 0.37 -5.49 -8.88
C GLU B 56 1.36 -4.36 -9.13
N TYR B 57 2.59 -4.70 -9.46
CA TYR B 57 3.60 -3.67 -9.72
C TYR B 57 3.77 -3.38 -11.20
N ILE B 58 3.15 -4.20 -12.03
CA ILE B 58 3.24 -3.99 -13.46
C ILE B 58 2.04 -3.21 -13.97
N VAL B 59 0.88 -3.41 -13.34
CA VAL B 59 -0.34 -2.73 -13.75
C VAL B 59 -0.21 -1.21 -13.85
N PRO B 60 0.25 -0.54 -12.79
CA PRO B 60 0.38 0.93 -12.86
C PRO B 60 0.90 1.39 -14.22
N ASP B 61 1.90 0.68 -14.73
CA ASP B 61 2.51 0.99 -16.01
C ASP B 61 1.47 0.93 -17.13
N ILE B 62 0.72 -0.17 -17.16
CA ILE B 62 -0.32 -0.37 -18.16
C ILE B 62 -1.38 0.73 -18.11
N VAL B 63 -1.79 1.10 -16.91
CA VAL B 63 -2.80 2.13 -16.73
C VAL B 63 -2.33 3.55 -17.09
N GLU B 64 -1.20 3.98 -16.55
CA GLU B 64 -0.70 5.33 -16.86
C GLU B 64 -0.50 5.43 -18.37
N GLY B 65 0.19 4.45 -18.93
CA GLY B 65 0.42 4.46 -20.36
C GLY B 65 -0.90 4.18 -21.03
N ASP B 66 -0.97 4.35 -22.34
CA ASP B 66 -2.21 4.09 -23.06
C ASP B 66 -2.09 2.79 -23.82
N TYR B 67 -2.82 1.78 -23.36
CA TYR B 67 -2.78 0.48 -24.01
C TYR B 67 -4.18 0.02 -24.32
N THR B 68 -4.28 -1.14 -24.96
CA THR B 68 -5.59 -1.67 -25.33
C THR B 68 -5.64 -3.16 -25.12
N HIS B 69 -4.51 -3.84 -25.27
CA HIS B 69 -4.48 -5.28 -25.10
C HIS B 69 -3.36 -5.73 -24.17
N LEU B 70 -3.62 -6.82 -23.46
CA LEU B 70 -2.63 -7.40 -22.57
C LEU B 70 -2.35 -8.77 -23.16
N VAL B 71 -1.10 -8.99 -23.56
CA VAL B 71 -0.73 -10.26 -24.14
C VAL B 71 0.38 -10.91 -23.33
N SER B 72 0.11 -12.12 -22.86
CA SER B 72 1.07 -12.88 -22.08
C SER B 72 1.22 -14.23 -22.75
N ILE B 73 1.94 -15.14 -22.08
CA ILE B 73 2.17 -16.46 -22.67
C ILE B 73 2.51 -17.50 -21.61
N GLY B 74 2.22 -18.76 -21.93
CA GLY B 74 2.50 -19.84 -20.99
C GLY B 74 2.12 -21.19 -21.57
N GLY B 75 2.18 -22.23 -20.74
CA GLY B 75 1.84 -23.57 -21.20
C GLY B 75 0.34 -23.74 -21.38
N ARG B 76 -0.12 -24.98 -21.40
CA ARG B 76 -1.55 -25.28 -21.58
C ARG B 76 -2.36 -24.87 -20.35
N GLN B 77 -2.00 -25.44 -19.20
CA GLN B 77 -2.67 -25.13 -17.95
C GLN B 77 -1.94 -23.99 -17.24
N SER B 78 -1.45 -23.05 -18.04
CA SER B 78 -0.73 -21.90 -17.51
C SER B 78 -1.58 -21.10 -16.52
N ASN B 79 -1.13 -21.03 -15.27
CA ASN B 79 -1.84 -20.26 -14.25
C ASN B 79 -1.68 -18.80 -14.65
N GLN B 80 -0.47 -18.44 -15.01
CA GLN B 80 -0.12 -17.09 -15.45
C GLN B 80 -1.20 -16.46 -16.33
N THR B 81 -1.34 -16.98 -17.56
CA THR B 81 -2.31 -16.45 -18.52
C THR B 81 -3.72 -16.32 -17.96
N ARG B 82 -4.14 -17.29 -17.16
CA ARG B 82 -5.48 -17.26 -16.57
C ARG B 82 -5.64 -16.01 -15.70
N MET B 83 -4.55 -15.54 -15.11
CA MET B 83 -4.60 -14.37 -14.25
C MET B 83 -4.48 -13.08 -15.06
N VAL B 84 -3.79 -13.15 -16.20
CA VAL B 84 -3.66 -11.97 -17.06
C VAL B 84 -5.05 -11.72 -17.63
N ALA B 85 -5.77 -12.81 -17.84
CA ALA B 85 -7.12 -12.76 -18.38
C ALA B 85 -7.99 -12.01 -17.36
N ALA B 86 -8.02 -12.55 -16.15
CA ALA B 86 -8.81 -11.94 -15.07
C ALA B 86 -8.38 -10.49 -14.94
N LEU B 87 -7.08 -10.27 -15.01
CA LEU B 87 -6.55 -8.92 -14.89
C LEU B 87 -7.12 -8.05 -16.01
N ALA B 88 -6.94 -8.50 -17.24
CA ALA B 88 -7.45 -7.75 -18.39
C ALA B 88 -8.91 -7.37 -18.15
N ALA B 89 -9.69 -8.35 -17.71
CA ALA B 89 -11.10 -8.12 -17.44
C ALA B 89 -11.28 -7.00 -16.44
N LYS B 90 -10.66 -7.11 -15.27
CA LYS B 90 -10.78 -6.09 -14.24
C LYS B 90 -10.32 -4.71 -14.70
N LEU B 91 -9.34 -4.68 -15.59
CA LEU B 91 -8.83 -3.41 -16.08
C LEU B 91 -9.67 -2.89 -17.24
N GLY B 92 -10.60 -3.71 -17.71
CA GLY B 92 -11.45 -3.29 -18.82
C GLY B 92 -10.67 -3.20 -20.11
N LYS B 93 -9.79 -4.17 -20.37
CA LYS B 93 -9.02 -4.17 -21.60
C LYS B 93 -8.98 -5.54 -22.25
N LYS B 94 -8.73 -5.55 -23.56
CA LYS B 94 -8.66 -6.80 -24.31
C LYS B 94 -7.48 -7.64 -23.86
N CYS B 95 -7.53 -8.93 -24.13
CA CYS B 95 -6.48 -9.85 -23.74
C CYS B 95 -6.21 -10.95 -24.75
N VAL B 96 -4.94 -11.16 -25.08
CA VAL B 96 -4.52 -12.20 -26.02
C VAL B 96 -3.55 -13.13 -25.30
N LEU B 97 -3.93 -14.40 -25.22
CA LEU B 97 -3.10 -15.39 -24.54
C LEU B 97 -2.56 -16.43 -25.51
N ILE B 98 -1.27 -16.75 -25.37
CA ILE B 98 -0.63 -17.73 -26.22
C ILE B 98 -0.33 -18.98 -25.42
N GLN B 99 -1.13 -20.02 -25.62
CA GLN B 99 -0.96 -21.28 -24.91
C GLN B 99 -0.11 -22.21 -25.76
N GLU B 100 1.13 -22.44 -25.34
CA GLU B 100 2.04 -23.31 -26.07
C GLU B 100 2.01 -24.73 -25.52
N ASP B 101 2.67 -25.66 -26.21
CA ASP B 101 2.72 -27.05 -25.79
C ASP B 101 3.96 -27.26 -24.95
N TRP B 102 3.86 -26.88 -23.68
CA TRP B 102 4.99 -27.01 -22.76
C TRP B 102 5.04 -28.35 -22.04
N VAL B 103 3.92 -29.06 -22.01
CA VAL B 103 3.91 -30.36 -21.34
C VAL B 103 3.43 -31.50 -22.24
N PRO B 104 4.12 -32.66 -22.15
CA PRO B 104 3.78 -33.84 -22.96
C PRO B 104 2.42 -34.39 -22.54
N ILE B 105 1.36 -33.74 -23.03
CA ILE B 105 -0.01 -34.11 -22.71
C ILE B 105 -0.22 -35.61 -22.56
N PRO B 106 -0.24 -36.11 -21.31
CA PRO B 106 -0.43 -37.54 -21.04
C PRO B 106 -1.58 -38.14 -21.86
N GLU B 107 -1.44 -39.41 -22.22
CA GLU B 107 -2.44 -40.10 -23.04
C GLU B 107 -3.88 -39.97 -22.56
N ALA B 108 -4.20 -40.63 -21.45
CA ALA B 108 -5.55 -40.59 -20.91
C ALA B 108 -5.95 -39.20 -20.41
N GLU B 109 -5.55 -38.16 -21.14
CA GLU B 109 -5.86 -36.81 -20.72
C GLU B 109 -5.86 -35.79 -21.87
N LYS B 110 -5.35 -36.19 -23.03
CA LYS B 110 -5.28 -35.31 -24.19
C LYS B 110 -6.65 -34.85 -24.69
N ASP B 111 -7.70 -35.31 -24.01
CA ASP B 111 -9.07 -34.96 -24.37
C ASP B 111 -9.47 -33.68 -23.64
N VAL B 112 -9.33 -33.72 -22.32
CA VAL B 112 -9.69 -32.60 -21.46
C VAL B 112 -8.55 -31.61 -21.24
N TYR B 113 -7.33 -32.14 -21.17
CA TYR B 113 -6.15 -31.31 -20.94
C TYR B 113 -6.15 -29.96 -21.66
N ASN B 114 -6.76 -29.90 -22.84
CA ASN B 114 -6.76 -28.65 -23.59
C ASN B 114 -8.02 -27.79 -23.50
N ARG B 115 -8.97 -28.21 -22.67
CA ARG B 115 -10.21 -27.45 -22.54
C ARG B 115 -10.86 -27.54 -21.17
N VAL B 116 -10.24 -28.26 -20.24
CA VAL B 116 -10.79 -28.41 -18.91
C VAL B 116 -9.79 -28.04 -17.82
N GLY B 117 -9.88 -26.81 -17.34
CA GLY B 117 -8.98 -26.34 -16.29
C GLY B 117 -8.74 -24.84 -16.35
N ASN B 118 -7.48 -24.45 -16.38
CA ASN B 118 -7.13 -23.03 -16.44
C ASN B 118 -7.46 -22.36 -17.75
N ILE B 119 -7.13 -23.01 -18.86
CA ILE B 119 -7.38 -22.43 -20.18
C ILE B 119 -8.86 -22.08 -20.36
N GLU B 120 -9.74 -22.92 -19.82
CA GLU B 120 -11.18 -22.72 -19.91
C GLU B 120 -11.59 -21.38 -19.28
N LEU B 121 -11.00 -21.08 -18.13
CA LEU B 121 -11.30 -19.85 -17.40
C LEU B 121 -10.89 -18.63 -18.18
N SER B 122 -9.82 -18.74 -18.96
CA SER B 122 -9.35 -17.63 -19.77
C SER B 122 -10.41 -17.32 -20.82
N ARG B 123 -10.98 -18.37 -21.40
CA ARG B 123 -12.00 -18.23 -22.42
C ARG B 123 -13.25 -17.65 -21.78
N ILE B 124 -13.67 -18.25 -20.66
CA ILE B 124 -14.86 -17.77 -19.96
C ILE B 124 -14.75 -16.29 -19.66
N MET B 125 -13.53 -15.81 -19.42
CA MET B 125 -13.31 -14.41 -19.11
C MET B 125 -13.23 -13.57 -20.39
N GLY B 126 -13.44 -14.22 -21.53
CA GLY B 126 -13.43 -13.53 -22.81
C GLY B 126 -12.07 -13.19 -23.38
N ALA B 127 -11.07 -13.98 -23.04
CA ALA B 127 -9.73 -13.74 -23.53
C ALA B 127 -9.52 -14.41 -24.90
N ASP B 128 -8.68 -13.81 -25.72
CA ASP B 128 -8.39 -14.36 -27.05
C ASP B 128 -7.37 -15.50 -26.88
N VAL B 129 -7.86 -16.66 -26.43
CA VAL B 129 -6.98 -17.81 -26.23
C VAL B 129 -6.50 -18.34 -27.57
N ARG B 130 -5.20 -18.58 -27.68
CA ARG B 130 -4.62 -19.10 -28.91
C ARG B 130 -3.73 -20.29 -28.65
N VAL B 131 -4.21 -21.46 -29.06
CA VAL B 131 -3.46 -22.69 -28.88
C VAL B 131 -2.44 -22.89 -29.99
N ILE B 132 -1.17 -22.89 -29.63
CA ILE B 132 -0.08 -23.07 -30.58
C ILE B 132 0.72 -24.28 -30.12
N GLU B 133 1.55 -24.83 -30.98
CA GLU B 133 2.33 -26.01 -30.60
C GLU B 133 3.84 -25.81 -30.65
N ASP B 134 4.40 -25.26 -29.56
CA ASP B 134 5.83 -25.01 -29.44
C ASP B 134 6.36 -25.68 -28.17
N GLY B 135 7.68 -25.77 -28.06
CA GLY B 135 8.29 -26.40 -26.89
C GLY B 135 8.26 -25.55 -25.63
N PHE B 136 8.82 -26.10 -24.56
CA PHE B 136 8.87 -25.41 -23.27
C PHE B 136 10.14 -24.59 -23.10
N ASP B 137 9.98 -23.33 -22.71
CA ASP B 137 11.11 -22.44 -22.49
C ASP B 137 10.73 -21.28 -21.57
N ILE B 138 11.57 -21.04 -20.56
CA ILE B 138 11.34 -19.99 -19.59
C ILE B 138 11.87 -18.62 -20.02
N GLY B 139 12.16 -18.48 -21.31
CA GLY B 139 12.67 -17.23 -21.83
C GLY B 139 11.74 -16.60 -22.86
N MET B 140 12.23 -15.58 -23.55
CA MET B 140 11.42 -14.90 -24.57
C MET B 140 11.17 -15.84 -25.74
N ARG B 141 9.94 -15.84 -26.24
CA ARG B 141 9.56 -16.70 -27.36
C ARG B 141 9.27 -15.90 -28.62
N LYS B 142 9.34 -16.55 -29.78
CA LYS B 142 9.08 -15.90 -31.05
C LYS B 142 7.58 -15.73 -31.28
N SER B 143 6.80 -16.71 -30.82
CA SER B 143 5.35 -16.67 -30.96
C SER B 143 4.81 -15.45 -30.22
N PHE B 144 5.27 -15.26 -29.00
CA PHE B 144 4.86 -14.12 -28.17
C PHE B 144 5.19 -12.85 -28.92
N ALA B 145 6.34 -12.85 -29.59
CA ALA B 145 6.78 -11.70 -30.37
C ALA B 145 5.84 -11.36 -31.51
N ASN B 146 5.58 -12.34 -32.38
CA ASN B 146 4.72 -12.13 -33.53
C ASN B 146 3.30 -11.72 -33.11
N ALA B 147 2.78 -12.35 -32.07
CA ALA B 147 1.45 -12.02 -31.58
C ALA B 147 1.41 -10.53 -31.32
N LEU B 148 2.44 -10.03 -30.67
CA LEU B 148 2.54 -8.60 -30.36
C LEU B 148 2.40 -7.79 -31.63
N GLN B 149 3.31 -8.03 -32.57
CA GLN B 149 3.33 -7.34 -33.85
C GLN B 149 1.97 -7.41 -34.54
N GLU B 150 1.35 -8.58 -34.50
CA GLU B 150 0.05 -8.78 -35.12
C GLU B 150 -0.95 -7.71 -34.67
N LEU B 151 -1.04 -7.52 -33.36
CA LEU B 151 -1.95 -6.54 -32.79
C LEU B 151 -1.55 -5.11 -33.17
N GLU B 152 -0.26 -4.83 -33.14
CA GLU B 152 0.24 -3.51 -33.48
C GLU B 152 -0.15 -3.10 -34.89
N ASP B 153 0.18 -3.94 -35.86
CA ASP B 153 -0.16 -3.65 -37.25
C ASP B 153 -1.67 -3.48 -37.36
N ALA B 154 -2.41 -4.14 -36.47
CA ALA B 154 -3.86 -4.06 -36.47
C ALA B 154 -4.29 -2.69 -35.97
N GLY B 155 -3.34 -1.91 -35.48
CA GLY B 155 -3.64 -0.58 -34.99
C GLY B 155 -3.94 -0.50 -33.50
N HIS B 156 -3.50 -1.52 -32.75
CA HIS B 156 -3.73 -1.55 -31.32
C HIS B 156 -2.43 -1.26 -30.55
N LYS B 157 -2.55 -1.17 -29.23
CA LYS B 157 -1.39 -0.91 -28.37
C LYS B 157 -1.28 -2.06 -27.37
N PRO B 158 -0.53 -3.11 -27.75
CA PRO B 158 -0.30 -4.32 -26.94
C PRO B 158 0.65 -4.12 -25.76
N TYR B 159 0.30 -4.71 -24.64
CA TYR B 159 1.16 -4.62 -23.47
C TYR B 159 1.75 -6.01 -23.26
N PRO B 160 3.07 -6.15 -23.42
CA PRO B 160 3.74 -7.44 -23.25
C PRO B 160 3.97 -7.86 -21.80
N ILE B 161 3.72 -9.14 -21.53
CA ILE B 161 3.90 -9.72 -20.20
C ILE B 161 4.47 -11.12 -20.40
N PRO B 162 5.81 -11.24 -20.34
CA PRO B 162 6.53 -12.50 -20.52
C PRO B 162 6.07 -13.64 -19.60
N ALA B 163 6.52 -14.86 -19.91
CA ALA B 163 6.15 -16.03 -19.12
C ALA B 163 6.35 -15.79 -17.63
N GLY B 164 5.25 -15.85 -16.88
CA GLY B 164 5.31 -15.67 -15.44
C GLY B 164 5.67 -14.28 -14.95
N CYS B 165 5.74 -13.32 -15.87
CA CYS B 165 6.09 -11.93 -15.53
C CYS B 165 7.56 -11.80 -15.18
N SER B 166 8.21 -12.93 -14.93
CA SER B 166 9.60 -12.96 -14.50
C SER B 166 10.60 -12.03 -15.20
N GLU B 167 10.68 -12.10 -16.52
CA GLU B 167 11.64 -11.25 -17.22
C GLU B 167 11.16 -9.81 -17.33
N HIS B 168 9.96 -9.53 -16.83
CA HIS B 168 9.46 -8.17 -16.87
C HIS B 168 10.29 -7.33 -15.92
N LYS B 169 10.52 -6.08 -16.31
CA LYS B 169 11.32 -5.15 -15.51
C LYS B 169 10.97 -5.16 -14.02
N TYR B 170 9.67 -5.15 -13.73
CA TYR B 170 9.18 -5.12 -12.36
C TYR B 170 8.64 -6.47 -11.92
N GLY B 171 8.96 -7.50 -12.69
CA GLY B 171 8.50 -8.83 -12.39
C GLY B 171 8.98 -9.37 -11.05
N GLY B 172 10.01 -8.74 -10.49
CA GLY B 172 10.52 -9.21 -9.22
C GLY B 172 10.09 -8.44 -7.98
N LEU B 173 9.41 -7.31 -8.17
CA LEU B 173 8.98 -6.48 -7.06
C LEU B 173 7.89 -7.08 -6.17
N GLY B 174 6.90 -7.72 -6.76
CA GLY B 174 5.82 -8.31 -5.98
C GLY B 174 6.27 -9.16 -4.80
N PHE B 175 7.28 -9.98 -4.97
CA PHE B 175 7.69 -10.80 -3.85
C PHE B 175 8.70 -10.16 -2.93
N VAL B 176 9.16 -8.97 -3.30
CA VAL B 176 10.04 -8.23 -2.42
C VAL B 176 9.06 -7.84 -1.29
N GLY B 177 7.90 -7.34 -1.69
CA GLY B 177 6.88 -6.96 -0.73
C GLY B 177 6.41 -8.17 0.04
N PHE B 178 6.64 -9.35 -0.54
CA PHE B 178 6.27 -10.61 0.10
C PHE B 178 7.15 -10.83 1.35
N ALA B 179 8.41 -10.39 1.26
CA ALA B 179 9.34 -10.55 2.37
C ALA B 179 8.98 -9.58 3.49
N ASP B 180 8.71 -8.33 3.12
CA ASP B 180 8.35 -7.31 4.08
C ASP B 180 7.16 -7.83 4.86
N GLU B 181 6.21 -8.37 4.13
CA GLU B 181 4.98 -8.91 4.69
C GLU B 181 5.22 -10.11 5.61
N VAL B 182 6.11 -11.01 5.22
CA VAL B 182 6.44 -12.16 6.06
C VAL B 182 7.10 -11.69 7.36
N ILE B 183 7.99 -10.71 7.26
CA ILE B 183 8.66 -10.19 8.43
C ILE B 183 7.63 -9.67 9.43
N ASN B 184 6.63 -8.96 8.90
CA ASN B 184 5.58 -8.38 9.72
C ASN B 184 4.67 -9.44 10.34
N GLN B 185 4.36 -10.46 9.57
CA GLN B 185 3.51 -11.52 10.09
C GLN B 185 4.24 -12.35 11.15
N GLU B 186 5.57 -12.38 11.10
CA GLU B 186 6.31 -13.14 12.10
C GLU B 186 6.06 -12.56 13.47
N VAL B 187 6.02 -11.23 13.53
CA VAL B 187 5.79 -10.52 14.78
C VAL B 187 4.36 -10.63 15.29
N GLU B 188 3.39 -10.49 14.39
CA GLU B 188 2.00 -10.58 14.80
C GLU B 188 1.66 -12.01 15.21
N LEU B 189 2.28 -12.98 14.56
CA LEU B 189 2.04 -14.39 14.87
C LEU B 189 2.89 -14.87 16.06
N GLY B 190 3.99 -14.17 16.33
CA GLY B 190 4.86 -14.58 17.41
C GLY B 190 5.59 -15.86 17.02
N ILE B 191 5.94 -15.97 15.75
CA ILE B 191 6.60 -17.13 15.22
C ILE B 191 7.68 -16.73 14.21
N LYS B 192 8.93 -17.11 14.47
CA LYS B 192 9.97 -16.78 13.51
C LYS B 192 10.17 -17.98 12.60
N PHE B 193 10.24 -17.72 11.31
CA PHE B 193 10.44 -18.79 10.34
C PHE B 193 11.92 -18.91 10.02
N ASP B 194 12.43 -20.12 10.17
CA ASP B 194 13.84 -20.39 9.91
C ASP B 194 14.14 -20.52 8.42
N LYS B 195 13.20 -21.10 7.69
CA LYS B 195 13.38 -21.27 6.25
C LYS B 195 12.10 -21.06 5.45
N ILE B 196 12.28 -20.74 4.17
CA ILE B 196 11.16 -20.50 3.27
C ILE B 196 11.27 -21.40 2.03
N VAL B 197 10.36 -22.33 1.91
CA VAL B 197 10.34 -23.25 0.77
C VAL B 197 9.38 -22.76 -0.32
N VAL B 198 9.91 -22.57 -1.53
CA VAL B 198 9.11 -22.10 -2.65
C VAL B 198 9.49 -22.76 -3.97
N CYS B 199 8.48 -23.05 -4.79
CA CYS B 199 8.70 -23.66 -6.08
C CYS B 199 9.31 -22.64 -7.05
N CYS B 200 10.16 -23.10 -7.95
CA CYS B 200 10.82 -22.19 -8.89
C CYS B 200 10.87 -22.75 -10.30
N VAL B 201 10.44 -21.95 -11.28
CA VAL B 201 10.49 -22.38 -12.69
C VAL B 201 10.94 -21.23 -13.59
N THR B 202 10.23 -20.10 -13.58
CA THR B 202 10.63 -18.97 -14.40
C THR B 202 11.41 -17.93 -13.62
N GLY B 203 11.44 -18.05 -12.29
CA GLY B 203 12.21 -17.10 -11.50
C GLY B 203 11.51 -16.15 -10.54
N SER B 204 11.37 -14.90 -10.97
CA SER B 204 10.76 -13.80 -10.20
C SER B 204 10.23 -14.05 -8.78
N THR B 205 9.45 -15.11 -8.57
CA THR B 205 8.94 -15.38 -7.21
C THR B 205 10.11 -15.59 -6.24
N THR B 206 11.00 -16.50 -6.60
CA THR B 206 12.16 -16.80 -5.78
C THR B 206 13.09 -15.59 -5.74
N ALA B 207 13.39 -15.03 -6.91
CA ALA B 207 14.27 -13.87 -7.01
C ALA B 207 13.77 -12.76 -6.09
N GLY B 208 12.48 -12.48 -6.20
CA GLY B 208 11.89 -11.44 -5.39
C GLY B 208 12.01 -11.73 -3.91
N ILE B 209 11.83 -12.99 -3.54
CA ILE B 209 11.93 -13.36 -2.14
C ILE B 209 13.37 -13.22 -1.68
N LEU B 210 14.30 -13.54 -2.58
CA LEU B 210 15.73 -13.44 -2.29
C LEU B 210 16.14 -11.98 -2.09
N ALA B 211 15.81 -11.13 -3.06
CA ALA B 211 16.14 -9.70 -2.97
C ALA B 211 15.42 -9.08 -1.77
N GLY B 212 14.18 -9.49 -1.57
CA GLY B 212 13.40 -8.96 -0.46
C GLY B 212 13.97 -9.38 0.88
N MET B 213 14.16 -10.68 1.06
CA MET B 213 14.70 -11.16 2.32
C MET B 213 16.07 -10.57 2.61
N ALA B 214 16.83 -10.26 1.56
CA ALA B 214 18.15 -9.67 1.71
C ALA B 214 18.11 -8.35 2.50
N GLN B 215 17.02 -7.60 2.36
CA GLN B 215 16.89 -6.34 3.08
C GLN B 215 17.15 -6.54 4.58
N TYR B 216 16.83 -7.74 5.07
CA TYR B 216 17.04 -8.08 6.48
C TYR B 216 18.18 -9.08 6.61
N GLY B 217 18.98 -9.22 5.55
CA GLY B 217 20.10 -10.13 5.58
C GLY B 217 19.71 -11.59 5.77
N ARG B 218 18.52 -11.97 5.32
CA ARG B 218 18.06 -13.35 5.47
C ARG B 218 17.88 -14.13 4.16
N GLN B 219 18.57 -13.70 3.10
CA GLN B 219 18.44 -14.38 1.81
C GLN B 219 18.59 -15.89 1.91
N ASP B 220 19.49 -16.35 2.77
CA ASP B 220 19.73 -17.78 2.89
C ASP B 220 18.62 -18.60 3.54
N ASP B 221 17.56 -17.94 3.98
CA ASP B 221 16.42 -18.63 4.58
C ASP B 221 15.67 -19.31 3.45
N VAL B 222 15.89 -18.83 2.24
CA VAL B 222 15.22 -19.33 1.04
C VAL B 222 15.72 -20.70 0.57
N ILE B 223 14.77 -21.50 0.11
CA ILE B 223 15.03 -22.84 -0.42
C ILE B 223 14.06 -23.08 -1.56
N ALA B 224 14.53 -22.84 -2.78
CA ALA B 224 13.72 -23.02 -3.97
C ALA B 224 13.78 -24.46 -4.48
N ILE B 225 12.61 -25.04 -4.74
CA ILE B 225 12.52 -26.40 -5.25
C ILE B 225 12.24 -26.35 -6.74
N ASP B 226 13.26 -26.62 -7.55
CA ASP B 226 13.11 -26.59 -9.00
C ASP B 226 11.99 -27.48 -9.50
N ALA B 227 11.21 -26.96 -10.45
CA ALA B 227 10.12 -27.71 -11.03
C ALA B 227 10.17 -27.63 -12.56
N SER B 228 11.18 -26.93 -13.07
CA SER B 228 11.33 -26.76 -14.51
C SER B 228 12.13 -27.90 -15.15
N PHE B 229 12.95 -28.56 -14.34
CA PHE B 229 13.80 -29.67 -14.80
C PHE B 229 14.98 -29.18 -15.64
N THR B 230 15.03 -27.88 -15.88
CA THR B 230 16.11 -27.28 -16.65
C THR B 230 16.93 -26.42 -15.70
N SER B 231 17.23 -26.98 -14.53
CA SER B 231 17.99 -26.32 -13.48
C SER B 231 18.96 -25.27 -13.95
N GLU B 232 19.81 -25.67 -14.91
CA GLU B 232 20.81 -24.78 -15.46
C GLU B 232 20.27 -23.40 -15.81
N LYS B 233 19.47 -23.32 -16.88
CA LYS B 233 18.91 -22.04 -17.30
C LYS B 233 17.99 -21.43 -16.25
N THR B 234 17.42 -22.26 -15.39
CA THR B 234 16.52 -21.77 -14.36
C THR B 234 17.27 -20.96 -13.31
N LYS B 235 18.35 -21.53 -12.76
CA LYS B 235 19.13 -20.83 -11.75
C LYS B 235 19.80 -19.58 -12.32
N GLU B 236 20.12 -19.60 -13.60
CA GLU B 236 20.76 -18.45 -14.22
C GLU B 236 19.81 -17.27 -14.39
N GLN B 237 18.56 -17.57 -14.77
CA GLN B 237 17.58 -16.51 -14.96
C GLN B 237 17.08 -15.99 -13.62
N THR B 238 16.93 -16.88 -12.65
CA THR B 238 16.46 -16.50 -11.33
C THR B 238 17.46 -15.50 -10.74
N LEU B 239 18.73 -15.90 -10.74
CA LEU B 239 19.82 -15.09 -10.21
C LEU B 239 19.93 -13.76 -10.95
N ARG B 240 19.64 -13.77 -12.24
CA ARG B 240 19.71 -12.58 -13.07
C ARG B 240 18.63 -11.59 -12.61
N ILE B 241 17.44 -12.11 -12.35
CA ILE B 241 16.33 -11.28 -11.88
C ILE B 241 16.66 -10.75 -10.49
N ALA B 242 17.10 -11.63 -9.61
CA ALA B 242 17.43 -11.27 -8.22
C ALA B 242 18.35 -10.07 -8.11
N ASN B 243 19.35 -10.00 -8.98
CA ASN B 243 20.30 -8.89 -8.96
C ASN B 243 19.67 -7.62 -9.48
N ASN B 244 18.83 -7.74 -10.50
CA ASN B 244 18.15 -6.58 -11.05
C ASN B 244 17.18 -6.01 -10.01
N THR B 245 16.32 -6.86 -9.48
CA THR B 245 15.33 -6.44 -8.47
C THR B 245 16.03 -5.81 -7.28
N ALA B 246 17.18 -6.37 -6.90
CA ALA B 246 17.96 -5.84 -5.79
C ALA B 246 18.42 -4.43 -6.11
N LYS B 247 18.97 -4.24 -7.31
CA LYS B 247 19.43 -2.92 -7.73
C LYS B 247 18.25 -1.96 -7.69
N LEU B 248 17.10 -2.42 -8.18
CA LEU B 248 15.89 -1.62 -8.21
C LEU B 248 15.51 -1.12 -6.83
N ILE B 249 15.35 -2.06 -5.89
CA ILE B 249 14.95 -1.70 -4.55
C ILE B 249 16.06 -1.11 -3.69
N GLY B 250 17.25 -0.97 -4.25
CA GLY B 250 18.34 -0.38 -3.49
C GLY B 250 19.22 -1.34 -2.71
N VAL B 251 18.89 -2.64 -2.75
CA VAL B 251 19.68 -3.63 -2.03
C VAL B 251 21.05 -3.81 -2.71
N GLU B 252 22.10 -3.45 -1.99
CA GLU B 252 23.46 -3.55 -2.48
C GLU B 252 23.96 -4.98 -2.64
N HIS B 253 23.53 -5.87 -1.75
CA HIS B 253 23.95 -7.27 -1.79
C HIS B 253 23.96 -7.80 -3.21
N GLU B 254 24.95 -8.63 -3.52
CA GLU B 254 25.07 -9.21 -4.85
C GLU B 254 24.84 -10.71 -4.80
N PHE B 255 23.82 -11.18 -5.51
CA PHE B 255 23.49 -12.60 -5.52
C PHE B 255 24.33 -13.38 -6.51
N LYS B 256 25.22 -14.22 -5.97
CA LYS B 256 26.10 -15.05 -6.79
C LYS B 256 25.54 -16.46 -6.90
N ASP B 257 24.66 -16.84 -5.96
CA ASP B 257 24.08 -18.17 -5.96
C ASP B 257 23.00 -18.29 -4.90
N PHE B 258 22.20 -19.35 -4.99
CA PHE B 258 21.14 -19.61 -4.02
C PHE B 258 20.81 -21.10 -4.00
N THR B 259 20.09 -21.52 -2.97
CA THR B 259 19.73 -22.92 -2.82
C THR B 259 18.63 -23.32 -3.80
N LEU B 260 18.98 -24.16 -4.76
CA LEU B 260 18.01 -24.64 -5.76
C LEU B 260 18.07 -26.15 -5.81
N ASP B 261 17.19 -26.81 -5.06
CA ASP B 261 17.15 -28.26 -5.03
C ASP B 261 16.58 -28.75 -6.36
N THR B 262 17.31 -29.62 -7.05
CA THR B 262 16.89 -30.13 -8.36
C THR B 262 16.37 -31.56 -8.38
N ARG B 263 16.48 -32.25 -7.26
CA ARG B 263 16.06 -33.64 -7.15
C ARG B 263 14.57 -33.94 -7.34
N PHE B 264 13.76 -32.97 -7.73
CA PHE B 264 12.34 -33.26 -7.85
C PHE B 264 11.63 -32.81 -9.12
N ALA B 265 12.34 -32.21 -10.06
CA ALA B 265 11.70 -31.76 -11.29
C ALA B 265 11.36 -32.89 -12.26
N TYR B 266 11.97 -34.06 -12.06
CA TYR B 266 11.74 -35.21 -12.94
C TYR B 266 10.30 -35.74 -12.86
N PRO B 267 9.81 -36.33 -13.97
CA PRO B 267 10.51 -36.53 -15.24
C PRO B 267 10.80 -35.22 -15.98
N CYS B 268 9.83 -34.33 -16.04
CA CYS B 268 10.01 -33.06 -16.72
C CYS B 268 8.89 -32.08 -16.38
N TYR B 269 9.03 -30.84 -16.88
CA TYR B 269 8.04 -29.81 -16.61
C TYR B 269 6.63 -30.23 -16.96
N GLY B 270 5.74 -30.16 -15.97
CA GLY B 270 4.35 -30.50 -16.19
C GLY B 270 3.94 -31.94 -15.94
N VAL B 271 4.91 -32.81 -15.76
CA VAL B 271 4.62 -34.23 -15.52
C VAL B 271 5.05 -34.66 -14.14
N PRO B 272 4.08 -35.03 -13.29
CA PRO B 272 4.40 -35.45 -11.93
C PRO B 272 4.96 -36.87 -11.92
N ASN B 273 5.77 -37.16 -10.91
CA ASN B 273 6.32 -38.50 -10.77
C ASN B 273 5.56 -39.14 -9.62
N GLU B 274 5.86 -40.41 -9.34
CA GLU B 274 5.18 -41.10 -8.26
C GLU B 274 5.31 -40.31 -6.96
N GLY B 275 6.42 -39.60 -6.81
CA GLY B 275 6.64 -38.80 -5.61
C GLY B 275 5.70 -37.62 -5.52
N THR B 276 5.55 -36.88 -6.61
CA THR B 276 4.66 -35.73 -6.63
C THR B 276 3.29 -36.15 -6.14
N ILE B 277 2.72 -37.14 -6.82
CA ILE B 277 1.40 -37.64 -6.51
C ILE B 277 1.26 -38.02 -5.03
N GLU B 278 2.28 -38.67 -4.49
CA GLU B 278 2.24 -39.06 -3.08
C GLU B 278 2.18 -37.84 -2.18
N ALA B 279 2.93 -36.80 -2.56
CA ALA B 279 2.95 -35.56 -1.78
C ALA B 279 1.61 -34.86 -1.82
N ILE B 280 1.03 -34.75 -3.00
CA ILE B 280 -0.26 -34.10 -3.14
C ILE B 280 -1.28 -34.81 -2.25
N ARG B 281 -1.25 -36.14 -2.28
CA ARG B 281 -2.15 -36.97 -1.48
C ARG B 281 -1.97 -36.69 0.01
N THR B 282 -0.73 -36.88 0.46
CA THR B 282 -0.37 -36.67 1.84
C THR B 282 -0.85 -35.31 2.34
N CYS B 283 -0.53 -34.26 1.60
CA CYS B 283 -0.95 -32.92 1.98
C CYS B 283 -2.46 -32.78 1.97
N ALA B 284 -3.09 -33.26 0.90
CA ALA B 284 -4.54 -33.20 0.79
C ALA B 284 -5.19 -34.00 1.90
N GLU B 285 -4.65 -35.18 2.18
CA GLU B 285 -5.21 -36.04 3.21
C GLU B 285 -5.01 -35.52 4.64
N GLN B 286 -3.88 -34.86 4.87
CA GLN B 286 -3.56 -34.35 6.19
C GLN B 286 -4.06 -32.95 6.52
N GLU B 287 -3.96 -32.03 5.57
CA GLU B 287 -4.39 -30.65 5.80
C GLU B 287 -5.63 -30.21 5.05
N GLY B 288 -5.99 -30.95 4.00
CA GLY B 288 -7.14 -30.56 3.22
C GLY B 288 -6.72 -29.46 2.27
N VAL B 289 -5.41 -29.34 2.05
CA VAL B 289 -4.88 -28.34 1.13
C VAL B 289 -4.56 -29.02 -0.19
N LEU B 290 -4.93 -28.35 -1.28
CA LEU B 290 -4.71 -28.89 -2.61
C LEU B 290 -3.50 -28.31 -3.32
N THR B 291 -2.69 -29.19 -3.88
CA THR B 291 -1.49 -28.80 -4.62
C THR B 291 -1.60 -29.45 -6.01
N ASP B 292 -0.98 -28.84 -7.01
CA ASP B 292 -1.05 -29.37 -8.37
C ASP B 292 0.16 -30.25 -8.74
N PRO B 293 0.04 -31.04 -9.81
CA PRO B 293 1.10 -31.93 -10.27
C PRO B 293 2.25 -31.21 -10.99
N VAL B 294 2.03 -29.95 -11.36
CA VAL B 294 3.06 -29.20 -12.07
C VAL B 294 4.04 -28.46 -11.17
N PHE B 295 3.52 -27.81 -10.11
CA PHE B 295 4.40 -27.06 -9.23
C PHE B 295 4.29 -27.43 -7.76
N GLU B 296 3.32 -26.82 -7.09
CA GLU B 296 3.13 -27.04 -5.67
C GLU B 296 3.33 -28.49 -5.25
N GLY B 297 2.91 -29.42 -6.09
CA GLY B 297 3.09 -30.82 -5.76
C GLY B 297 4.57 -31.13 -5.58
N LYS B 298 5.36 -30.76 -6.57
CA LYS B 298 6.79 -31.02 -6.53
C LYS B 298 7.50 -30.24 -5.41
N SER B 299 7.11 -28.99 -5.19
CA SER B 299 7.73 -28.23 -4.12
C SER B 299 7.29 -28.88 -2.80
N MET B 300 6.09 -29.45 -2.80
CA MET B 300 5.56 -30.10 -1.60
C MET B 300 6.30 -31.41 -1.34
N GLN B 301 6.48 -32.22 -2.38
CA GLN B 301 7.19 -33.49 -2.19
C GLN B 301 8.58 -33.09 -1.69
N GLY B 302 9.16 -32.07 -2.33
CA GLY B 302 10.47 -31.58 -1.95
C GLY B 302 10.50 -31.24 -0.48
N LEU B 303 9.50 -30.49 -0.02
CA LEU B 303 9.41 -30.09 1.38
C LEU B 303 9.39 -31.35 2.23
N ILE B 304 8.54 -32.30 1.82
CA ILE B 304 8.41 -33.58 2.53
C ILE B 304 9.73 -34.38 2.58
N ALA B 305 10.48 -34.33 1.47
CA ALA B 305 11.74 -35.05 1.38
C ALA B 305 12.74 -34.48 2.38
N LEU B 306 13.02 -33.19 2.28
CA LEU B 306 13.96 -32.53 3.17
C LEU B 306 13.62 -32.77 4.63
N ILE B 307 12.33 -32.71 4.97
CA ILE B 307 11.93 -32.95 6.35
C ILE B 307 12.37 -34.37 6.72
N LYS B 308 12.04 -35.32 5.84
CA LYS B 308 12.39 -36.72 6.07
C LYS B 308 13.86 -36.87 6.38
N GLU B 309 14.72 -36.43 5.45
CA GLU B 309 16.15 -36.54 5.63
C GLU B 309 16.71 -35.55 6.66
N ASP B 310 15.88 -35.18 7.63
CA ASP B 310 16.28 -34.26 8.69
C ASP B 310 17.16 -33.12 8.20
N TYR B 311 16.73 -32.47 7.12
CA TYR B 311 17.49 -31.35 6.54
C TYR B 311 17.44 -30.11 7.44
N PHE B 312 16.30 -29.92 8.11
CA PHE B 312 16.13 -28.76 8.98
C PHE B 312 16.48 -29.12 10.41
N LYS B 313 16.86 -28.10 11.18
CA LYS B 313 17.21 -28.29 12.57
C LYS B 313 15.98 -28.78 13.32
N PRO B 314 16.17 -29.65 14.30
CA PRO B 314 15.02 -30.18 15.06
C PRO B 314 14.14 -29.08 15.62
N GLY B 315 12.89 -29.02 15.15
CA GLY B 315 11.95 -28.02 15.63
C GLY B 315 11.82 -26.76 14.81
N ALA B 316 12.62 -26.66 13.75
CA ALA B 316 12.61 -25.49 12.89
C ALA B 316 11.22 -25.17 12.34
N ASN B 317 10.94 -23.88 12.19
CA ASN B 317 9.67 -23.42 11.66
C ASN B 317 9.89 -23.15 10.18
N VAL B 318 9.29 -23.97 9.33
CA VAL B 318 9.49 -23.76 7.90
C VAL B 318 8.24 -23.19 7.25
N LEU B 319 8.42 -22.14 6.46
CA LEU B 319 7.30 -21.51 5.77
C LEU B 319 7.21 -22.00 4.34
N TYR B 320 6.20 -22.81 4.08
CA TYR B 320 5.99 -23.32 2.74
C TYR B 320 5.21 -22.23 2.02
N VAL B 321 5.62 -21.89 0.82
CA VAL B 321 4.94 -20.85 0.05
C VAL B 321 4.00 -21.44 -1.02
N HIS B 322 2.73 -21.64 -0.66
CA HIS B 322 1.77 -22.19 -1.61
C HIS B 322 1.37 -21.12 -2.62
N LEU B 323 1.89 -21.25 -3.84
CA LEU B 323 1.65 -20.29 -4.89
C LEU B 323 0.35 -20.46 -5.69
N GLY B 324 -0.38 -21.55 -5.45
CA GLY B 324 -1.62 -21.77 -6.14
C GLY B 324 -1.59 -22.92 -7.14
N GLY B 325 -2.20 -22.69 -8.31
CA GLY B 325 -2.22 -23.70 -9.35
C GLY B 325 -3.11 -24.90 -9.16
N ALA B 326 -3.95 -24.90 -8.14
CA ALA B 326 -4.84 -26.04 -7.91
C ALA B 326 -5.94 -26.18 -8.97
N PRO B 327 -6.34 -25.07 -9.64
CA PRO B 327 -7.37 -25.14 -10.67
C PRO B 327 -6.99 -25.99 -11.87
N ALA B 328 -5.70 -26.26 -12.02
CA ALA B 328 -5.20 -27.07 -13.14
C ALA B 328 -5.21 -28.54 -12.77
N LEU B 329 -5.78 -28.84 -11.60
CA LEU B 329 -5.84 -30.21 -11.12
C LEU B 329 -6.79 -31.10 -11.95
N SER B 330 -7.78 -30.49 -12.58
CA SER B 330 -8.76 -31.22 -13.38
C SER B 330 -8.19 -31.77 -14.69
N ALA B 331 -7.00 -31.32 -15.06
CA ALA B 331 -6.36 -31.81 -16.26
C ALA B 331 -5.45 -32.97 -15.93
N TYR B 332 -5.50 -33.41 -14.67
CA TYR B 332 -4.66 -34.52 -14.20
C TYR B 332 -5.49 -35.53 -13.41
N SER B 333 -6.80 -35.44 -13.55
CA SER B 333 -7.74 -36.32 -12.87
C SER B 333 -7.39 -37.80 -12.93
N SER B 334 -6.66 -38.20 -13.98
CA SER B 334 -6.28 -39.58 -14.16
C SER B 334 -5.18 -40.09 -13.23
N PHE B 335 -4.44 -39.16 -12.62
CA PHE B 335 -3.35 -39.55 -11.72
C PHE B 335 -3.79 -39.88 -10.30
N PHE B 336 -5.07 -39.73 -10.00
CA PHE B 336 -5.55 -40.01 -8.65
C PHE B 336 -6.73 -40.96 -8.59
N PRO B 337 -6.47 -42.27 -8.53
CA PRO B 337 -7.58 -43.24 -8.46
C PRO B 337 -8.24 -43.11 -7.09
N THR B 338 -9.36 -43.80 -6.88
CA THR B 338 -10.03 -43.72 -5.59
C THR B 338 -9.26 -44.55 -4.56
N LYS B 339 -9.22 -44.07 -3.32
CA LYS B 339 -8.51 -44.75 -2.24
C LYS B 339 -9.37 -45.87 -1.64
N THR B 340 -8.72 -46.95 -1.22
CA THR B 340 -9.40 -48.11 -0.64
C THR B 340 -9.86 -47.84 0.80
N ALA B 341 -11.12 -47.45 0.96
CA ALA B 341 -11.69 -47.17 2.28
C ALA B 341 -10.80 -46.22 3.09
N ALA C 1 35.80 8.30 -15.16
CA ALA C 1 35.33 9.33 -14.19
C ALA C 1 35.02 8.72 -12.83
N GLY C 2 34.31 9.47 -11.98
CA GLY C 2 33.96 8.94 -10.68
C GLY C 2 33.96 9.93 -9.53
N VAL C 3 32.83 10.00 -8.83
CA VAL C 3 32.69 10.88 -7.68
C VAL C 3 32.86 9.96 -6.50
N ALA C 4 32.85 8.65 -6.77
CA ALA C 4 32.98 7.65 -5.74
C ALA C 4 34.31 7.71 -5.01
N LYS C 5 35.33 8.24 -5.67
CA LYS C 5 36.65 8.35 -5.05
C LYS C 5 36.70 9.37 -3.93
N PHE C 6 35.66 10.21 -3.82
CA PHE C 6 35.65 11.22 -2.77
C PHE C 6 34.77 10.81 -1.60
N ALA C 7 35.27 11.09 -0.40
CA ALA C 7 34.56 10.76 0.83
C ALA C 7 33.24 11.51 0.91
N LYS C 8 32.20 10.84 1.41
CA LYS C 8 30.90 11.44 1.54
C LYS C 8 30.28 11.13 2.90
N TYR C 9 29.91 12.18 3.62
CA TYR C 9 29.29 12.01 4.92
C TYR C 9 27.80 12.25 4.71
N PRO C 10 26.97 11.27 5.05
CA PRO C 10 25.51 11.35 4.89
C PRO C 10 24.83 12.43 5.73
N LEU C 11 24.00 13.24 5.07
CA LEU C 11 23.26 14.31 5.71
C LEU C 11 21.83 14.24 5.19
N THR C 12 21.58 13.27 4.32
CA THR C 12 20.27 13.12 3.73
C THR C 12 19.73 11.73 3.94
N PHE C 13 18.51 11.48 3.49
CA PHE C 13 17.88 10.18 3.66
C PHE C 13 18.24 9.22 2.53
N GLY C 14 18.95 9.72 1.52
CA GLY C 14 19.32 8.89 0.40
C GLY C 14 18.98 9.57 -0.92
N PRO C 15 18.75 8.79 -1.99
CA PRO C 15 18.41 9.41 -3.28
C PRO C 15 17.11 10.19 -3.20
N SER C 16 17.15 11.49 -3.47
CA SER C 16 15.96 12.31 -3.40
C SER C 16 14.90 11.76 -4.36
N PRO C 17 13.65 11.63 -3.89
CA PRO C 17 12.54 11.12 -4.69
C PRO C 17 12.12 12.00 -5.87
N ILE C 18 11.40 11.40 -6.80
CA ILE C 18 10.94 12.10 -8.00
C ILE C 18 9.43 12.14 -8.08
N SER C 19 8.87 13.35 -8.05
CA SER C 19 7.42 13.53 -8.12
C SER C 19 6.92 13.64 -9.56
N ASN C 20 5.78 13.04 -9.83
CA ASN C 20 5.17 13.10 -11.15
C ASN C 20 4.12 14.23 -11.11
N LEU C 21 4.47 15.42 -11.60
CA LEU C 21 3.52 16.54 -11.61
C LEU C 21 2.56 16.48 -12.82
N ASN C 22 1.78 15.41 -12.87
CA ASN C 22 0.87 15.21 -13.99
C ASN C 22 -0.27 16.22 -14.11
N ARG C 23 -0.76 16.71 -12.97
CA ARG C 23 -1.84 17.69 -13.01
C ARG C 23 -1.31 19.00 -13.56
N LEU C 24 -0.09 19.37 -13.16
CA LEU C 24 0.49 20.59 -13.67
C LEU C 24 0.73 20.42 -15.17
N SER C 25 1.08 19.21 -15.58
CA SER C 25 1.35 18.90 -16.99
C SER C 25 0.11 19.11 -17.85
N GLN C 26 -1.02 18.54 -17.44
CA GLN C 26 -2.27 18.67 -18.18
C GLN C 26 -2.68 20.13 -18.23
N HIS C 27 -2.62 20.77 -17.07
CA HIS C 27 -2.98 22.17 -16.96
C HIS C 27 -2.22 23.00 -18.00
N LEU C 28 -0.94 22.74 -18.14
CA LEU C 28 -0.11 23.48 -19.10
C LEU C 28 -0.28 23.01 -20.55
N GLY C 29 -1.36 22.28 -20.81
CA GLY C 29 -1.62 21.83 -22.17
C GLY C 29 -1.22 20.41 -22.57
N SER C 30 -0.74 19.62 -21.62
CA SER C 30 -0.35 18.25 -21.93
C SER C 30 0.65 18.21 -23.10
N LYS C 31 1.58 19.15 -23.12
CA LYS C 31 2.57 19.23 -24.19
C LYS C 31 3.91 18.60 -23.78
N VAL C 32 4.07 18.36 -22.47
CA VAL C 32 5.26 17.72 -21.91
C VAL C 32 4.85 17.03 -20.62
N ASN C 33 5.73 16.16 -20.12
CA ASN C 33 5.44 15.45 -18.88
C ASN C 33 6.42 16.02 -17.85
N VAL C 34 5.90 16.81 -16.92
CA VAL C 34 6.75 17.40 -15.89
C VAL C 34 6.95 16.46 -14.69
N TYR C 35 8.20 16.40 -14.23
CA TYR C 35 8.58 15.59 -13.09
C TYR C 35 9.45 16.50 -12.26
N ALA C 36 9.55 16.21 -10.98
CA ALA C 36 10.37 17.03 -10.08
C ALA C 36 11.22 16.18 -9.12
N LYS C 37 12.53 16.35 -9.20
CA LYS C 37 13.42 15.62 -8.32
C LYS C 37 13.40 16.47 -7.05
N ARG C 38 12.90 15.87 -5.98
CA ARG C 38 12.71 16.56 -4.72
C ARG C 38 13.86 16.73 -3.74
N GLU C 39 14.74 17.67 -4.06
CA GLU C 39 15.86 18.01 -3.20
C GLU C 39 15.30 18.77 -1.99
N ASP C 40 14.08 19.27 -2.12
CA ASP C 40 13.45 20.02 -1.05
C ASP C 40 12.97 19.08 0.07
N CYS C 41 12.93 17.78 -0.24
CA CYS C 41 12.50 16.77 0.72
C CYS C 41 13.61 15.73 0.99
N ASN C 42 14.85 16.19 1.11
CA ASN C 42 15.97 15.27 1.25
C ASN C 42 16.50 14.94 2.65
N SER C 43 16.29 15.83 3.61
CA SER C 43 16.83 15.60 4.92
C SER C 43 15.98 16.08 6.09
N GLY C 44 16.21 15.47 7.25
CA GLY C 44 15.48 15.85 8.45
C GLY C 44 16.17 17.02 9.13
N LEU C 45 17.19 17.57 8.49
CA LEU C 45 17.96 18.70 9.01
C LEU C 45 17.41 20.07 8.60
N ALA C 46 16.64 20.67 9.51
CA ALA C 46 16.06 22.01 9.28
C ALA C 46 15.45 22.25 7.89
N PHE C 47 14.61 21.32 7.45
CA PHE C 47 13.92 21.41 6.15
C PHE C 47 14.76 20.93 4.96
N GLY C 48 16.08 20.86 5.14
CA GLY C 48 16.93 20.40 4.06
C GLY C 48 16.93 21.30 2.84
N GLY C 49 17.48 20.78 1.74
CA GLY C 49 17.58 21.54 0.51
C GLY C 49 18.85 21.13 -0.25
N ASN C 50 19.08 21.76 -1.40
CA ASN C 50 20.23 21.43 -2.24
C ASN C 50 21.60 21.62 -1.58
N LEU C 52 22.59 20.86 1.39
CA LEU C 52 22.95 19.66 2.13
C LEU C 52 23.66 18.66 1.22
N ARG C 53 23.13 18.45 0.01
CA ARG C 53 23.76 17.50 -0.91
C ARG C 53 25.21 17.93 -1.17
N LYS C 54 25.45 19.24 -1.26
CA LYS C 54 26.80 19.74 -1.50
C LYS C 54 27.69 19.47 -0.28
N LEU C 55 27.13 19.74 0.89
CA LEU C 55 27.85 19.59 2.13
C LEU C 55 28.30 18.18 2.47
N GLU C 56 27.61 17.18 1.92
CA GLU C 56 27.99 15.80 2.20
C GLU C 56 29.44 15.50 1.81
N TYR C 57 29.93 16.19 0.77
CA TYR C 57 31.29 16.00 0.28
C TYR C 57 32.29 16.96 0.89
N ILE C 58 31.83 17.79 1.82
CA ILE C 58 32.68 18.76 2.47
C ILE C 58 32.87 18.44 3.96
N VAL C 59 31.93 17.70 4.52
CA VAL C 59 31.96 17.31 5.92
C VAL C 59 33.16 16.41 6.27
N PRO C 60 33.51 15.44 5.40
CA PRO C 60 34.65 14.59 5.73
C PRO C 60 35.89 15.43 6.00
N ASP C 61 36.06 16.48 5.21
CA ASP C 61 37.19 17.40 5.34
C ASP C 61 37.11 18.28 6.61
N ILE C 62 35.95 18.31 7.27
CA ILE C 62 35.77 19.11 8.48
C ILE C 62 35.99 18.24 9.71
N VAL C 63 35.51 17.01 9.63
CA VAL C 63 35.66 16.04 10.71
C VAL C 63 37.12 15.58 10.73
N GLU C 64 37.72 15.58 9.55
CA GLU C 64 39.11 15.19 9.36
C GLU C 64 40.07 16.15 10.04
N GLY C 65 39.87 17.45 9.80
CA GLY C 65 40.74 18.44 10.41
C GLY C 65 40.34 18.77 11.83
N ASP C 66 40.92 19.85 12.37
CA ASP C 66 40.63 20.30 13.72
C ASP C 66 39.93 21.63 13.58
N TYR C 67 38.61 21.62 13.73
CA TYR C 67 37.83 22.86 13.59
C TYR C 67 36.87 23.11 14.72
N THR C 68 36.70 24.38 15.06
CA THR C 68 35.81 24.79 16.13
C THR C 68 34.56 25.47 15.61
N HIS C 69 34.70 26.23 14.53
CA HIS C 69 33.59 26.98 13.96
C HIS C 69 33.35 26.76 12.47
N LEU C 70 32.08 26.62 12.11
CA LEU C 70 31.69 26.51 10.70
C LEU C 70 31.24 27.93 10.37
N VAL C 71 31.90 28.56 9.40
CA VAL C 71 31.59 29.93 9.02
C VAL C 71 31.07 30.03 7.60
N SER C 72 29.88 30.60 7.44
CA SER C 72 29.30 30.74 6.10
C SER C 72 28.77 32.16 5.86
N ILE C 73 28.04 32.33 4.77
CA ILE C 73 27.52 33.64 4.43
C ILE C 73 26.45 33.54 3.38
N GLY C 74 25.63 34.58 3.29
CA GLY C 74 24.55 34.62 2.32
C GLY C 74 23.69 35.83 2.56
N GLY C 75 22.49 35.85 1.98
CA GLY C 75 21.61 36.97 2.19
C GLY C 75 20.77 36.75 3.45
N ARG C 76 19.93 37.72 3.78
CA ARG C 76 19.07 37.64 4.97
C ARG C 76 18.29 36.34 5.05
N GLN C 77 17.56 36.00 3.98
CA GLN C 77 16.77 34.78 3.98
C GLN C 77 17.52 33.59 3.39
N SER C 78 18.83 33.66 3.42
CA SER C 78 19.66 32.59 2.89
C SER C 78 19.30 31.19 3.38
N ASN C 79 19.20 30.25 2.44
CA ASN C 79 18.91 28.87 2.81
C ASN C 79 20.24 28.24 3.22
N GLN C 80 21.31 28.62 2.51
CA GLN C 80 22.66 28.13 2.75
C GLN C 80 23.04 28.31 4.22
N THR C 81 22.93 29.53 4.70
CA THR C 81 23.24 29.83 6.09
C THR C 81 22.40 29.00 7.06
N ARG C 82 21.15 28.76 6.71
CA ARG C 82 20.27 27.97 7.58
C ARG C 82 20.67 26.50 7.60
N MET C 83 21.24 26.01 6.50
CA MET C 83 21.64 24.62 6.50
C MET C 83 22.98 24.44 7.19
N VAL C 84 23.86 25.42 7.04
CA VAL C 84 25.16 25.37 7.70
C VAL C 84 24.95 25.43 9.22
N ALA C 85 23.87 26.08 9.64
CA ALA C 85 23.57 26.18 11.07
C ALA C 85 23.18 24.78 11.57
N ALA C 86 22.29 24.12 10.84
CA ALA C 86 21.86 22.78 11.22
C ALA C 86 23.01 21.78 11.15
N LEU C 87 23.93 22.01 10.21
CA LEU C 87 25.06 21.12 10.04
C LEU C 87 25.94 21.25 11.27
N ALA C 88 26.28 22.47 11.62
CA ALA C 88 27.12 22.75 12.78
C ALA C 88 26.55 22.12 14.05
N ALA C 89 25.23 22.02 14.13
CA ALA C 89 24.58 21.43 15.30
C ALA C 89 24.72 19.92 15.25
N LYS C 90 24.74 19.39 14.04
CA LYS C 90 24.88 17.95 13.82
C LYS C 90 26.33 17.54 14.15
N LEU C 91 27.28 18.37 13.76
CA LEU C 91 28.70 18.11 13.98
C LEU C 91 29.19 18.56 15.35
N GLY C 92 28.31 19.17 16.14
CA GLY C 92 28.70 19.62 17.46
C GLY C 92 29.72 20.75 17.41
N LYS C 93 29.62 21.57 16.38
CA LYS C 93 30.52 22.70 16.20
C LYS C 93 29.79 24.00 16.47
N LYS C 94 30.55 25.09 16.60
CA LYS C 94 29.97 26.40 16.80
C LYS C 94 29.73 26.95 15.40
N CYS C 95 28.99 28.05 15.28
CA CYS C 95 28.66 28.55 13.96
C CYS C 95 28.53 30.06 13.85
N VAL C 96 29.22 30.64 12.88
CA VAL C 96 29.15 32.07 12.64
C VAL C 96 28.57 32.23 11.24
N LEU C 97 27.45 32.94 11.14
CA LEU C 97 26.79 33.15 9.88
C LEU C 97 26.73 34.64 9.53
N ILE C 98 27.22 34.98 8.35
CA ILE C 98 27.19 36.37 7.89
C ILE C 98 26.01 36.53 6.96
N GLN C 99 25.06 37.38 7.36
CA GLN C 99 23.87 37.64 6.56
C GLN C 99 23.97 39.03 5.97
N GLU C 100 24.31 39.14 4.69
CA GLU C 100 24.44 40.43 4.05
C GLU C 100 23.10 40.92 3.51
N ASP C 101 23.04 42.22 3.22
CA ASP C 101 21.83 42.85 2.69
C ASP C 101 21.82 42.65 1.17
N TRP C 102 21.32 41.50 0.73
CA TRP C 102 21.31 41.20 -0.70
C TRP C 102 20.03 41.52 -1.42
N VAL C 103 18.97 41.81 -0.68
CA VAL C 103 17.69 42.08 -1.31
C VAL C 103 16.96 43.36 -0.85
N PRO C 104 16.44 44.13 -1.81
CA PRO C 104 15.71 45.36 -1.51
C PRO C 104 14.46 44.91 -0.76
N ILE C 105 14.42 45.11 0.55
CA ILE C 105 13.27 44.67 1.32
C ILE C 105 12.04 45.53 1.07
N PRO C 106 10.95 44.91 0.61
CA PRO C 106 9.71 45.65 0.34
C PRO C 106 9.28 46.38 1.61
N GLU C 107 8.50 47.44 1.43
CA GLU C 107 8.02 48.21 2.57
C GLU C 107 7.15 47.38 3.51
N ALA C 108 6.27 46.58 2.93
CA ALA C 108 5.35 45.75 3.70
C ALA C 108 6.02 44.52 4.32
N GLU C 109 7.34 44.44 4.23
CA GLU C 109 8.05 43.30 4.79
C GLU C 109 9.21 43.73 5.67
N LYS C 110 9.37 45.05 5.85
CA LYS C 110 10.48 45.59 6.63
C LYS C 110 10.65 45.11 8.07
N ASP C 111 9.55 44.80 8.76
CA ASP C 111 9.65 44.36 10.14
C ASP C 111 9.48 42.85 10.26
N VAL C 112 9.59 42.15 9.15
CA VAL C 112 9.41 40.72 9.15
C VAL C 112 10.52 39.97 8.41
N TYR C 113 11.09 40.64 7.42
CA TYR C 113 12.13 40.05 6.59
C TYR C 113 13.34 39.58 7.40
N ASN C 114 13.81 40.43 8.32
CA ASN C 114 14.97 40.08 9.11
C ASN C 114 14.67 39.28 10.38
N ARG C 115 13.44 38.80 10.54
CA ARG C 115 13.12 38.08 11.77
C ARG C 115 12.50 36.69 11.61
N VAL C 116 11.72 36.49 10.55
CA VAL C 116 11.06 35.22 10.32
C VAL C 116 11.82 34.35 9.33
N GLY C 117 11.23 33.22 8.97
CA GLY C 117 11.84 32.34 7.99
C GLY C 117 13.19 31.72 8.31
N ASN C 118 14.07 31.72 7.33
CA ASN C 118 15.38 31.12 7.49
C ASN C 118 16.27 31.71 8.56
N ILE C 119 16.34 33.03 8.62
CA ILE C 119 17.20 33.66 9.61
C ILE C 119 16.73 33.32 11.02
N GLU C 120 15.43 33.05 11.15
CA GLU C 120 14.89 32.70 12.44
C GLU C 120 15.45 31.33 12.83
N LEU C 121 15.33 30.38 11.90
CA LEU C 121 15.79 29.02 12.11
C LEU C 121 17.25 28.94 12.54
N SER C 122 18.09 29.75 11.92
CA SER C 122 19.48 29.75 12.29
C SER C 122 19.61 30.18 13.75
N ARG C 123 18.80 31.16 14.15
CA ARG C 123 18.84 31.65 15.54
C ARG C 123 18.42 30.57 16.52
N ILE C 124 17.40 29.81 16.15
CA ILE C 124 16.93 28.75 17.01
C ILE C 124 18.00 27.67 17.18
N MET C 125 18.77 27.40 16.12
CA MET C 125 19.82 26.39 16.20
C MET C 125 21.09 26.89 16.89
N GLY C 126 20.99 28.04 17.56
CA GLY C 126 22.12 28.59 18.30
C GLY C 126 23.29 29.19 17.53
N ALA C 127 23.07 29.53 16.27
CA ALA C 127 24.13 30.11 15.46
C ALA C 127 24.42 31.58 15.78
N ASP C 128 25.67 31.98 15.62
CA ASP C 128 26.08 33.37 15.83
C ASP C 128 25.70 34.15 14.57
N VAL C 129 24.46 34.64 14.53
CA VAL C 129 23.94 35.38 13.37
C VAL C 129 24.31 36.86 13.30
N ARG C 130 25.02 37.24 12.26
CA ARG C 130 25.44 38.63 12.09
C ARG C 130 24.80 39.27 10.86
N VAL C 131 24.01 40.31 11.11
CA VAL C 131 23.29 41.04 10.06
C VAL C 131 24.12 42.23 9.62
N ILE C 132 24.65 42.20 8.39
CA ILE C 132 25.47 43.29 7.90
C ILE C 132 24.91 43.98 6.64
N GLU C 133 25.43 45.16 6.32
CA GLU C 133 24.94 45.95 5.19
C GLU C 133 25.51 45.73 3.78
N ASP C 134 26.53 44.88 3.65
CA ASP C 134 27.11 44.62 2.33
C ASP C 134 26.04 44.13 1.33
N GLY C 135 26.25 44.46 0.06
CA GLY C 135 25.29 44.08 -0.97
C GLY C 135 25.51 42.75 -1.68
N PHE C 136 24.56 42.40 -2.54
CA PHE C 136 24.61 41.15 -3.31
C PHE C 136 25.81 40.94 -4.20
N ASP C 137 26.37 39.73 -4.15
CA ASP C 137 27.53 39.32 -4.95
C ASP C 137 27.78 37.83 -4.72
N ILE C 138 27.92 37.07 -5.81
CA ILE C 138 28.17 35.63 -5.70
C ILE C 138 29.64 35.28 -5.49
N GLY C 139 30.53 36.23 -5.79
CA GLY C 139 31.94 35.97 -5.61
C GLY C 139 32.35 36.11 -4.16
N MET C 140 33.61 35.82 -3.84
CA MET C 140 34.08 35.91 -2.47
C MET C 140 33.79 37.29 -1.89
N ARG C 141 33.58 37.35 -0.57
CA ARG C 141 33.26 38.60 0.09
C ARG C 141 34.26 39.00 1.20
N LYS C 142 34.51 40.29 1.31
CA LYS C 142 35.43 40.83 2.31
C LYS C 142 34.94 40.54 3.73
N SER C 143 33.63 40.61 3.94
CA SER C 143 33.03 40.36 5.26
C SER C 143 33.36 38.94 5.74
N PHE C 144 33.26 38.00 4.82
CA PHE C 144 33.55 36.60 5.11
C PHE C 144 35.03 36.52 5.55
N ALA C 145 35.90 37.17 4.77
CA ALA C 145 37.33 37.19 5.08
C ALA C 145 37.62 37.83 6.43
N ASN C 146 36.88 38.87 6.78
CA ASN C 146 37.09 39.54 8.05
C ASN C 146 36.63 38.63 9.19
N ALA C 147 35.53 37.92 8.95
CA ALA C 147 34.98 37.00 9.95
C ALA C 147 35.95 35.88 10.29
N LEU C 148 36.66 35.38 9.28
CA LEU C 148 37.61 34.29 9.47
C LEU C 148 38.86 34.74 10.24
N GLN C 149 39.36 35.92 9.91
CA GLN C 149 40.55 36.44 10.58
C GLN C 149 40.24 36.74 12.03
N GLU C 150 39.11 37.39 12.29
CA GLU C 150 38.69 37.72 13.65
C GLU C 150 38.62 36.47 14.52
N LEU C 151 37.98 35.42 14.01
CA LEU C 151 37.84 34.17 14.75
C LEU C 151 39.19 33.53 15.09
N GLU C 152 40.11 33.58 14.13
CA GLU C 152 41.44 33.01 14.35
C GLU C 152 42.25 33.82 15.34
N ASP C 153 42.05 35.13 15.34
CA ASP C 153 42.77 36.01 16.26
C ASP C 153 42.28 35.79 17.70
N ALA C 154 41.14 35.11 17.82
CA ALA C 154 40.57 34.83 19.13
C ALA C 154 40.97 33.43 19.58
N GLY C 155 41.74 32.75 18.72
CA GLY C 155 42.22 31.42 19.04
C GLY C 155 41.34 30.27 18.60
N HIS C 156 40.43 30.53 17.67
CA HIS C 156 39.50 29.50 17.19
C HIS C 156 39.93 28.93 15.85
N LYS C 157 39.35 27.79 15.48
CA LYS C 157 39.66 27.13 14.21
C LYS C 157 38.45 27.16 13.28
N PRO C 158 38.30 28.23 12.49
CA PRO C 158 37.19 28.38 11.56
C PRO C 158 37.34 27.65 10.23
N TYR C 159 36.26 26.99 9.81
CA TYR C 159 36.23 26.29 8.53
C TYR C 159 35.30 27.10 7.62
N PRO C 160 35.87 27.76 6.60
CA PRO C 160 35.15 28.59 5.62
C PRO C 160 34.27 27.86 4.62
N ILE C 161 33.03 28.31 4.52
CA ILE C 161 32.06 27.73 3.60
C ILE C 161 31.41 28.90 2.88
N PRO C 162 31.92 29.26 1.68
CA PRO C 162 31.44 30.36 0.83
C PRO C 162 29.97 30.24 0.43
N ALA C 163 29.44 31.30 -0.15
CA ALA C 163 28.05 31.34 -0.57
C ALA C 163 27.67 30.06 -1.32
N GLY C 164 26.58 29.45 -0.88
CA GLY C 164 26.11 28.22 -1.51
C GLY C 164 27.11 27.08 -1.65
N CYS C 165 28.27 27.20 -1.00
CA CYS C 165 29.32 26.17 -1.06
C CYS C 165 30.02 26.17 -2.41
N SER C 166 29.42 26.82 -3.38
CA SER C 166 29.93 26.89 -4.74
C SER C 166 31.43 27.01 -4.98
N GLU C 167 32.05 28.06 -4.47
CA GLU C 167 33.49 28.25 -4.67
C GLU C 167 34.37 27.45 -3.74
N HIS C 168 33.82 26.38 -3.19
CA HIS C 168 34.58 25.52 -2.30
C HIS C 168 35.12 24.36 -3.14
N LYS C 169 36.36 23.97 -2.87
CA LYS C 169 37.03 22.88 -3.60
C LYS C 169 36.10 21.75 -4.02
N TYR C 170 35.37 21.19 -3.07
CA TYR C 170 34.46 20.08 -3.36
C TYR C 170 33.01 20.51 -3.53
N GLY C 171 32.80 21.77 -3.85
CA GLY C 171 31.45 22.30 -4.00
C GLY C 171 30.59 21.71 -5.10
N GLY C 172 31.19 21.26 -6.19
CA GLY C 172 30.40 20.71 -7.28
C GLY C 172 30.18 19.20 -7.28
N LEU C 173 30.82 18.50 -6.35
CA LEU C 173 30.71 17.05 -6.26
C LEU C 173 29.31 16.55 -5.94
N GLY C 174 28.67 17.21 -4.97
CA GLY C 174 27.34 16.81 -4.58
C GLY C 174 26.44 16.61 -5.77
N PHE C 175 26.35 17.60 -6.63
CA PHE C 175 25.47 17.44 -7.77
C PHE C 175 25.97 16.62 -8.95
N VAL C 176 27.19 16.08 -8.83
CA VAL C 176 27.69 15.18 -9.86
C VAL C 176 26.96 13.89 -9.49
N GLY C 177 26.88 13.61 -8.19
CA GLY C 177 26.19 12.41 -7.72
C GLY C 177 24.70 12.49 -8.00
N PHE C 178 24.18 13.71 -7.99
CA PHE C 178 22.76 13.91 -8.28
C PHE C 178 22.54 13.37 -9.69
N ALA C 179 23.46 13.71 -10.60
CA ALA C 179 23.39 13.25 -11.98
C ALA C 179 23.38 11.73 -12.04
N ASP C 180 24.22 11.07 -11.24
CA ASP C 180 24.25 9.63 -11.27
C ASP C 180 22.92 9.09 -10.77
N GLU C 181 22.34 9.76 -9.78
CA GLU C 181 21.03 9.32 -9.26
C GLU C 181 19.98 9.37 -10.36
N VAL C 182 19.98 10.45 -11.13
CA VAL C 182 19.02 10.62 -12.21
C VAL C 182 19.09 9.46 -13.18
N ILE C 183 20.31 9.10 -13.59
CA ILE C 183 20.48 7.99 -14.49
C ILE C 183 19.86 6.74 -13.88
N ASN C 184 20.21 6.43 -12.63
CA ASN C 184 19.64 5.24 -12.00
C ASN C 184 18.14 5.32 -11.87
N GLN C 185 17.60 6.51 -11.59
CA GLN C 185 16.16 6.63 -11.44
C GLN C 185 15.45 6.52 -12.79
N GLU C 186 16.10 6.95 -13.87
CA GLU C 186 15.48 6.81 -15.18
C GLU C 186 15.23 5.33 -15.39
N VAL C 187 16.23 4.53 -15.00
CA VAL C 187 16.11 3.08 -15.13
C VAL C 187 14.96 2.53 -14.29
N GLU C 188 14.87 2.91 -13.03
CA GLU C 188 13.77 2.39 -12.21
C GLU C 188 12.40 2.91 -12.65
N LEU C 189 12.35 4.15 -13.16
CA LEU C 189 11.09 4.70 -13.61
C LEU C 189 10.71 4.18 -14.99
N GLY C 190 11.72 3.76 -15.76
CA GLY C 190 11.45 3.24 -17.07
C GLY C 190 11.14 4.31 -18.10
N ILE C 191 11.68 5.50 -17.89
CA ILE C 191 11.48 6.60 -18.81
C ILE C 191 12.80 7.33 -18.89
N LYS C 192 12.90 8.25 -19.83
CA LYS C 192 14.14 9.01 -19.98
C LYS C 192 13.80 10.49 -19.96
N PHE C 193 14.56 11.27 -19.21
CA PHE C 193 14.34 12.70 -19.11
C PHE C 193 15.10 13.39 -20.21
N ASP C 194 14.36 14.02 -21.12
CA ASP C 194 14.95 14.73 -22.24
C ASP C 194 15.67 15.97 -21.75
N LYS C 195 15.10 16.62 -20.74
CA LYS C 195 15.70 17.83 -20.21
C LYS C 195 15.58 17.95 -18.70
N ILE C 196 16.51 18.73 -18.13
CA ILE C 196 16.56 18.97 -16.70
C ILE C 196 16.53 20.49 -16.50
N VAL C 197 15.55 20.99 -15.76
CA VAL C 197 15.43 22.42 -15.50
C VAL C 197 15.76 22.72 -14.04
N VAL C 198 16.73 23.59 -13.83
CA VAL C 198 17.19 23.93 -12.51
C VAL C 198 17.54 25.40 -12.36
N CYS C 199 17.26 25.96 -11.18
CA CYS C 199 17.56 27.36 -10.88
C CYS C 199 19.08 27.47 -10.70
N CYS C 200 19.63 28.66 -10.93
CA CYS C 200 21.07 28.87 -10.80
C CYS C 200 21.45 30.26 -10.30
N VAL C 201 22.34 30.30 -9.30
CA VAL C 201 22.80 31.57 -8.75
C VAL C 201 24.30 31.55 -8.44
N THR C 202 24.74 30.84 -7.40
CA THR C 202 26.18 30.82 -7.12
C THR C 202 26.94 29.81 -7.99
N GLY C 203 26.21 28.97 -8.73
CA GLY C 203 26.83 28.04 -9.67
C GLY C 203 26.98 26.55 -9.42
N SER C 204 27.60 26.20 -8.30
CA SER C 204 27.86 24.83 -7.90
C SER C 204 26.80 23.77 -8.19
N THR C 205 25.51 24.10 -8.02
CA THR C 205 24.46 23.13 -8.28
C THR C 205 24.41 22.80 -9.77
N THR C 206 24.36 23.85 -10.60
CA THR C 206 24.31 23.68 -12.05
C THR C 206 25.61 23.05 -12.58
N ALA C 207 26.73 23.57 -12.13
CA ALA C 207 28.03 23.06 -12.55
C ALA C 207 28.15 21.56 -12.25
N GLY C 208 27.77 21.18 -11.04
CA GLY C 208 27.83 19.79 -10.66
C GLY C 208 26.94 18.93 -11.51
N ILE C 209 25.81 19.48 -11.95
CA ILE C 209 24.88 18.74 -12.79
C ILE C 209 25.45 18.67 -14.22
N LEU C 210 26.12 19.75 -14.64
CA LEU C 210 26.73 19.78 -15.97
C LEU C 210 27.80 18.69 -16.06
N ALA C 211 28.82 18.81 -15.23
CA ALA C 211 29.90 17.82 -15.22
C ALA C 211 29.30 16.45 -15.09
N GLY C 212 28.39 16.29 -14.13
CA GLY C 212 27.76 15.00 -13.90
C GLY C 212 27.12 14.39 -15.14
N MET C 213 26.38 15.20 -15.90
CA MET C 213 25.72 14.71 -17.11
C MET C 213 26.75 14.47 -18.22
N ALA C 214 27.91 15.11 -18.09
CA ALA C 214 28.97 14.94 -19.08
C ALA C 214 29.52 13.51 -19.07
N GLN C 215 29.40 12.82 -17.95
CA GLN C 215 29.88 11.45 -17.85
C GLN C 215 29.06 10.57 -18.81
N TYR C 216 27.87 11.04 -19.17
CA TYR C 216 26.97 10.29 -20.04
C TYR C 216 26.74 11.04 -21.35
N GLY C 217 27.58 12.04 -21.60
CA GLY C 217 27.45 12.83 -22.82
C GLY C 217 26.08 13.49 -22.95
N ARG C 218 25.46 13.81 -21.82
CA ARG C 218 24.15 14.42 -21.84
C ARG C 218 24.08 15.82 -21.22
N GLN C 219 25.20 16.52 -21.17
CA GLN C 219 25.20 17.86 -20.58
C GLN C 219 24.26 18.85 -21.28
N ASP C 220 23.98 18.65 -22.56
CA ASP C 220 23.09 19.54 -23.30
C ASP C 220 21.65 19.42 -22.80
N ASP C 221 21.40 18.39 -21.98
CA ASP C 221 20.08 18.16 -21.40
C ASP C 221 19.79 19.20 -20.31
N VAL C 222 20.85 19.84 -19.81
CA VAL C 222 20.73 20.81 -18.74
C VAL C 222 20.31 22.24 -19.12
N ILE C 223 19.19 22.67 -18.55
CA ILE C 223 18.64 24.01 -18.77
C ILE C 223 18.59 24.77 -17.45
N ALA C 224 19.49 25.73 -17.29
CA ALA C 224 19.53 26.51 -16.07
C ALA C 224 18.74 27.83 -16.23
N ILE C 225 18.01 28.20 -15.17
CA ILE C 225 17.21 29.42 -15.14
C ILE C 225 17.90 30.37 -14.15
N ASP C 226 18.39 31.50 -14.61
CA ASP C 226 19.05 32.47 -13.74
C ASP C 226 18.08 33.07 -12.72
N ALA C 227 18.58 33.38 -11.53
CA ALA C 227 17.76 33.98 -10.48
C ALA C 227 18.57 35.04 -9.75
N SER C 228 19.81 35.23 -10.19
CA SER C 228 20.72 36.18 -9.58
C SER C 228 20.60 37.59 -10.16
N PHE C 229 20.18 37.64 -11.41
CA PHE C 229 20.04 38.89 -12.17
C PHE C 229 21.40 39.56 -12.42
N THR C 230 22.45 38.76 -12.37
CA THR C 230 23.82 39.18 -12.66
C THR C 230 24.32 38.13 -13.65
N SER C 231 23.39 37.69 -14.49
CA SER C 231 23.58 36.66 -15.51
C SER C 231 25.01 36.39 -15.99
N GLU C 232 25.71 37.42 -16.44
CA GLU C 232 27.07 37.27 -16.92
C GLU C 232 28.00 36.60 -15.91
N LYS C 233 28.14 37.20 -14.72
CA LYS C 233 29.03 36.62 -13.73
C LYS C 233 28.57 35.22 -13.28
N THR C 234 27.27 35.00 -13.25
CA THR C 234 26.75 33.69 -12.86
C THR C 234 27.31 32.68 -13.84
N LYS C 235 27.15 32.96 -15.13
CA LYS C 235 27.64 32.05 -16.16
C LYS C 235 29.15 31.82 -16.08
N GLU C 236 29.92 32.88 -15.86
CA GLU C 236 31.37 32.72 -15.78
C GLU C 236 31.77 31.89 -14.56
N GLN C 237 31.09 32.10 -13.44
CA GLN C 237 31.41 31.34 -12.23
C GLN C 237 30.98 29.90 -12.36
N THR C 238 29.82 29.67 -12.97
CA THR C 238 29.32 28.31 -13.15
C THR C 238 30.29 27.50 -14.01
N LEU C 239 30.67 28.07 -15.15
CA LEU C 239 31.59 27.42 -16.07
C LEU C 239 32.89 27.02 -15.35
N ARG C 240 33.48 27.97 -14.65
CA ARG C 240 34.71 27.75 -13.91
C ARG C 240 34.60 26.58 -12.95
N ILE C 241 33.45 26.47 -12.29
CA ILE C 241 33.21 25.41 -11.34
C ILE C 241 32.96 24.11 -12.10
N ALA C 242 32.19 24.20 -13.17
CA ALA C 242 31.91 23.04 -14.00
C ALA C 242 33.22 22.40 -14.45
N ASN C 243 34.14 23.22 -14.94
CA ASN C 243 35.44 22.72 -15.40
C ASN C 243 36.31 22.19 -14.26
N ASN C 244 36.45 22.98 -13.19
CA ASN C 244 37.24 22.53 -12.05
C ASN C 244 36.70 21.19 -11.55
N THR C 245 35.37 21.08 -11.51
CA THR C 245 34.71 19.88 -11.04
C THR C 245 34.82 18.73 -12.05
N ALA C 246 34.80 19.06 -13.33
CA ALA C 246 34.93 18.05 -14.39
C ALA C 246 36.27 17.32 -14.22
N LYS C 247 37.34 18.08 -14.00
CA LYS C 247 38.65 17.49 -13.81
C LYS C 247 38.67 16.56 -12.62
N LEU C 248 38.21 17.06 -11.46
CA LEU C 248 38.18 16.28 -10.23
C LEU C 248 37.64 14.86 -10.36
N ILE C 249 36.59 14.70 -11.15
CA ILE C 249 36.00 13.37 -11.32
C ILE C 249 36.51 12.62 -12.55
N GLY C 250 37.36 13.27 -13.33
CA GLY C 250 37.91 12.62 -14.51
C GLY C 250 37.14 12.79 -15.81
N VAL C 251 36.32 13.83 -15.89
CA VAL C 251 35.58 14.08 -17.11
C VAL C 251 36.44 14.99 -17.99
N GLU C 252 36.63 14.58 -19.24
CA GLU C 252 37.48 15.34 -20.17
C GLU C 252 36.82 16.52 -20.84
N HIS C 253 35.49 16.51 -20.90
CA HIS C 253 34.76 17.60 -21.53
C HIS C 253 35.19 18.96 -21.00
N GLU C 254 35.15 19.96 -21.87
CA GLU C 254 35.53 21.31 -21.50
C GLU C 254 34.31 22.20 -21.70
N PHE C 255 33.78 22.74 -20.61
CA PHE C 255 32.61 23.59 -20.71
C PHE C 255 32.99 25.00 -21.13
N LYS C 256 32.51 25.38 -22.31
CA LYS C 256 32.77 26.70 -22.86
C LYS C 256 31.51 27.53 -22.74
N ASP C 257 30.38 26.86 -22.57
CA ASP C 257 29.09 27.53 -22.44
C ASP C 257 28.03 26.54 -21.96
N PHE C 258 26.85 27.05 -21.60
CA PHE C 258 25.75 26.21 -21.14
C PHE C 258 24.45 27.00 -21.21
N THR C 259 23.33 26.30 -21.32
CA THR C 259 22.03 26.95 -21.41
C THR C 259 21.60 27.64 -20.11
N LEU C 260 21.68 28.98 -20.11
CA LEU C 260 21.30 29.78 -18.96
C LEU C 260 20.25 30.81 -19.39
N ASP C 261 18.96 30.50 -19.17
CA ASP C 261 17.89 31.42 -19.53
C ASP C 261 17.85 32.57 -18.53
N THR C 262 17.80 33.81 -19.01
CA THR C 262 17.83 34.98 -18.15
C THR C 262 16.61 35.90 -18.24
N ARG C 263 15.50 35.39 -18.74
CA ARG C 263 14.30 36.21 -18.89
C ARG C 263 13.41 36.27 -17.65
N PHE C 264 13.88 35.73 -16.52
CA PHE C 264 13.04 35.71 -15.32
C PHE C 264 13.68 36.18 -14.02
N ALA C 265 14.94 36.56 -14.05
CA ALA C 265 15.58 37.01 -12.83
C ALA C 265 15.15 38.42 -12.42
N TYR C 266 14.60 39.18 -13.35
CA TYR C 266 14.19 40.54 -13.05
C TYR C 266 13.07 40.57 -12.00
N PRO C 267 12.96 41.67 -11.25
CA PRO C 267 13.76 42.90 -11.28
C PRO C 267 15.14 42.83 -10.63
N CYS C 268 15.42 41.75 -9.92
CA CYS C 268 16.71 41.54 -9.27
C CYS C 268 16.65 40.39 -8.27
N TYR C 269 17.83 40.01 -7.78
CA TYR C 269 17.96 38.93 -6.81
C TYR C 269 17.02 39.11 -5.63
N GLY C 270 16.34 38.05 -5.24
CA GLY C 270 15.45 38.11 -4.10
C GLY C 270 14.06 38.69 -4.32
N VAL C 271 13.90 39.50 -5.35
CA VAL C 271 12.60 40.11 -5.61
C VAL C 271 11.85 39.42 -6.75
N PRO C 272 10.64 38.92 -6.46
CA PRO C 272 9.84 38.25 -7.49
C PRO C 272 9.10 39.24 -8.38
N ASN C 273 8.81 38.84 -9.61
CA ASN C 273 8.05 39.67 -10.52
C ASN C 273 6.67 39.01 -10.56
N GLU C 274 5.69 39.65 -11.19
CA GLU C 274 4.36 39.08 -11.24
C GLU C 274 4.37 37.68 -11.80
N GLY C 275 5.28 37.43 -12.74
CA GLY C 275 5.37 36.11 -13.35
C GLY C 275 5.75 35.07 -12.32
N THR C 276 6.73 35.41 -11.49
CA THR C 276 7.17 34.51 -10.43
C THR C 276 5.95 34.20 -9.57
N ILE C 277 5.31 35.25 -9.07
CA ILE C 277 4.13 35.08 -8.23
C ILE C 277 3.09 34.19 -8.88
N GLU C 278 2.88 34.36 -10.19
CA GLU C 278 1.89 33.54 -10.89
C GLU C 278 2.41 32.10 -11.00
N ALA C 279 3.71 31.96 -11.18
CA ALA C 279 4.34 30.64 -11.29
C ALA C 279 4.12 29.90 -9.96
N ILE C 280 4.50 30.54 -8.86
CA ILE C 280 4.34 29.96 -7.53
C ILE C 280 2.92 29.50 -7.28
N ARG C 281 1.95 30.34 -7.66
CA ARG C 281 0.54 30.04 -7.48
C ARG C 281 0.06 28.87 -8.31
N THR C 282 0.48 28.86 -9.57
CA THR C 282 0.10 27.82 -10.51
C THR C 282 0.57 26.47 -10.03
N CYS C 283 1.85 26.39 -9.70
CA CYS C 283 2.44 25.15 -9.20
C CYS C 283 1.71 24.72 -7.90
N ALA C 284 1.56 25.64 -6.96
CA ALA C 284 0.87 25.35 -5.70
C ALA C 284 -0.56 24.89 -5.88
N GLU C 285 -1.29 25.59 -6.74
CA GLU C 285 -2.69 25.29 -6.99
C GLU C 285 -2.89 23.99 -7.72
N GLN C 286 -1.97 23.73 -8.64
CA GLN C 286 -2.07 22.52 -9.44
C GLN C 286 -1.47 21.29 -8.75
N GLU C 287 -0.32 21.44 -8.11
CA GLU C 287 0.34 20.29 -7.49
C GLU C 287 0.37 20.18 -5.97
N GLY C 288 0.30 21.32 -5.28
CA GLY C 288 0.36 21.29 -3.84
C GLY C 288 1.83 21.37 -3.45
N VAL C 289 2.64 21.79 -4.42
CA VAL C 289 4.07 21.95 -4.23
C VAL C 289 4.34 23.42 -4.11
N LEU C 290 5.18 23.77 -3.14
CA LEU C 290 5.53 25.15 -2.84
C LEU C 290 6.87 25.60 -3.36
N THR C 291 6.89 26.78 -3.97
CA THR C 291 8.13 27.34 -4.50
C THR C 291 8.24 28.71 -3.84
N ASP C 292 9.44 29.25 -3.75
CA ASP C 292 9.65 30.54 -3.11
C ASP C 292 9.83 31.67 -4.11
N PRO C 293 9.73 32.92 -3.64
CA PRO C 293 9.87 34.12 -4.48
C PRO C 293 11.29 34.42 -4.92
N VAL C 294 12.26 33.78 -4.28
CA VAL C 294 13.66 34.02 -4.60
C VAL C 294 14.26 33.11 -5.67
N PHE C 295 14.23 31.80 -5.44
CA PHE C 295 14.83 30.86 -6.38
C PHE C 295 13.91 30.02 -7.23
N GLU C 296 13.27 29.05 -6.59
CA GLU C 296 12.40 28.12 -7.27
C GLU C 296 11.19 28.73 -7.94
N GLY C 297 10.80 29.91 -7.51
CA GLY C 297 9.63 30.54 -8.09
C GLY C 297 9.99 30.95 -9.50
N LYS C 298 11.21 31.46 -9.64
CA LYS C 298 11.71 31.90 -10.91
C LYS C 298 12.00 30.74 -11.86
N SER C 299 12.74 29.71 -11.41
CA SER C 299 13.03 28.59 -12.28
C SER C 299 11.74 27.90 -12.71
N MET C 300 10.75 27.86 -11.82
CA MET C 300 9.46 27.25 -12.13
C MET C 300 8.70 28.13 -13.13
N GLN C 301 8.97 29.43 -13.05
CA GLN C 301 8.37 30.42 -13.94
C GLN C 301 8.94 30.15 -15.34
N GLY C 302 10.27 29.94 -15.39
CA GLY C 302 10.96 29.65 -16.63
C GLY C 302 10.43 28.36 -17.25
N LEU C 303 10.31 27.32 -16.43
CA LEU C 303 9.81 26.05 -16.90
C LEU C 303 8.46 26.23 -17.57
N ILE C 304 7.56 26.97 -16.91
CA ILE C 304 6.22 27.19 -17.47
C ILE C 304 6.24 27.95 -18.79
N ALA C 305 7.09 28.97 -18.89
CA ALA C 305 7.21 29.77 -20.10
C ALA C 305 7.72 28.88 -21.25
N LEU C 306 8.83 28.17 -21.01
CA LEU C 306 9.43 27.26 -21.97
C LEU C 306 8.42 26.26 -22.49
N ILE C 307 7.63 25.69 -21.59
CA ILE C 307 6.61 24.72 -21.99
C ILE C 307 5.54 25.37 -22.86
N LYS C 308 5.14 26.57 -22.48
CA LYS C 308 4.12 27.30 -23.22
C LYS C 308 4.53 27.59 -24.66
N GLU C 309 5.74 28.09 -24.85
CA GLU C 309 6.26 28.42 -26.18
C GLU C 309 6.69 27.21 -27.02
N ASP C 310 6.29 26.01 -26.59
CA ASP C 310 6.62 24.80 -27.32
C ASP C 310 8.12 24.61 -27.53
N TYR C 311 8.92 25.00 -26.54
CA TYR C 311 10.37 24.87 -26.62
C TYR C 311 10.80 23.41 -26.58
N PHE C 312 10.04 22.60 -25.85
CA PHE C 312 10.32 21.18 -25.70
C PHE C 312 9.57 20.42 -26.78
N LYS C 313 10.09 19.27 -27.16
CA LYS C 313 9.44 18.46 -28.17
C LYS C 313 8.21 17.81 -27.53
N PRO C 314 7.16 17.57 -28.32
CA PRO C 314 5.93 16.95 -27.81
C PRO C 314 6.17 15.68 -27.01
N GLY C 315 5.43 15.53 -25.91
CA GLY C 315 5.56 14.36 -25.06
C GLY C 315 6.87 14.24 -24.32
N ALA C 316 7.69 15.28 -24.36
CA ALA C 316 8.97 15.26 -23.68
C ALA C 316 8.83 15.14 -22.16
N ASN C 317 9.75 14.38 -21.55
CA ASN C 317 9.75 14.20 -20.10
C ASN C 317 10.78 15.19 -19.57
N VAL C 318 10.32 16.20 -18.83
CA VAL C 318 11.20 17.21 -18.27
C VAL C 318 11.36 17.09 -16.77
N LEU C 319 12.62 17.11 -16.33
CA LEU C 319 12.94 16.99 -14.93
C LEU C 319 13.24 18.31 -14.30
N TYR C 320 12.26 18.81 -13.56
CA TYR C 320 12.42 20.07 -12.85
C TYR C 320 13.17 19.69 -11.56
N VAL C 321 14.13 20.51 -11.18
CA VAL C 321 14.83 20.21 -9.96
C VAL C 321 14.37 21.19 -8.88
N HIS C 322 13.62 20.69 -7.91
CA HIS C 322 13.17 21.57 -6.83
C HIS C 322 14.24 21.56 -5.75
N LEU C 323 15.02 22.62 -5.72
CA LEU C 323 16.12 22.78 -4.79
C LEU C 323 15.74 23.18 -3.36
N GLY C 324 14.45 23.35 -3.09
CA GLY C 324 13.96 23.74 -1.77
C GLY C 324 13.70 25.24 -1.60
N GLY C 325 14.00 25.78 -0.43
CA GLY C 325 13.84 27.22 -0.21
C GLY C 325 12.49 27.79 0.20
N ALA C 326 11.49 26.94 0.39
CA ALA C 326 10.17 27.40 0.79
C ALA C 326 10.13 28.13 2.16
N PRO C 327 11.02 27.74 3.09
CA PRO C 327 11.03 28.40 4.40
C PRO C 327 11.09 29.91 4.36
N ALA C 328 11.46 30.47 3.21
CA ALA C 328 11.56 31.93 3.07
C ALA C 328 10.23 32.61 2.73
N LEU C 329 9.20 31.83 2.39
CA LEU C 329 7.90 32.40 2.03
C LEU C 329 7.30 33.37 3.06
N SER C 330 7.41 33.02 4.35
CA SER C 330 6.87 33.87 5.41
C SER C 330 7.47 35.26 5.32
N ALA C 331 8.60 35.40 4.65
CA ALA C 331 9.18 36.72 4.52
C ALA C 331 8.58 37.41 3.29
N TYR C 332 7.62 36.77 2.64
CA TYR C 332 6.99 37.33 1.44
C TYR C 332 5.47 37.16 1.44
N SER C 333 4.84 37.28 2.61
CA SER C 333 3.38 37.12 2.72
C SER C 333 2.60 38.22 1.97
N SER C 334 3.18 39.42 1.87
CA SER C 334 2.52 40.51 1.17
C SER C 334 2.32 40.23 -0.32
N PHE C 335 3.21 39.43 -0.91
CA PHE C 335 3.09 39.12 -2.33
C PHE C 335 2.00 38.12 -2.63
N PHE C 336 1.29 37.65 -1.62
CA PHE C 336 0.26 36.67 -1.92
C PHE C 336 -1.15 36.94 -1.40
N PRO C 337 -1.76 38.07 -1.83
CA PRO C 337 -3.11 38.40 -1.39
C PRO C 337 -4.06 37.26 -1.75
N THR C 338 -4.83 36.79 -0.76
CA THR C 338 -5.77 35.69 -0.95
C THR C 338 -6.47 35.75 -2.31
N LYS C 339 -6.77 34.56 -2.84
CA LYS C 339 -7.45 34.41 -4.12
C LYS C 339 -8.96 34.43 -3.91
N THR C 340 -9.63 35.38 -4.55
CA THR C 340 -11.08 35.55 -4.41
C THR C 340 -11.90 34.37 -4.95
N ALA C 341 -12.78 33.85 -4.11
CA ALA C 341 -13.63 32.73 -4.50
C ALA C 341 -14.97 33.25 -5.03
N ALA D 1 -7.52 -9.67 9.52
CA ALA D 1 -8.00 -8.28 9.30
C ALA D 1 -7.11 -7.25 9.99
N GLY D 2 -6.64 -6.29 9.22
CA GLY D 2 -5.80 -5.23 9.75
C GLY D 2 -6.29 -3.97 9.09
N VAL D 3 -5.41 -3.00 8.89
CA VAL D 3 -5.80 -1.77 8.23
C VAL D 3 -5.78 -2.00 6.73
N ALA D 4 -5.22 -3.13 6.33
CA ALA D 4 -5.11 -3.47 4.92
C ALA D 4 -6.48 -3.62 4.23
N LYS D 5 -7.53 -3.84 5.02
CA LYS D 5 -8.85 -4.01 4.46
C LYS D 5 -9.45 -2.69 3.95
N PHE D 6 -8.76 -1.57 4.19
CA PHE D 6 -9.26 -0.25 3.77
C PHE D 6 -8.44 0.34 2.61
N ALA D 7 -9.14 0.97 1.67
CA ALA D 7 -8.47 1.58 0.53
C ALA D 7 -7.54 2.69 1.00
N LYS D 8 -6.42 2.85 0.28
CA LYS D 8 -5.43 3.86 0.62
C LYS D 8 -4.92 4.58 -0.63
N TYR D 9 -4.89 5.91 -0.55
CA TYR D 9 -4.43 6.73 -1.65
C TYR D 9 -3.15 7.38 -1.15
N PRO D 10 -1.99 6.98 -1.69
CA PRO D 10 -0.71 7.54 -1.27
C PRO D 10 -0.53 9.03 -1.47
N LEU D 11 -0.13 9.71 -0.41
CA LEU D 11 0.12 11.15 -0.40
C LEU D 11 1.53 11.35 0.13
N THR D 12 2.17 10.26 0.51
CA THR D 12 3.53 10.31 1.05
C THR D 12 4.53 9.50 0.20
N PHE D 13 5.82 9.68 0.47
CA PHE D 13 6.87 8.98 -0.25
C PHE D 13 6.93 7.51 0.17
N GLY D 14 6.25 7.19 1.26
CA GLY D 14 6.25 5.84 1.78
C GLY D 14 6.62 5.88 3.25
N PRO D 15 7.06 4.76 3.85
CA PRO D 15 7.43 4.74 5.27
C PRO D 15 8.32 5.92 5.60
N SER D 16 7.97 6.66 6.65
CA SER D 16 8.80 7.81 7.00
C SER D 16 10.08 7.29 7.61
N PRO D 17 11.18 8.00 7.44
CA PRO D 17 12.47 7.59 7.98
C PRO D 17 12.62 7.77 9.49
N ILE D 18 13.60 7.10 10.07
CA ILE D 18 13.85 7.23 11.49
C ILE D 18 15.22 7.82 11.70
N SER D 19 15.27 8.95 12.40
CA SER D 19 16.52 9.64 12.69
C SER D 19 17.10 9.17 14.03
N ASN D 20 18.42 9.16 14.12
CA ASN D 20 19.13 8.75 15.35
C ASN D 20 19.64 10.01 16.00
N LEU D 21 18.99 10.43 17.07
CA LEU D 21 19.40 11.64 17.77
C LEU D 21 20.41 11.33 18.88
N ASN D 22 21.51 10.67 18.52
CA ASN D 22 22.53 10.32 19.50
C ASN D 22 23.11 11.52 20.22
N ARG D 23 23.34 12.60 19.49
CA ARG D 23 23.92 13.79 20.10
C ARG D 23 23.02 14.40 21.20
N LEU D 24 21.71 14.38 20.99
CA LEU D 24 20.77 14.91 21.98
C LEU D 24 20.74 13.92 23.14
N SER D 25 20.80 12.64 22.81
CA SER D 25 20.82 11.57 23.82
C SER D 25 22.02 11.73 24.76
N GLN D 26 23.21 11.97 24.19
CA GLN D 26 24.42 12.17 24.97
C GLN D 26 24.27 13.41 25.84
N HIS D 27 23.76 14.48 25.22
CA HIS D 27 23.55 15.74 25.90
C HIS D 27 22.60 15.65 27.08
N LEU D 28 21.59 14.80 26.97
CA LEU D 28 20.62 14.64 28.05
C LEU D 28 21.10 13.61 29.08
N GLY D 29 22.41 13.37 29.08
CA GLY D 29 23.00 12.45 30.04
C GLY D 29 23.13 10.99 29.65
N SER D 30 23.10 10.70 28.36
CA SER D 30 23.21 9.32 27.89
C SER D 30 22.31 8.36 28.65
N LYS D 31 21.24 8.87 29.25
CA LYS D 31 20.31 8.03 30.00
C LYS D 31 19.40 7.18 29.10
N VAL D 32 19.17 7.63 27.87
CA VAL D 32 18.32 6.91 26.93
C VAL D 32 18.77 7.13 25.50
N ASN D 33 18.26 6.30 24.59
CA ASN D 33 18.60 6.42 23.17
C ASN D 33 17.35 6.95 22.46
N VAL D 34 17.42 8.22 22.08
CA VAL D 34 16.30 8.84 21.40
C VAL D 34 16.35 8.74 19.88
N TYR D 35 15.28 8.22 19.32
CA TYR D 35 15.13 8.13 17.88
C TYR D 35 13.95 9.02 17.53
N ALA D 36 13.87 9.43 16.28
CA ALA D 36 12.78 10.29 15.84
C ALA D 36 12.16 9.82 14.53
N LYS D 37 10.91 9.37 14.56
CA LYS D 37 10.24 8.97 13.32
C LYS D 37 9.79 10.30 12.68
N ARG D 38 10.23 10.53 11.46
CA ARG D 38 9.95 11.80 10.79
C ARG D 38 8.69 11.94 9.93
N GLU D 39 7.54 12.11 10.59
CA GLU D 39 6.29 12.28 9.88
C GLU D 39 6.36 13.67 9.22
N ASP D 40 7.27 14.50 9.71
CA ASP D 40 7.48 15.85 9.20
C ASP D 40 8.30 15.84 7.90
N CYS D 41 8.67 14.66 7.42
CA CYS D 41 9.48 14.53 6.20
C CYS D 41 8.88 13.45 5.29
N ASN D 42 7.59 13.23 5.42
CA ASN D 42 6.92 12.18 4.65
C ASN D 42 6.38 12.56 3.28
N SER D 43 6.40 13.84 2.91
CA SER D 43 5.80 14.19 1.63
C SER D 43 6.26 15.46 0.94
N GLY D 44 6.01 15.50 -0.36
CA GLY D 44 6.35 16.68 -1.15
C GLY D 44 5.18 17.67 -1.09
N LEU D 45 4.02 17.20 -0.62
CA LEU D 45 2.84 18.05 -0.50
C LEU D 45 2.97 19.12 0.58
N ALA D 46 3.48 20.28 0.20
CA ALA D 46 3.64 21.42 1.09
C ALA D 46 4.16 21.09 2.50
N PHE D 47 5.39 20.59 2.55
CA PHE D 47 6.06 20.25 3.81
C PHE D 47 5.60 18.98 4.50
N GLY D 48 4.45 18.46 4.11
CA GLY D 48 3.96 17.24 4.73
C GLY D 48 3.76 17.29 6.24
N GLY D 49 3.42 16.13 6.82
CA GLY D 49 3.23 16.05 8.25
C GLY D 49 2.25 14.94 8.57
N ASN D 50 2.00 14.71 9.85
CA ASN D 50 1.09 13.66 10.30
C ASN D 50 -0.32 13.66 9.69
N LEU D 52 -1.22 14.21 6.58
CA LEU D 52 -1.15 13.50 5.31
C LEU D 52 -1.31 12.01 5.50
N ARG D 53 -0.67 11.46 6.53
CA ARG D 53 -0.79 10.03 6.80
C ARG D 53 -2.25 9.70 7.10
N LYS D 54 -2.91 10.58 7.85
CA LYS D 54 -4.32 10.37 8.19
C LYS D 54 -5.20 10.44 6.95
N LEU D 55 -4.98 11.49 6.15
CA LEU D 55 -5.77 11.72 4.94
C LEU D 55 -5.70 10.63 3.87
N GLU D 56 -4.61 9.87 3.82
CA GLU D 56 -4.45 8.83 2.82
C GLU D 56 -5.60 7.81 2.86
N TYR D 57 -6.17 7.62 4.04
CA TYR D 57 -7.27 6.68 4.20
C TYR D 57 -8.64 7.35 4.08
N ILE D 58 -8.63 8.66 3.88
CA ILE D 58 -9.85 9.43 3.75
C ILE D 58 -10.08 9.78 2.27
N VAL D 59 -8.99 10.07 1.56
CA VAL D 59 -9.06 10.42 0.13
C VAL D 59 -9.90 9.49 -0.75
N PRO D 60 -9.79 8.16 -0.56
CA PRO D 60 -10.58 7.24 -1.38
C PRO D 60 -12.05 7.68 -1.45
N ASP D 61 -12.64 7.84 -0.27
CA ASP D 61 -14.02 8.25 -0.11
C ASP D 61 -14.34 9.53 -0.91
N ILE D 62 -13.43 10.50 -0.83
CA ILE D 62 -13.59 11.77 -1.54
C ILE D 62 -13.63 11.58 -3.05
N VAL D 63 -12.68 10.81 -3.57
CA VAL D 63 -12.59 10.59 -5.01
C VAL D 63 -13.73 9.75 -5.59
N GLU D 64 -14.15 8.72 -4.86
CA GLU D 64 -15.20 7.84 -5.33
C GLU D 64 -16.57 8.53 -5.45
N GLY D 65 -16.90 9.39 -4.49
CA GLY D 65 -18.18 10.08 -4.52
C GLY D 65 -18.12 11.45 -5.17
N ASP D 66 -17.07 11.69 -5.94
CA ASP D 66 -16.84 12.95 -6.64
C ASP D 66 -17.42 14.17 -5.90
N TYR D 67 -16.63 14.72 -4.99
CA TYR D 67 -17.05 15.90 -4.24
C TYR D 67 -16.38 17.09 -4.89
N THR D 68 -16.92 18.28 -4.63
CA THR D 68 -16.39 19.49 -5.23
C THR D 68 -15.55 20.30 -4.26
N HIS D 69 -15.83 20.15 -2.96
CA HIS D 69 -15.12 20.92 -1.96
C HIS D 69 -14.62 20.14 -0.75
N LEU D 70 -13.39 20.42 -0.36
CA LEU D 70 -12.80 19.81 0.82
C LEU D 70 -13.00 20.90 1.87
N VAL D 71 -13.69 20.57 2.96
CA VAL D 71 -13.92 21.53 4.01
C VAL D 71 -13.28 21.04 5.29
N SER D 72 -12.39 21.87 5.84
CA SER D 72 -11.71 21.52 7.07
C SER D 72 -11.58 22.76 7.94
N ILE D 73 -11.28 22.52 9.21
CA ILE D 73 -11.17 23.61 10.17
C ILE D 73 -9.97 23.44 11.11
N GLY D 74 -9.55 24.54 11.73
CA GLY D 74 -8.43 24.49 12.65
C GLY D 74 -8.16 25.90 13.15
N GLY D 75 -7.00 26.10 13.77
CA GLY D 75 -6.65 27.42 14.29
C GLY D 75 -6.02 28.26 13.21
N ARG D 76 -5.57 29.47 13.55
CA ARG D 76 -4.96 30.35 12.56
C ARG D 76 -3.70 29.75 11.92
N GLN D 77 -2.86 29.14 12.74
CA GLN D 77 -1.63 28.54 12.25
C GLN D 77 -1.74 27.02 12.15
N SER D 78 -2.94 26.56 11.86
CA SER D 78 -3.23 25.13 11.71
C SER D 78 -2.35 24.45 10.63
N ASN D 79 -1.92 23.22 10.92
CA ASN D 79 -1.11 22.43 9.97
C ASN D 79 -2.14 21.62 9.15
N GLN D 80 -3.18 21.18 9.83
CA GLN D 80 -4.27 20.40 9.23
C GLN D 80 -4.86 21.08 7.99
N THR D 81 -5.20 22.37 8.12
CA THR D 81 -5.79 23.11 7.01
C THR D 81 -4.81 23.36 5.87
N ARG D 82 -3.54 23.58 6.21
CA ARG D 82 -2.53 23.79 5.19
C ARG D 82 -2.37 22.49 4.40
N MET D 83 -2.53 21.34 5.08
CA MET D 83 -2.41 20.06 4.40
C MET D 83 -3.66 19.72 3.60
N VAL D 84 -4.82 20.21 4.05
CA VAL D 84 -6.06 19.96 3.30
C VAL D 84 -6.01 20.83 2.04
N ALA D 85 -5.39 22.00 2.14
CA ALA D 85 -5.28 22.88 0.99
C ALA D 85 -4.42 22.19 -0.08
N ALA D 86 -3.29 21.63 0.35
CA ALA D 86 -2.39 20.92 -0.56
C ALA D 86 -3.12 19.75 -1.20
N LEU D 87 -3.87 19.01 -0.39
CA LEU D 87 -4.62 17.87 -0.88
C LEU D 87 -5.68 18.27 -1.93
N ALA D 88 -6.39 19.35 -1.68
CA ALA D 88 -7.42 19.82 -2.61
C ALA D 88 -6.76 20.09 -3.95
N ALA D 89 -5.63 20.78 -3.92
CA ALA D 89 -4.88 21.06 -5.12
C ALA D 89 -4.63 19.74 -5.85
N LYS D 90 -3.97 18.82 -5.16
CA LYS D 90 -3.64 17.51 -5.71
C LYS D 90 -4.84 16.78 -6.30
N LEU D 91 -5.99 16.86 -5.66
CA LEU D 91 -7.16 16.17 -6.16
C LEU D 91 -7.94 17.00 -7.20
N GLY D 92 -7.57 18.27 -7.33
CA GLY D 92 -8.25 19.13 -8.28
C GLY D 92 -9.63 19.56 -7.79
N LYS D 93 -9.79 19.62 -6.48
CA LYS D 93 -11.06 20.02 -5.87
C LYS D 93 -10.91 21.42 -5.28
N LYS D 94 -12.04 22.00 -4.91
CA LYS D 94 -12.03 23.32 -4.31
C LYS D 94 -11.79 23.16 -2.80
N CYS D 95 -11.39 24.24 -2.15
CA CYS D 95 -11.11 24.14 -0.73
C CYS D 95 -11.58 25.29 0.15
N VAL D 96 -12.33 24.95 1.21
CA VAL D 96 -12.80 25.93 2.18
C VAL D 96 -12.17 25.66 3.54
N LEU D 97 -11.36 26.61 4.01
CA LEU D 97 -10.66 26.48 5.29
C LEU D 97 -11.12 27.48 6.36
N ILE D 98 -11.66 26.95 7.46
CA ILE D 98 -12.13 27.75 8.60
C ILE D 98 -11.04 27.88 9.67
N GLN D 99 -10.48 29.07 9.83
CA GLN D 99 -9.44 29.29 10.81
C GLN D 99 -9.99 30.00 12.07
N GLU D 100 -10.51 29.22 13.02
CA GLU D 100 -11.06 29.83 14.24
C GLU D 100 -9.95 30.53 15.05
N ASP D 101 -10.34 31.23 16.11
CA ASP D 101 -9.38 31.93 16.97
C ASP D 101 -9.06 31.08 18.19
N TRP D 102 -8.32 29.99 17.97
CA TRP D 102 -7.97 29.06 19.02
C TRP D 102 -6.85 29.44 19.95
N VAL D 103 -6.08 30.46 19.59
CA VAL D 103 -4.94 30.83 20.41
C VAL D 103 -4.81 32.32 20.68
N PRO D 104 -4.51 32.69 21.94
CA PRO D 104 -4.34 34.10 22.27
C PRO D 104 -3.04 34.55 21.65
N ILE D 105 -3.15 35.39 20.63
CA ILE D 105 -2.00 35.89 19.89
C ILE D 105 -1.07 36.82 20.67
N PRO D 106 0.20 36.42 20.82
CA PRO D 106 1.17 37.24 21.55
C PRO D 106 1.26 38.63 20.92
N GLU D 107 1.15 39.65 21.75
CA GLU D 107 1.19 41.04 21.30
C GLU D 107 2.26 41.32 20.24
N ALA D 108 3.45 40.77 20.44
CA ALA D 108 4.56 40.97 19.52
C ALA D 108 4.33 40.27 18.19
N GLU D 109 3.37 39.37 18.15
CA GLU D 109 3.05 38.62 16.95
C GLU D 109 1.73 39.03 16.30
N LYS D 110 1.07 40.03 16.85
CA LYS D 110 -0.21 40.47 16.31
C LYS D 110 -0.27 40.71 14.79
N ASP D 111 0.76 41.35 14.25
CA ASP D 111 0.77 41.66 12.82
C ASP D 111 1.14 40.53 11.84
N VAL D 112 1.80 39.47 12.30
CA VAL D 112 2.18 38.38 11.41
C VAL D 112 1.43 37.08 11.64
N TYR D 113 0.85 36.91 12.83
CA TYR D 113 0.19 35.67 13.16
C TYR D 113 -0.87 35.18 12.18
N ASN D 114 -1.57 36.10 11.53
CA ASN D 114 -2.62 35.71 10.60
C ASN D 114 -2.19 35.84 9.14
N ARG D 115 -0.91 36.17 8.92
CA ARG D 115 -0.38 36.35 7.57
C ARG D 115 0.68 35.34 7.12
N VAL D 116 1.70 35.13 7.94
CA VAL D 116 2.78 34.21 7.60
C VAL D 116 2.49 32.76 7.96
N GLY D 117 3.54 31.94 7.92
CA GLY D 117 3.39 30.53 8.28
C GLY D 117 2.43 29.68 7.47
N ASN D 118 1.68 28.84 8.17
CA ASN D 118 0.73 27.94 7.51
C ASN D 118 -0.43 28.60 6.79
N ILE D 119 -1.00 29.63 7.39
CA ILE D 119 -2.14 30.29 6.77
C ILE D 119 -1.73 30.89 5.42
N GLU D 120 -0.48 31.35 5.33
CA GLU D 120 0.02 31.91 4.09
C GLU D 120 0.06 30.81 3.02
N LEU D 121 0.65 29.68 3.36
CA LEU D 121 0.75 28.59 2.42
C LEU D 121 -0.63 28.20 1.87
N SER D 122 -1.61 28.10 2.76
CA SER D 122 -2.97 27.73 2.36
C SER D 122 -3.55 28.71 1.34
N ARG D 123 -3.17 29.97 1.47
CA ARG D 123 -3.66 30.98 0.55
C ARG D 123 -2.95 30.83 -0.79
N ILE D 124 -1.64 30.62 -0.74
CA ILE D 124 -0.86 30.44 -1.95
C ILE D 124 -1.40 29.25 -2.74
N MET D 125 -1.90 28.23 -2.04
CA MET D 125 -2.42 27.08 -2.75
C MET D 125 -3.87 27.29 -3.21
N GLY D 126 -4.29 28.56 -3.18
CA GLY D 126 -5.62 28.95 -3.62
C GLY D 126 -6.82 28.41 -2.87
N ALA D 127 -6.71 28.19 -1.58
CA ALA D 127 -7.85 27.68 -0.83
C ALA D 127 -8.62 28.90 -0.36
N ASP D 128 -9.90 28.72 -0.04
CA ASP D 128 -10.70 29.83 0.46
C ASP D 128 -10.54 29.88 1.98
N VAL D 129 -9.64 30.74 2.43
CA VAL D 129 -9.34 30.87 3.84
C VAL D 129 -10.20 31.88 4.57
N ARG D 130 -11.01 31.38 5.49
CA ARG D 130 -11.90 32.23 6.27
C ARG D 130 -11.50 32.35 7.74
N VAL D 131 -11.10 33.55 8.13
CA VAL D 131 -10.69 33.86 9.50
C VAL D 131 -11.91 34.18 10.38
N ILE D 132 -12.23 33.29 11.31
CA ILE D 132 -13.38 33.46 12.20
C ILE D 132 -12.90 33.72 13.64
N GLU D 133 -13.78 34.23 14.51
CA GLU D 133 -13.36 34.50 15.89
C GLU D 133 -13.83 33.50 16.95
N ASP D 134 -14.00 32.24 16.57
CA ASP D 134 -14.44 31.21 17.53
C ASP D 134 -13.29 30.67 18.39
N GLY D 135 -13.62 30.26 19.62
CA GLY D 135 -12.63 29.75 20.56
C GLY D 135 -12.23 28.30 20.39
N PHE D 136 -11.14 27.91 21.07
CA PHE D 136 -10.60 26.55 21.00
C PHE D 136 -11.47 25.42 21.53
N ASP D 137 -11.38 24.27 20.85
CA ASP D 137 -12.10 23.06 21.20
C ASP D 137 -11.67 21.96 20.23
N ILE D 138 -11.55 20.72 20.74
CA ILE D 138 -11.13 19.60 19.91
C ILE D 138 -12.31 18.78 19.40
N GLY D 139 -13.53 19.23 19.71
CA GLY D 139 -14.72 18.53 19.27
C GLY D 139 -15.41 19.23 18.13
N MET D 140 -16.44 18.60 17.56
CA MET D 140 -17.18 19.17 16.44
C MET D 140 -17.59 20.63 16.70
N ARG D 141 -17.45 21.46 15.67
CA ARG D 141 -17.77 22.88 15.76
C ARG D 141 -18.95 23.27 14.87
N LYS D 142 -19.57 24.40 15.19
CA LYS D 142 -20.72 24.86 14.41
C LYS D 142 -20.32 25.62 13.14
N SER D 143 -19.28 26.46 13.24
CA SER D 143 -18.83 27.20 12.07
C SER D 143 -18.55 26.19 10.96
N PHE D 144 -18.16 24.99 11.37
CA PHE D 144 -17.89 23.90 10.45
C PHE D 144 -19.19 23.59 9.72
N ALA D 145 -20.26 23.38 10.49
CA ALA D 145 -21.57 23.08 9.94
C ALA D 145 -22.15 24.24 9.11
N ASN D 146 -21.94 25.47 9.56
CA ASN D 146 -22.44 26.64 8.84
C ASN D 146 -21.79 26.68 7.45
N ALA D 147 -20.52 26.31 7.39
CA ALA D 147 -19.80 26.30 6.12
C ALA D 147 -20.31 25.18 5.23
N LEU D 148 -20.52 23.99 5.80
CA LEU D 148 -21.02 22.86 5.03
C LEU D 148 -22.43 23.14 4.53
N GLN D 149 -23.25 23.71 5.40
CA GLN D 149 -24.62 24.05 5.07
C GLN D 149 -24.62 25.05 3.93
N GLU D 150 -23.77 26.08 4.03
CA GLU D 150 -23.68 27.09 3.00
C GLU D 150 -23.37 26.50 1.63
N LEU D 151 -22.36 25.64 1.59
CA LEU D 151 -21.96 25.00 0.33
C LEU D 151 -23.00 24.05 -0.22
N GLU D 152 -23.64 23.30 0.66
CA GLU D 152 -24.67 22.35 0.22
C GLU D 152 -25.92 23.09 -0.26
N ASP D 153 -26.05 24.36 0.13
CA ASP D 153 -27.18 25.17 -0.30
C ASP D 153 -26.88 25.79 -1.67
N ALA D 154 -25.64 26.25 -1.85
CA ALA D 154 -25.23 26.86 -3.10
C ALA D 154 -25.17 25.81 -4.20
N GLY D 155 -25.52 24.57 -3.85
CA GLY D 155 -25.53 23.49 -4.83
C GLY D 155 -24.27 22.65 -4.96
N HIS D 156 -23.36 22.79 -4.00
CA HIS D 156 -22.12 22.03 -4.04
C HIS D 156 -22.19 20.77 -3.20
N LYS D 157 -21.17 19.92 -3.30
CA LYS D 157 -21.10 18.70 -2.52
C LYS D 157 -19.80 18.76 -1.70
N PRO D 158 -19.82 19.48 -0.57
CA PRO D 158 -18.65 19.63 0.29
C PRO D 158 -18.29 18.37 1.06
N TYR D 159 -16.99 18.13 1.18
CA TYR D 159 -16.51 16.97 1.92
C TYR D 159 -16.06 17.44 3.29
N PRO D 160 -16.72 16.94 4.35
CA PRO D 160 -16.39 17.32 5.71
C PRO D 160 -15.12 16.68 6.26
N ILE D 161 -14.17 17.51 6.69
CA ILE D 161 -12.94 17.03 7.30
C ILE D 161 -12.75 17.74 8.64
N PRO D 162 -13.15 17.06 9.73
CA PRO D 162 -13.09 17.51 11.13
C PRO D 162 -11.68 17.96 11.53
N ALA D 163 -11.58 18.62 12.69
CA ALA D 163 -10.31 19.11 13.19
C ALA D 163 -9.28 17.98 13.25
N GLY D 164 -8.12 18.21 12.64
CA GLY D 164 -7.07 17.22 12.62
C GLY D 164 -7.47 15.87 12.06
N CYS D 165 -8.63 15.81 11.41
CA CYS D 165 -9.17 14.58 10.83
C CYS D 165 -9.54 13.59 11.93
N SER D 166 -9.22 13.93 13.18
CA SER D 166 -9.47 13.02 14.29
C SER D 166 -10.81 12.33 14.40
N GLU D 167 -11.90 13.09 14.35
CA GLU D 167 -13.21 12.47 14.49
C GLU D 167 -13.80 11.89 13.22
N HIS D 168 -13.09 12.05 12.11
CA HIS D 168 -13.58 11.48 10.86
C HIS D 168 -13.63 9.97 11.09
N LYS D 169 -14.59 9.32 10.44
CA LYS D 169 -14.75 7.88 10.57
C LYS D 169 -13.42 7.09 10.46
N TYR D 170 -12.56 7.51 9.54
CA TYR D 170 -11.29 6.83 9.30
C TYR D 170 -10.10 7.64 9.79
N GLY D 171 -10.37 8.64 10.62
CA GLY D 171 -9.30 9.49 11.11
C GLY D 171 -8.20 8.82 11.91
N GLY D 172 -8.38 7.55 12.24
CA GLY D 172 -7.38 6.87 13.03
C GLY D 172 -6.68 5.69 12.35
N LEU D 173 -7.05 5.41 11.11
CA LEU D 173 -6.44 4.30 10.39
C LEU D 173 -4.98 4.56 10.00
N GLY D 174 -4.71 5.77 9.55
CA GLY D 174 -3.36 6.10 9.14
C GLY D 174 -2.31 5.72 10.16
N PHE D 175 -2.53 6.09 11.41
CA PHE D 175 -1.55 5.76 12.40
C PHE D 175 -1.59 4.34 12.89
N VAL D 176 -2.56 3.56 12.42
CA VAL D 176 -2.59 2.15 12.76
C VAL D 176 -1.48 1.60 11.84
N GLY D 177 -1.46 2.12 10.61
CA GLY D 177 -0.47 1.71 9.65
C GLY D 177 0.91 2.21 10.07
N PHE D 178 0.93 3.26 10.87
CA PHE D 178 2.18 3.82 11.37
C PHE D 178 2.85 2.78 12.29
N ALA D 179 2.04 2.10 13.09
CA ALA D 179 2.54 1.08 13.99
C ALA D 179 3.11 -0.05 13.16
N ASP D 180 2.34 -0.47 12.16
CA ASP D 180 2.77 -1.55 11.27
C ASP D 180 4.16 -1.20 10.72
N GLU D 181 4.34 0.06 10.38
CA GLU D 181 5.60 0.54 9.86
C GLU D 181 6.72 0.42 10.89
N VAL D 182 6.43 0.86 12.10
CA VAL D 182 7.41 0.81 13.17
C VAL D 182 7.90 -0.62 13.44
N ILE D 183 6.96 -1.56 13.50
CA ILE D 183 7.32 -2.94 13.74
C ILE D 183 8.28 -3.43 12.65
N ASN D 184 7.94 -3.12 11.41
CA ASN D 184 8.76 -3.53 10.29
C ASN D 184 10.13 -2.84 10.32
N GLN D 185 10.16 -1.57 10.69
CA GLN D 185 11.42 -0.82 10.73
C GLN D 185 12.34 -1.23 11.88
N GLU D 186 11.76 -1.80 12.93
CA GLU D 186 12.58 -2.24 14.05
C GLU D 186 13.44 -3.41 13.58
N VAL D 187 12.84 -4.28 12.78
CA VAL D 187 13.54 -5.42 12.24
C VAL D 187 14.63 -4.99 11.24
N GLU D 188 14.34 -4.02 10.38
CA GLU D 188 15.39 -3.62 9.44
C GLU D 188 16.47 -2.74 10.08
N LEU D 189 16.12 -1.99 11.11
CA LEU D 189 17.12 -1.17 11.78
C LEU D 189 17.88 -1.96 12.84
N GLY D 190 17.23 -2.98 13.39
CA GLY D 190 17.86 -3.77 14.42
C GLY D 190 17.72 -3.12 15.79
N ILE D 191 16.73 -2.23 15.92
CA ILE D 191 16.47 -1.52 17.18
C ILE D 191 15.03 -1.73 17.61
N LYS D 192 14.84 -2.29 18.80
CA LYS D 192 13.50 -2.50 19.32
C LYS D 192 13.19 -1.26 20.16
N PHE D 193 12.07 -0.60 19.88
CA PHE D 193 11.70 0.60 20.61
C PHE D 193 10.88 0.23 21.85
N ASP D 194 11.30 0.74 23.00
CA ASP D 194 10.63 0.47 24.26
C ASP D 194 9.42 1.39 24.46
N LYS D 195 9.61 2.66 24.11
CA LYS D 195 8.52 3.63 24.25
C LYS D 195 8.41 4.54 23.03
N ILE D 196 7.19 4.95 22.75
CA ILE D 196 6.89 5.85 21.65
C ILE D 196 6.29 7.08 22.30
N VAL D 197 6.93 8.22 22.12
CA VAL D 197 6.46 9.49 22.69
C VAL D 197 5.87 10.35 21.55
N VAL D 198 4.58 10.68 21.68
CA VAL D 198 3.89 11.45 20.64
C VAL D 198 2.97 12.54 21.20
N CYS D 199 2.99 13.70 20.56
CA CYS D 199 2.17 14.82 20.98
C CYS D 199 0.69 14.48 20.77
N CYS D 200 -0.16 14.96 21.68
CA CYS D 200 -1.58 14.69 21.58
C CYS D 200 -2.42 15.97 21.72
N VAL D 201 -3.40 16.13 20.83
CA VAL D 201 -4.33 17.26 20.83
C VAL D 201 -5.73 16.85 20.38
N THR D 202 -5.95 16.65 19.07
CA THR D 202 -7.29 16.23 18.65
C THR D 202 -7.47 14.73 18.84
N GLY D 203 -6.36 14.03 19.10
CA GLY D 203 -6.40 12.60 19.39
C GLY D 203 -6.31 11.43 18.42
N SER D 204 -6.54 11.60 17.11
CA SER D 204 -6.49 10.42 16.25
C SER D 204 -5.09 9.89 15.95
N THR D 205 -4.06 10.73 16.09
CA THR D 205 -2.71 10.25 15.88
C THR D 205 -2.44 9.23 16.99
N THR D 206 -2.66 9.65 18.24
CA THR D 206 -2.45 8.77 19.39
C THR D 206 -3.32 7.54 19.35
N ALA D 207 -4.61 7.73 19.07
CA ALA D 207 -5.53 6.59 19.03
C ALA D 207 -5.08 5.58 17.97
N GLY D 208 -4.61 6.08 16.83
CA GLY D 208 -4.15 5.20 15.75
C GLY D 208 -2.95 4.38 16.19
N ILE D 209 -1.97 5.04 16.80
CA ILE D 209 -0.78 4.37 17.30
C ILE D 209 -1.16 3.35 18.37
N LEU D 210 -2.08 3.73 19.26
CA LEU D 210 -2.54 2.82 20.30
C LEU D 210 -3.16 1.55 19.71
N ALA D 211 -4.14 1.73 18.84
CA ALA D 211 -4.82 0.60 18.22
C ALA D 211 -3.84 -0.21 17.40
N GLY D 212 -2.96 0.48 16.69
CA GLY D 212 -1.96 -0.18 15.88
C GLY D 212 -1.10 -1.06 16.75
N MET D 213 -0.44 -0.46 17.74
CA MET D 213 0.44 -1.21 18.64
C MET D 213 -0.29 -2.35 19.35
N ALA D 214 -1.61 -2.22 19.50
CA ALA D 214 -2.39 -3.26 20.17
C ALA D 214 -2.42 -4.53 19.33
N GLN D 215 -2.24 -4.40 18.03
CA GLN D 215 -2.24 -5.57 17.16
C GLN D 215 -1.12 -6.51 17.60
N TYR D 216 -0.08 -5.90 18.18
CA TYR D 216 1.08 -6.65 18.66
C TYR D 216 1.14 -6.66 20.18
N GLY D 217 0.06 -6.24 20.81
CA GLY D 217 0.00 -6.21 22.26
C GLY D 217 0.98 -5.19 22.85
N ARG D 218 1.22 -4.10 22.13
CA ARG D 218 2.16 -3.09 22.62
C ARG D 218 1.59 -1.71 22.95
N GLN D 219 0.27 -1.62 23.11
CA GLN D 219 -0.34 -0.32 23.43
C GLN D 219 0.33 0.43 24.59
N ASP D 220 0.79 -0.30 25.60
CA ASP D 220 1.42 0.35 26.75
C ASP D 220 2.75 1.03 26.47
N ASP D 221 3.28 0.82 25.26
CA ASP D 221 4.54 1.44 24.88
C ASP D 221 4.33 2.91 24.55
N VAL D 222 3.06 3.29 24.34
CA VAL D 222 2.71 4.65 23.96
C VAL D 222 2.60 5.68 25.07
N ILE D 223 3.35 6.77 24.93
CA ILE D 223 3.33 7.86 25.90
C ILE D 223 2.88 9.12 25.17
N ALA D 224 1.68 9.59 25.50
CA ALA D 224 1.13 10.79 24.88
C ALA D 224 1.43 11.98 25.76
N ILE D 225 1.90 13.06 25.15
CA ILE D 225 2.20 14.30 25.84
C ILE D 225 1.15 15.30 25.35
N ASP D 226 0.21 15.65 26.23
CA ASP D 226 -0.85 16.60 25.90
C ASP D 226 -0.33 18.00 25.53
N ALA D 227 -0.98 18.59 24.53
CA ALA D 227 -0.64 19.95 24.10
C ALA D 227 -1.92 20.79 24.00
N SER D 228 -3.05 20.16 24.31
CA SER D 228 -4.34 20.86 24.24
C SER D 228 -4.57 21.72 25.48
N PHE D 229 -4.16 21.21 26.63
CA PHE D 229 -4.33 21.87 27.92
C PHE D 229 -5.80 21.76 28.33
N THR D 230 -6.43 20.69 27.86
CA THR D 230 -7.82 20.36 28.17
C THR D 230 -7.80 18.84 28.31
N SER D 231 -6.84 18.37 29.11
CA SER D 231 -6.60 16.96 29.41
C SER D 231 -7.84 16.10 29.43
N GLU D 232 -8.81 16.51 30.24
CA GLU D 232 -10.07 15.78 30.40
C GLU D 232 -10.70 15.37 29.06
N LYS D 233 -11.19 16.36 28.31
CA LYS D 233 -11.82 16.07 27.03
C LYS D 233 -10.88 15.39 26.07
N THR D 234 -9.61 15.81 26.06
CA THR D 234 -8.63 15.22 25.17
C THR D 234 -8.50 13.71 25.34
N LYS D 235 -8.27 13.25 26.58
CA LYS D 235 -8.15 11.80 26.82
C LYS D 235 -9.45 11.09 26.48
N GLU D 236 -10.55 11.71 26.86
CA GLU D 236 -11.88 11.16 26.60
C GLU D 236 -12.10 10.93 25.10
N GLN D 237 -11.77 11.94 24.29
CA GLN D 237 -11.93 11.84 22.84
C GLN D 237 -10.99 10.81 22.20
N THR D 238 -9.71 10.86 22.57
CA THR D 238 -8.71 9.94 22.06
C THR D 238 -9.13 8.49 22.33
N LEU D 239 -9.61 8.26 23.54
CA LEU D 239 -10.04 6.94 24.00
C LEU D 239 -11.18 6.41 23.16
N ARG D 240 -12.09 7.29 22.77
CA ARG D 240 -13.22 6.92 21.96
C ARG D 240 -12.76 6.55 20.54
N ILE D 241 -11.83 7.32 20.00
CA ILE D 241 -11.31 7.05 18.66
C ILE D 241 -10.55 5.72 18.64
N ALA D 242 -9.73 5.50 19.67
CA ALA D 242 -8.96 4.27 19.77
C ALA D 242 -9.89 3.07 19.72
N ASN D 243 -10.97 3.11 20.49
CA ASN D 243 -11.93 2.02 20.51
C ASN D 243 -12.65 1.88 19.16
N ASN D 244 -12.91 3.00 18.49
CA ASN D 244 -13.58 2.98 17.20
C ASN D 244 -12.67 2.34 16.16
N THR D 245 -11.44 2.83 16.10
CA THR D 245 -10.45 2.34 15.15
C THR D 245 -10.15 0.86 15.40
N ALA D 246 -10.02 0.48 16.67
CA ALA D 246 -9.74 -0.91 17.01
C ALA D 246 -10.81 -1.81 16.40
N LYS D 247 -12.06 -1.36 16.51
CA LYS D 247 -13.19 -2.10 15.95
C LYS D 247 -13.05 -2.20 14.45
N LEU D 248 -12.63 -1.10 13.83
CA LEU D 248 -12.45 -1.08 12.39
C LEU D 248 -11.43 -2.11 11.92
N ILE D 249 -10.22 -2.04 12.46
CA ILE D 249 -9.16 -2.96 12.05
C ILE D 249 -9.27 -4.35 12.63
N GLY D 250 -10.23 -4.56 13.52
CA GLY D 250 -10.41 -5.88 14.09
C GLY D 250 -9.72 -6.17 15.41
N VAL D 251 -9.19 -5.14 16.07
CA VAL D 251 -8.52 -5.35 17.34
C VAL D 251 -9.59 -5.58 18.42
N GLU D 252 -9.46 -6.69 19.14
CA GLU D 252 -10.41 -7.06 20.19
C GLU D 252 -10.25 -6.24 21.47
N HIS D 253 -9.01 -5.93 21.82
CA HIS D 253 -8.68 -5.16 23.02
C HIS D 253 -9.51 -3.87 23.19
N GLU D 254 -9.97 -3.63 24.41
CA GLU D 254 -10.77 -2.44 24.72
C GLU D 254 -9.98 -1.45 25.56
N PHE D 255 -9.95 -0.19 25.13
CA PHE D 255 -9.21 0.84 25.84
C PHE D 255 -9.98 1.57 26.93
N LYS D 256 -9.51 1.44 28.18
CA LYS D 256 -10.14 2.11 29.32
C LYS D 256 -9.32 3.31 29.77
N ASP D 257 -8.08 3.38 29.29
CA ASP D 257 -7.21 4.49 29.65
C ASP D 257 -5.89 4.35 28.90
N PHE D 258 -5.08 5.40 28.92
CA PHE D 258 -3.78 5.37 28.25
C PHE D 258 -2.93 6.47 28.87
N THR D 259 -1.64 6.42 28.63
CA THR D 259 -0.74 7.41 29.19
C THR D 259 -0.77 8.77 28.52
N LEU D 260 -1.32 9.75 29.25
CA LEU D 260 -1.40 11.12 28.77
C LEU D 260 -0.79 12.07 29.80
N ASP D 261 0.47 12.43 29.60
CA ASP D 261 1.14 13.34 30.51
C ASP D 261 0.60 14.74 30.23
N THR D 262 0.07 15.39 31.27
CA THR D 262 -0.53 16.71 31.15
C THR D 262 0.28 17.90 31.66
N ARG D 263 1.50 17.63 32.10
CA ARG D 263 2.35 18.67 32.69
C ARG D 263 3.00 19.75 31.85
N PHE D 264 2.83 19.73 30.52
CA PHE D 264 3.51 20.73 29.72
C PHE D 264 2.66 21.54 28.75
N ALA D 265 1.35 21.30 28.78
CA ALA D 265 0.43 22.00 27.90
C ALA D 265 0.23 23.48 28.26
N TYR D 266 0.42 23.82 29.53
CA TYR D 266 0.25 25.21 29.99
C TYR D 266 1.17 26.14 29.21
N PRO D 267 0.83 27.45 29.15
CA PRO D 267 -0.34 28.09 29.76
C PRO D 267 -1.66 27.83 29.05
N CYS D 268 -1.57 27.31 27.84
CA CYS D 268 -2.77 26.99 27.06
C CYS D 268 -2.39 26.57 25.65
N TYR D 269 -3.33 25.92 24.97
CA TYR D 269 -3.11 25.47 23.61
C TYR D 269 -2.58 26.61 22.74
N GLY D 270 -1.49 26.36 22.01
CA GLY D 270 -0.93 27.38 21.14
C GLY D 270 0.07 28.37 21.72
N VAL D 271 0.27 28.34 23.03
CA VAL D 271 1.22 29.26 23.63
C VAL D 271 2.27 28.43 24.35
N PRO D 272 3.55 28.67 24.03
CA PRO D 272 4.61 27.88 24.67
C PRO D 272 5.02 28.45 26.02
N ASN D 273 5.42 27.55 26.93
CA ASN D 273 5.89 28.01 28.23
C ASN D 273 7.41 28.08 28.09
N GLU D 274 8.11 28.56 29.11
CA GLU D 274 9.55 28.68 29.03
C GLU D 274 10.27 27.37 28.78
N GLY D 275 9.68 26.26 29.24
CA GLY D 275 10.31 24.98 29.03
C GLY D 275 10.18 24.54 27.58
N THR D 276 9.11 24.99 26.94
CA THR D 276 8.87 24.65 25.55
C THR D 276 9.96 25.26 24.69
N ILE D 277 10.22 26.53 24.92
CA ILE D 277 11.23 27.25 24.18
C ILE D 277 12.59 26.62 24.41
N GLU D 278 12.86 26.23 25.66
CA GLU D 278 14.12 25.62 26.00
C GLU D 278 14.26 24.30 25.26
N ALA D 279 13.18 23.54 25.24
CA ALA D 279 13.15 22.27 24.56
C ALA D 279 13.45 22.44 23.06
N ILE D 280 12.72 23.36 22.42
CA ILE D 280 12.91 23.62 21.01
C ILE D 280 14.36 23.99 20.73
N ARG D 281 14.90 24.85 21.58
CA ARG D 281 16.29 25.29 21.47
C ARG D 281 17.27 24.13 21.60
N THR D 282 17.04 23.29 22.60
CA THR D 282 17.91 22.17 22.85
C THR D 282 17.91 21.19 21.69
N CYS D 283 16.72 20.78 21.25
CA CYS D 283 16.61 19.86 20.14
C CYS D 283 17.30 20.42 18.88
N ALA D 284 17.10 21.70 18.63
CA ALA D 284 17.69 22.34 17.46
C ALA D 284 19.20 22.55 17.55
N GLU D 285 19.70 22.91 18.73
CA GLU D 285 21.15 23.13 18.89
C GLU D 285 21.93 21.83 18.88
N GLN D 286 21.27 20.76 19.31
CA GLN D 286 21.90 19.44 19.37
C GLN D 286 21.78 18.60 18.12
N GLU D 287 20.60 18.65 17.48
CA GLU D 287 20.36 17.82 16.30
C GLU D 287 20.07 18.55 14.99
N GLY D 288 19.83 19.85 15.03
CA GLY D 288 19.51 20.56 13.81
C GLY D 288 18.09 20.21 13.40
N VAL D 289 17.32 19.69 14.34
CA VAL D 289 15.92 19.35 14.08
C VAL D 289 15.01 20.43 14.68
N LEU D 290 13.99 20.84 13.94
CA LEU D 290 13.08 21.90 14.41
C LEU D 290 11.72 21.42 14.92
N THR D 291 11.34 21.91 16.09
CA THR D 291 10.03 21.60 16.68
C THR D 291 9.32 22.93 16.90
N ASP D 292 7.99 22.92 16.91
CA ASP D 292 7.22 24.16 17.04
C ASP D 292 6.70 24.53 18.43
N PRO D 293 6.38 25.82 18.63
CA PRO D 293 5.86 26.33 19.90
C PRO D 293 4.50 25.75 20.29
N VAL D 294 3.77 25.20 19.34
CA VAL D 294 2.44 24.70 19.62
C VAL D 294 2.30 23.21 19.91
N PHE D 295 2.97 22.37 19.12
CA PHE D 295 2.87 20.94 19.30
C PHE D 295 4.15 20.20 19.70
N GLU D 296 5.01 19.99 18.71
CA GLU D 296 6.25 19.26 18.91
C GLU D 296 7.15 19.79 20.00
N GLY D 297 7.26 21.11 20.13
CA GLY D 297 8.08 21.67 21.18
C GLY D 297 7.62 21.15 22.55
N LYS D 298 6.31 21.03 22.74
CA LYS D 298 5.80 20.54 24.02
C LYS D 298 6.02 19.03 24.21
N SER D 299 5.86 18.26 23.13
CA SER D 299 6.09 16.82 23.21
C SER D 299 7.59 16.62 23.46
N MET D 300 8.42 17.43 22.80
CA MET D 300 9.86 17.35 22.95
C MET D 300 10.23 17.71 24.40
N GLN D 301 9.59 18.76 24.92
CA GLN D 301 9.78 19.25 26.28
C GLN D 301 9.44 18.13 27.26
N GLY D 302 8.34 17.43 27.00
CA GLY D 302 7.95 16.32 27.86
C GLY D 302 9.01 15.23 27.83
N LEU D 303 9.36 14.79 26.63
CA LEU D 303 10.37 13.76 26.41
C LEU D 303 11.56 14.08 27.31
N ILE D 304 12.03 15.31 27.19
CA ILE D 304 13.18 15.77 27.96
C ILE D 304 12.96 15.71 29.48
N ALA D 305 11.79 16.13 29.95
CA ALA D 305 11.51 16.10 31.39
C ALA D 305 11.50 14.64 31.85
N LEU D 306 10.77 13.81 31.14
CA LEU D 306 10.67 12.40 31.46
C LEU D 306 12.04 11.73 31.54
N ILE D 307 12.95 12.12 30.67
CA ILE D 307 14.28 11.55 30.69
C ILE D 307 15.02 11.98 31.95
N LYS D 308 15.07 13.29 32.20
CA LYS D 308 15.73 13.85 33.37
C LYS D 308 15.30 13.16 34.66
N GLU D 309 14.01 12.91 34.79
CA GLU D 309 13.48 12.27 35.99
C GLU D 309 13.48 10.74 35.87
N ASP D 310 14.45 10.23 35.13
CA ASP D 310 14.62 8.80 34.89
C ASP D 310 13.31 8.03 34.80
N TYR D 311 12.40 8.52 33.96
CA TYR D 311 11.13 7.85 33.78
C TYR D 311 11.36 6.57 32.95
N PHE D 312 12.41 6.60 32.14
CA PHE D 312 12.74 5.49 31.26
C PHE D 312 13.82 4.57 31.80
N LYS D 313 13.65 3.26 31.59
CA LYS D 313 14.64 2.29 32.04
C LYS D 313 15.97 2.72 31.43
N PRO D 314 17.09 2.45 32.12
CA PRO D 314 18.41 2.83 31.59
C PRO D 314 18.71 2.23 30.23
N GLY D 315 19.15 3.06 29.30
CA GLY D 315 19.48 2.59 27.97
C GLY D 315 18.27 2.29 27.12
N ALA D 316 17.08 2.68 27.61
CA ALA D 316 15.84 2.45 26.87
C ALA D 316 15.91 3.11 25.49
N ASN D 317 15.30 2.46 24.50
CA ASN D 317 15.26 3.01 23.14
C ASN D 317 13.91 3.72 23.02
N VAL D 318 13.96 5.05 22.98
CA VAL D 318 12.74 5.84 22.89
C VAL D 318 12.48 6.40 21.49
N LEU D 319 11.28 6.14 20.98
CA LEU D 319 10.91 6.64 19.68
C LEU D 319 10.01 7.85 19.77
N TYR D 320 10.60 9.02 19.60
CA TYR D 320 9.87 10.26 19.60
C TYR D 320 9.25 10.38 18.21
N VAL D 321 7.99 10.78 18.13
CA VAL D 321 7.35 10.93 16.83
C VAL D 321 7.24 12.40 16.44
N HIS D 322 8.06 12.84 15.48
CA HIS D 322 7.99 14.22 15.02
C HIS D 322 6.82 14.29 14.02
N LEU D 323 5.73 14.92 14.44
CA LEU D 323 4.54 15.00 13.62
C LEU D 323 4.53 16.14 12.59
N GLY D 324 5.49 17.05 12.69
CA GLY D 324 5.57 18.15 11.76
C GLY D 324 5.42 19.48 12.47
N GLY D 325 4.79 20.43 11.78
CA GLY D 325 4.52 21.75 12.35
C GLY D 325 5.55 22.85 12.35
N ALA D 326 6.73 22.59 11.81
CA ALA D 326 7.77 23.63 11.81
C ALA D 326 7.41 24.89 11.01
N PRO D 327 6.45 24.80 10.06
CA PRO D 327 6.10 26.01 9.31
C PRO D 327 5.51 27.17 10.16
N ALA D 328 4.89 26.84 11.30
CA ALA D 328 4.31 27.86 12.17
C ALA D 328 5.36 28.66 12.92
N LEU D 329 6.59 28.16 12.95
CA LEU D 329 7.65 28.87 13.67
C LEU D 329 7.78 30.35 13.37
N SER D 330 7.46 30.75 12.15
CA SER D 330 7.57 32.18 11.76
C SER D 330 6.51 33.05 12.44
N ALA D 331 5.49 32.40 12.98
CA ALA D 331 4.44 33.12 13.67
C ALA D 331 4.83 33.27 15.14
N TYR D 332 6.07 32.88 15.48
CA TYR D 332 6.55 32.96 16.86
C TYR D 332 8.00 33.40 16.94
N SER D 333 8.47 34.15 15.95
CA SER D 333 9.85 34.58 15.96
C SER D 333 10.28 35.33 17.22
N SER D 334 9.34 36.02 17.87
CA SER D 334 9.65 36.80 19.06
C SER D 334 10.11 35.96 20.25
N PHE D 335 9.76 34.68 20.26
CA PHE D 335 10.16 33.80 21.35
C PHE D 335 11.61 33.30 21.27
N PHE D 336 12.33 33.63 20.21
CA PHE D 336 13.70 33.14 20.09
C PHE D 336 14.78 34.20 19.89
N PRO D 337 15.05 35.03 20.91
CA PRO D 337 16.07 36.07 20.81
C PRO D 337 17.42 35.41 20.52
N THR D 338 18.24 36.02 19.68
CA THR D 338 19.55 35.45 19.34
C THR D 338 20.32 35.01 20.59
N LYS D 339 21.05 33.90 20.45
CA LYS D 339 21.86 33.37 21.55
C LYS D 339 23.15 34.17 21.62
N THR D 340 23.32 34.95 22.68
CA THR D 340 24.51 35.78 22.85
C THR D 340 25.82 35.01 22.63
N ALA D 341 26.73 35.61 21.88
CA ALA D 341 28.01 34.99 21.58
C ALA D 341 28.94 35.03 22.79
#